data_5WX5
#
_entry.id   5WX5
#
_cell.length_a   186.160
_cell.length_b   186.160
_cell.length_c   139.250
_cell.angle_alpha   90.000
_cell.angle_beta   90.000
_cell.angle_gamma   120.000
#
_symmetry.space_group_name_H-M   'P 32 2 1'
#
_entity_poly.entity_id   1
_entity_poly.type   'polypeptide(L)'
_entity_poly.pdbx_seq_one_letter_code
;MRGSHHHHHHGSMASSFSMEKVKRILDAQRTEGPATVLAIGTANPPTCFYEADYPDFYFRVTNCEDKPELKEKFKRISER
SAVKKRYLHVTEEILKENPNMCSYRAPSLDARHAILVEEVPKLGKEAALKAIKEWGQPLSKITHLIFSAMSGVDIPGADF
RLMNLLGLEPSVNRLMIYTQGCYMGGAAMRHAKDIAENNAGARVLLVFCDLMDMYFHAPQNRVDLLVGQAVFGDGAAALI
VGADPDDDCTERPLFQVVSCAERAVPGTQDYIKAHLKEMGMELHLSTDVPRMIGKNIEKLLADAVSPFGISDWNSLFYIV
HPGAVAILDQVEENLGLGEDKLRASRYVLSEYGNMGAASVFFILDEMRNKSAEEGKLTTGEGLEWGVLFSFGPGLTVETV
VLLSVPLDSNH
;
_entity_poly.pdbx_strand_id   A,B,C,D,E,F
#
# COMPACT_ATOMS: atom_id res chain seq x y z
N SER A 16 -6.17 61.13 -3.66
CA SER A 16 -6.48 61.69 -4.99
C SER A 16 -5.50 62.79 -5.38
N PHE A 17 -4.86 63.39 -4.38
CA PHE A 17 -3.74 64.27 -4.58
C PHE A 17 -2.44 63.62 -4.16
N SER A 18 -2.54 62.64 -3.25
CA SER A 18 -1.41 61.80 -2.89
C SER A 18 -1.11 60.80 -4.00
N MET A 19 -2.16 60.35 -4.67
CA MET A 19 -1.96 59.51 -5.85
C MET A 19 -1.38 60.30 -7.01
N GLU A 20 -1.65 61.61 -7.11
CA GLU A 20 -0.98 62.40 -8.14
C GLU A 20 0.51 62.56 -7.84
N LYS A 21 0.89 62.48 -6.57
CA LYS A 21 2.30 62.57 -6.24
C LYS A 21 3.04 61.31 -6.66
N VAL A 22 2.42 60.14 -6.41
CA VAL A 22 3.02 58.86 -6.80
C VAL A 22 3.17 58.76 -8.32
N LYS A 23 2.18 59.26 -9.07
CA LYS A 23 2.26 59.16 -10.53
C LYS A 23 3.30 60.13 -11.09
N ARG A 24 3.59 61.23 -10.40
CA ARG A 24 4.68 62.08 -10.85
C ARG A 24 6.03 61.42 -10.62
N ILE A 25 6.15 60.62 -9.54
CA ILE A 25 7.38 59.88 -9.28
C ILE A 25 7.57 58.77 -10.31
N LEU A 26 6.53 57.99 -10.55
CA LEU A 26 6.60 56.95 -11.57
C LEU A 26 6.93 57.54 -12.94
N ASP A 27 6.23 58.61 -13.34
CA ASP A 27 6.53 59.20 -14.65
C ASP A 27 7.98 59.66 -14.73
N ALA A 28 8.52 60.17 -13.63
CA ALA A 28 9.84 60.78 -13.66
C ALA A 28 10.94 59.75 -13.84
N GLN A 29 10.71 58.51 -13.43
CA GLN A 29 11.73 57.46 -13.44
C GLN A 29 11.74 56.61 -14.72
N ARG A 30 10.77 56.80 -15.62
CA ARG A 30 10.67 55.94 -16.80
C ARG A 30 11.89 56.12 -17.69
N THR A 31 12.29 55.04 -18.32
CA THR A 31 13.35 55.03 -19.31
C THR A 31 12.76 54.67 -20.68
N GLU A 32 13.59 54.80 -21.72
CA GLU A 32 13.14 54.51 -23.08
C GLU A 32 13.85 53.30 -23.68
N GLY A 33 15.17 53.32 -23.74
CA GLY A 33 15.92 52.24 -24.34
C GLY A 33 16.20 51.11 -23.37
N PRO A 34 16.87 50.06 -23.83
CA PRO A 34 17.19 48.95 -22.93
C PRO A 34 18.47 49.21 -22.16
N ALA A 35 18.61 48.47 -21.06
CA ALA A 35 19.86 48.46 -20.32
C ALA A 35 20.99 48.07 -21.24
N THR A 36 22.10 48.84 -21.19
CA THR A 36 23.25 48.59 -22.03
C THR A 36 24.52 48.56 -21.17
N VAL A 37 25.53 47.84 -21.63
CA VAL A 37 26.84 47.83 -20.96
C VAL A 37 27.66 48.98 -21.54
N LEU A 38 28.13 49.87 -20.66
CA LEU A 38 28.81 51.09 -21.11
C LEU A 38 30.32 51.03 -21.02
N ALA A 39 30.87 50.06 -20.30
CA ALA A 39 32.31 49.86 -20.16
C ALA A 39 32.58 48.51 -19.52
N ILE A 40 33.76 47.95 -19.78
CA ILE A 40 34.19 46.69 -19.18
C ILE A 40 35.65 46.82 -18.77
N GLY A 41 35.97 46.40 -17.55
CA GLY A 41 37.35 46.32 -17.09
C GLY A 41 37.57 45.03 -16.35
N THR A 42 38.78 44.48 -16.46
CA THR A 42 39.10 43.22 -15.81
C THR A 42 40.44 43.33 -15.07
N ALA A 43 40.63 42.45 -14.10
CA ALA A 43 41.87 42.42 -13.33
C ALA A 43 42.07 41.02 -12.78
N ASN A 44 43.33 40.66 -12.56
CA ASN A 44 43.71 39.33 -12.11
C ASN A 44 44.82 39.43 -11.08
N PRO A 45 45.02 38.39 -10.29
CA PRO A 45 46.21 38.33 -9.43
C PRO A 45 47.49 38.49 -10.24
N PRO A 46 48.59 38.83 -9.60
CA PRO A 46 49.83 39.09 -10.35
C PRO A 46 50.51 37.81 -10.79
N THR A 47 50.38 36.74 -9.99
CA THR A 47 51.09 35.49 -10.22
C THR A 47 50.41 34.70 -11.33
N CYS A 48 51.12 34.43 -12.42
CA CYS A 48 50.59 33.63 -13.51
C CYS A 48 51.12 32.19 -13.41
N PHE A 49 50.21 31.22 -13.38
CA PHE A 49 50.57 29.81 -13.33
C PHE A 49 50.29 29.17 -14.69
N TYR A 50 51.36 28.68 -15.35
CA TYR A 50 51.24 27.99 -16.61
C TYR A 50 50.82 26.54 -16.38
N GLU A 51 49.91 26.05 -17.24
CA GLU A 51 49.29 24.74 -17.02
C GLU A 51 50.25 23.57 -17.07
N ALA A 52 51.27 23.62 -17.91
CA ALA A 52 52.27 22.55 -17.96
C ALA A 52 53.00 22.39 -16.63
N ASP A 53 53.29 23.50 -15.92
CA ASP A 53 54.03 23.37 -14.66
C ASP A 53 53.14 23.07 -13.47
N TYR A 54 51.83 23.21 -13.62
CA TYR A 54 51.02 23.16 -12.42
C TYR A 54 51.02 21.81 -11.71
N PRO A 55 50.90 20.66 -12.41
CA PRO A 55 51.01 19.39 -11.67
C PRO A 55 52.29 19.29 -10.87
N ASP A 56 53.40 19.75 -11.43
CA ASP A 56 54.68 19.75 -10.71
C ASP A 56 54.64 20.66 -9.49
N PHE A 57 54.23 21.92 -9.69
CA PHE A 57 54.09 22.86 -8.57
C PHE A 57 53.08 22.36 -7.53
N TYR A 58 51.89 21.96 -7.99
CA TYR A 58 50.79 21.60 -7.09
C TYR A 58 51.14 20.40 -6.21
N PHE A 59 51.67 19.32 -6.81
CA PHE A 59 51.98 18.13 -6.02
C PHE A 59 53.21 18.33 -5.15
N ARG A 60 54.14 19.20 -5.58
CA ARG A 60 55.30 19.51 -4.76
C ARG A 60 54.90 20.28 -3.50
N VAL A 61 54.25 21.42 -3.69
CA VAL A 61 53.94 22.34 -2.60
C VAL A 61 52.91 21.77 -1.63
N THR A 62 52.22 20.70 -2.03
CA THR A 62 51.31 19.96 -1.15
C THR A 62 51.97 18.71 -0.57
N ASN A 63 53.28 18.51 -0.82
CA ASN A 63 54.06 17.36 -0.31
C ASN A 63 53.38 16.04 -0.66
N CYS A 64 52.96 15.93 -1.92
CA CYS A 64 52.28 14.75 -2.44
C CYS A 64 53.06 14.13 -3.60
N GLU A 65 54.38 14.36 -3.62
CA GLU A 65 55.21 13.75 -4.65
C GLU A 65 55.35 12.23 -4.45
N ASP A 66 55.01 11.71 -3.27
CA ASP A 66 54.92 10.27 -3.07
C ASP A 66 53.63 9.65 -3.64
N LYS A 67 52.84 10.37 -4.44
CA LYS A 67 51.64 9.83 -5.09
C LYS A 67 51.75 9.97 -6.61
N PRO A 68 52.66 9.21 -7.22
CA PRO A 68 52.96 9.45 -8.65
C PRO A 68 51.85 9.03 -9.61
N GLU A 69 51.04 8.03 -9.26
CA GLU A 69 49.95 7.60 -10.13
C GLU A 69 48.85 8.65 -10.16
N LEU A 70 48.52 9.19 -8.99
CA LEU A 70 47.56 10.29 -8.91
C LEU A 70 48.08 11.50 -9.67
N LYS A 71 49.39 11.76 -9.59
CA LYS A 71 49.96 12.89 -10.31
C LYS A 71 49.82 12.72 -11.81
N GLU A 72 50.05 11.51 -12.31
CA GLU A 72 49.86 11.23 -13.74
C GLU A 72 48.40 11.40 -14.13
N LYS A 73 47.48 11.01 -13.24
CA LYS A 73 46.06 11.22 -13.49
C LYS A 73 45.75 12.71 -13.58
N PHE A 74 46.34 13.51 -12.68
CA PHE A 74 46.14 14.95 -12.73
C PHE A 74 46.76 15.55 -13.98
N LYS A 75 47.91 15.05 -14.39
CA LYS A 75 48.54 15.55 -15.61
C LYS A 75 47.65 15.33 -16.81
N ARG A 76 47.02 14.16 -16.90
CA ARG A 76 46.16 13.90 -18.05
C ARG A 76 44.92 14.79 -18.02
N ILE A 77 44.37 15.04 -16.83
CA ILE A 77 43.24 15.96 -16.72
C ILE A 77 43.64 17.40 -17.09
N SER A 78 44.79 17.86 -16.59
CA SER A 78 45.29 19.18 -17.00
C SER A 78 45.56 19.24 -18.51
N GLU A 79 46.14 18.17 -19.08
CA GLU A 79 46.44 18.24 -20.51
C GLU A 79 45.17 18.25 -21.34
N ARG A 80 44.14 17.53 -20.90
CA ARG A 80 42.89 17.54 -21.61
C ARG A 80 42.03 18.77 -21.30
N SER A 81 42.46 19.62 -20.38
CA SER A 81 41.60 20.68 -19.87
C SER A 81 41.44 21.86 -20.83
N ALA A 82 42.34 21.99 -21.81
CA ALA A 82 42.36 23.12 -22.75
C ALA A 82 42.67 24.45 -22.08
N VAL A 83 43.24 24.42 -20.87
CA VAL A 83 43.69 25.62 -20.17
C VAL A 83 45.19 25.77 -20.38
N LYS A 84 45.61 26.93 -20.87
CA LYS A 84 47.02 27.20 -21.06
C LYS A 84 47.65 27.83 -19.81
N LYS A 85 46.98 28.83 -19.23
CA LYS A 85 47.50 29.45 -18.02
C LYS A 85 46.34 30.01 -17.17
N ARG A 86 46.66 30.26 -15.91
CA ARG A 86 45.74 30.85 -14.95
C ARG A 86 46.51 31.84 -14.10
N TYR A 87 45.84 32.90 -13.64
CA TYR A 87 46.37 33.78 -12.62
C TYR A 87 45.73 33.37 -11.31
N LEU A 88 46.56 33.03 -10.33
CA LEU A 88 46.09 32.52 -9.06
C LEU A 88 46.57 33.41 -7.92
N HIS A 89 45.68 33.59 -6.96
CA HIS A 89 46.00 34.35 -5.76
C HIS A 89 46.83 33.52 -4.79
N VAL A 90 46.54 32.21 -4.72
CA VAL A 90 47.30 31.27 -3.88
C VAL A 90 48.71 31.12 -4.46
N THR A 91 49.71 31.50 -3.67
CA THR A 91 51.13 31.43 -4.02
C THR A 91 51.83 30.42 -3.12
N GLU A 92 53.10 30.13 -3.46
CA GLU A 92 53.88 29.24 -2.59
C GLU A 92 54.10 29.86 -1.21
N GLU A 93 54.35 31.18 -1.17
CA GLU A 93 54.49 31.87 0.11
C GLU A 93 53.22 31.72 0.96
N ILE A 94 52.05 31.95 0.35
CA ILE A 94 50.79 31.90 1.09
C ILE A 94 50.56 30.51 1.68
N LEU A 95 50.93 29.47 0.95
CA LEU A 95 50.80 28.10 1.46
C LEU A 95 51.79 27.79 2.58
N LYS A 96 53.00 28.38 2.55
CA LYS A 96 53.94 28.20 3.66
C LYS A 96 53.44 28.87 4.94
N GLU A 97 52.86 30.07 4.82
CA GLU A 97 52.34 30.79 5.98
C GLU A 97 51.06 30.18 6.54
N ASN A 98 50.31 29.38 5.75
CA ASN A 98 49.09 28.75 6.22
C ASN A 98 49.07 27.28 5.79
N PRO A 99 49.93 26.45 6.37
CA PRO A 99 50.09 25.07 5.88
C PRO A 99 48.84 24.19 5.98
N ASN A 100 47.86 24.51 6.84
CA ASN A 100 46.68 23.66 6.95
C ASN A 100 45.88 23.59 5.66
N MET A 101 46.06 24.57 4.76
CA MET A 101 45.44 24.55 3.44
C MET A 101 45.90 23.37 2.61
N CYS A 102 47.09 22.85 2.90
CA CYS A 102 47.68 21.71 2.20
C CYS A 102 47.44 20.39 2.92
N SER A 103 46.87 20.44 4.13
CA SER A 103 46.50 19.26 4.92
C SER A 103 45.01 19.04 4.70
N TYR A 104 44.64 17.90 4.09
CA TYR A 104 43.26 17.69 3.68
C TYR A 104 42.34 17.54 4.89
N ARG A 105 41.23 18.28 4.87
CA ARG A 105 40.16 18.37 5.87
C ARG A 105 40.59 19.02 7.18
N ALA A 106 41.85 19.43 7.31
CA ALA A 106 42.30 20.16 8.47
C ALA A 106 41.65 21.54 8.52
N PRO A 107 41.36 22.06 9.70
CA PRO A 107 40.73 23.39 9.81
C PRO A 107 41.63 24.49 9.27
N SER A 108 41.13 25.21 8.27
CA SER A 108 41.88 26.29 7.64
C SER A 108 40.99 27.46 7.22
N LEU A 109 39.70 27.43 7.58
CA LEU A 109 38.74 28.43 7.11
C LEU A 109 39.09 29.83 7.61
N ASP A 110 39.53 29.95 8.88
CA ASP A 110 39.90 31.25 9.42
C ASP A 110 41.05 31.86 8.64
N ALA A 111 42.09 31.07 8.37
CA ALA A 111 43.27 31.54 7.64
C ALA A 111 42.90 31.99 6.24
N ARG A 112 42.09 31.17 5.54
CA ARG A 112 41.68 31.50 4.18
C ARG A 112 40.85 32.77 4.17
N HIS A 113 39.86 32.87 5.06
CA HIS A 113 39.01 34.07 5.08
C HIS A 113 39.80 35.33 5.40
N ALA A 114 40.73 35.28 6.35
CA ALA A 114 41.56 36.46 6.59
C ALA A 114 42.25 36.92 5.31
N ILE A 115 42.69 35.97 4.48
CA ILE A 115 43.40 36.28 3.25
C ILE A 115 42.48 36.95 2.22
N LEU A 116 41.22 36.53 2.15
CA LEU A 116 40.30 36.95 1.09
C LEU A 116 39.58 38.25 1.42
N VAL A 117 39.20 38.43 2.68
CA VAL A 117 38.38 39.54 3.13
C VAL A 117 38.95 40.89 2.68
N GLU A 118 40.28 41.02 2.60
CA GLU A 118 40.85 42.27 2.09
C GLU A 118 41.20 42.21 0.61
N GLU A 119 41.53 41.03 0.08
CA GLU A 119 41.96 40.95 -1.32
C GLU A 119 40.78 41.05 -2.29
N VAL A 120 39.62 40.48 -1.95
CA VAL A 120 38.44 40.52 -2.81
C VAL A 120 38.03 41.95 -3.15
N PRO A 121 37.78 42.84 -2.18
CA PRO A 121 37.49 44.22 -2.57
C PRO A 121 38.66 44.89 -3.25
N LYS A 122 39.89 44.46 -2.92
CA LYS A 122 41.08 45.09 -3.49
C LYS A 122 41.17 44.81 -4.98
N LEU A 123 40.97 43.55 -5.38
CA LEU A 123 40.95 43.20 -6.80
C LEU A 123 39.72 43.78 -7.51
N GLY A 124 38.55 43.78 -6.87
CA GLY A 124 37.38 44.46 -7.44
C GLY A 124 37.66 45.91 -7.79
N LYS A 125 38.35 46.63 -6.90
CA LYS A 125 38.72 48.01 -7.17
C LYS A 125 39.53 48.14 -8.45
N GLU A 126 40.53 47.26 -8.63
CA GLU A 126 41.40 47.39 -9.80
C GLU A 126 40.61 47.28 -11.10
N ALA A 127 39.69 46.30 -11.18
CA ALA A 127 38.85 46.16 -12.36
C ALA A 127 37.91 47.34 -12.51
N ALA A 128 37.27 47.76 -11.40
CA ALA A 128 36.31 48.88 -11.44
C ALA A 128 36.96 50.15 -11.91
N LEU A 129 38.20 50.42 -11.47
CA LEU A 129 38.87 51.63 -11.93
C LEU A 129 38.98 51.63 -13.44
N LYS A 130 39.34 50.48 -14.01
CA LYS A 130 39.44 50.37 -15.45
C LYS A 130 38.09 50.66 -16.12
N ALA A 131 37.01 50.06 -15.60
CA ALA A 131 35.69 50.28 -16.20
C ALA A 131 35.29 51.74 -16.11
N ILE A 132 35.47 52.34 -14.93
CA ILE A 132 35.11 53.74 -14.73
C ILE A 132 35.95 54.67 -15.62
N LYS A 133 37.24 54.36 -15.76
CA LYS A 133 38.11 55.14 -16.64
C LYS A 133 37.58 55.14 -18.08
N GLU A 134 37.35 53.95 -18.66
CA GLU A 134 36.75 53.84 -19.99
C GLU A 134 35.41 54.57 -20.05
N TRP A 135 34.58 54.37 -19.03
CA TRP A 135 33.28 55.04 -18.98
C TRP A 135 33.45 56.54 -19.08
N GLY A 136 34.39 57.09 -18.29
CA GLY A 136 34.71 58.50 -18.38
C GLY A 136 33.75 59.42 -17.65
N GLN A 137 32.86 58.89 -16.89
CA GLN A 137 32.01 59.80 -16.16
C GLN A 137 32.50 59.93 -14.73
N PRO A 138 32.03 60.95 -14.00
CA PRO A 138 32.45 61.11 -12.62
C PRO A 138 31.79 60.07 -11.72
N LEU A 139 32.52 59.65 -10.69
CA LEU A 139 32.03 58.66 -9.73
C LEU A 139 30.66 59.02 -9.17
N SER A 140 30.37 60.31 -9.01
CA SER A 140 29.09 60.71 -8.42
C SER A 140 27.89 60.30 -9.27
N LYS A 141 28.13 59.92 -10.52
CA LYS A 141 27.03 59.48 -11.36
C LYS A 141 26.65 58.02 -11.14
N ILE A 142 27.49 57.27 -10.42
CA ILE A 142 27.20 55.86 -10.10
C ILE A 142 26.17 55.84 -8.97
N THR A 143 24.99 55.29 -9.27
CA THR A 143 23.88 55.24 -8.33
C THR A 143 23.72 53.88 -7.64
N HIS A 144 24.23 52.80 -8.25
CA HIS A 144 24.03 51.45 -7.76
C HIS A 144 25.32 50.66 -7.85
N LEU A 145 25.56 49.79 -6.87
CA LEU A 145 26.70 48.90 -6.89
C LEU A 145 26.20 47.50 -6.57
N ILE A 146 26.51 46.54 -7.43
CA ILE A 146 26.19 45.13 -7.24
C ILE A 146 27.50 44.36 -7.18
N PHE A 147 27.75 43.70 -6.06
CA PHE A 147 28.98 42.94 -5.90
C PHE A 147 28.65 41.46 -5.80
N SER A 148 29.29 40.68 -6.67
CA SER A 148 29.17 39.23 -6.65
C SER A 148 30.56 38.67 -6.38
N ALA A 149 30.67 37.82 -5.35
CA ALA A 149 31.94 37.23 -4.97
C ALA A 149 31.71 35.82 -4.47
N MET A 150 32.47 34.87 -5.04
CA MET A 150 32.31 33.46 -4.64
C MET A 150 32.69 33.26 -3.18
N SER A 151 33.76 33.89 -2.72
CA SER A 151 34.27 33.68 -1.38
C SER A 151 34.71 35.00 -0.78
N GLY A 152 34.79 35.03 0.55
CA GLY A 152 35.20 36.23 1.25
C GLY A 152 34.09 36.86 2.08
N VAL A 153 33.14 36.01 2.51
CA VAL A 153 31.95 36.40 3.24
C VAL A 153 32.32 37.22 4.48
N ASP A 154 31.77 38.41 4.59
CA ASP A 154 32.14 39.28 5.69
C ASP A 154 31.05 40.32 5.90
N ILE A 155 30.96 40.80 7.14
CA ILE A 155 30.01 41.84 7.46
C ILE A 155 30.78 43.02 8.04
N PRO A 156 30.69 44.19 7.38
CA PRO A 156 30.13 44.51 6.07
C PRO A 156 30.81 43.81 4.89
N GLY A 157 30.13 43.76 3.74
CA GLY A 157 30.65 43.00 2.62
C GLY A 157 31.64 43.77 1.75
N ALA A 158 32.10 43.08 0.71
CA ALA A 158 33.01 43.68 -0.26
C ALA A 158 32.35 44.85 -0.96
N ASP A 159 31.02 44.80 -1.10
CA ASP A 159 30.31 45.95 -1.65
C ASP A 159 30.61 47.20 -0.84
N PHE A 160 30.49 47.09 0.49
CA PHE A 160 30.78 48.21 1.36
C PHE A 160 32.24 48.64 1.25
N ARG A 161 33.16 47.67 1.32
CA ARG A 161 34.58 48.00 1.22
C ARG A 161 34.87 48.73 -0.10
N LEU A 162 34.41 48.18 -1.22
CA LEU A 162 34.71 48.79 -2.51
C LEU A 162 34.11 50.18 -2.62
N MET A 163 32.90 50.36 -2.09
CA MET A 163 32.30 51.69 -2.05
C MET A 163 33.26 52.69 -1.41
N ASN A 164 33.92 52.30 -0.31
CA ASN A 164 34.85 53.23 0.35
C ASN A 164 36.18 53.34 -0.40
N LEU A 165 36.72 52.21 -0.86
CA LEU A 165 37.94 52.22 -1.66
C LEU A 165 37.78 53.13 -2.89
N LEU A 166 36.60 53.10 -3.52
CA LEU A 166 36.39 53.90 -4.72
C LEU A 166 35.98 55.34 -4.40
N GLY A 167 35.47 55.58 -3.20
CA GLY A 167 34.94 56.90 -2.91
C GLY A 167 33.62 57.14 -3.59
N LEU A 168 32.74 56.14 -3.59
CA LEU A 168 31.40 56.33 -4.11
C LEU A 168 30.59 57.18 -3.14
N GLU A 169 29.45 57.67 -3.61
CA GLU A 169 28.53 58.34 -2.69
C GLU A 169 28.09 57.36 -1.62
N PRO A 170 27.99 57.79 -0.36
CA PRO A 170 27.38 56.91 0.66
C PRO A 170 25.92 56.57 0.35
N SER A 171 25.29 57.28 -0.57
CA SER A 171 23.94 56.98 -1.00
C SER A 171 23.87 55.94 -2.13
N VAL A 172 25.01 55.35 -2.53
CA VAL A 172 24.98 54.32 -3.55
C VAL A 172 24.14 53.15 -3.05
N ASN A 173 23.29 52.62 -3.92
CA ASN A 173 22.40 51.51 -3.55
C ASN A 173 23.14 50.20 -3.78
N ARG A 174 23.29 49.42 -2.71
CA ARG A 174 24.19 48.29 -2.72
C ARG A 174 23.44 46.96 -2.61
N LEU A 175 23.99 45.96 -3.29
CA LEU A 175 23.52 44.59 -3.28
C LEU A 175 24.76 43.71 -3.27
N MET A 176 24.84 42.80 -2.31
CA MET A 176 26.04 42.00 -2.14
C MET A 176 25.62 40.54 -2.18
N ILE A 177 26.17 39.79 -3.12
CA ILE A 177 25.75 38.40 -3.33
C ILE A 177 26.97 37.53 -3.15
N TYR A 178 27.02 36.81 -2.01
CA TYR A 178 28.13 35.94 -1.66
C TYR A 178 27.82 34.49 -1.99
N THR A 179 28.83 33.78 -2.52
CA THR A 179 28.90 32.32 -2.52
C THR A 179 27.66 31.67 -3.17
N GLN A 180 27.54 31.87 -4.49
CA GLN A 180 26.38 31.29 -5.16
C GLN A 180 26.68 30.42 -6.36
N GLY A 181 27.73 30.68 -7.13
CA GLY A 181 28.10 29.78 -8.21
C GLY A 181 28.30 30.52 -9.50
N CYS A 182 28.58 29.74 -10.55
CA CYS A 182 28.98 30.28 -11.84
C CYS A 182 27.80 30.79 -12.66
N TYR A 183 26.55 30.49 -12.28
CA TYR A 183 25.43 31.10 -12.99
C TYR A 183 25.28 32.58 -12.68
N MET A 184 26.05 33.12 -11.74
CA MET A 184 25.84 34.48 -11.27
C MET A 184 26.14 35.53 -12.34
N GLY A 185 26.97 35.22 -13.33
CA GLY A 185 27.22 36.20 -14.40
C GLY A 185 25.95 36.66 -15.06
N GLY A 186 25.14 35.71 -15.54
CA GLY A 186 23.84 36.03 -16.11
C GLY A 186 22.82 36.50 -15.10
N ALA A 187 22.92 36.05 -13.84
CA ALA A 187 21.90 36.43 -12.86
C ALA A 187 22.06 37.88 -12.44
N ALA A 188 23.26 38.28 -12.04
CA ALA A 188 23.46 39.67 -11.64
C ALA A 188 23.27 40.61 -12.82
N MET A 189 23.53 40.12 -14.02
CA MET A 189 23.27 40.93 -15.20
C MET A 189 21.78 41.25 -15.31
N ARG A 190 20.92 40.26 -15.00
CA ARG A 190 19.47 40.52 -14.99
C ARG A 190 19.12 41.62 -14.01
N HIS A 191 19.66 41.57 -12.80
CA HIS A 191 19.32 42.57 -11.79
C HIS A 191 19.80 43.95 -12.19
N ALA A 192 21.00 44.03 -12.78
CA ALA A 192 21.45 45.31 -13.28
C ALA A 192 20.47 45.83 -14.34
N LYS A 193 19.98 44.93 -15.20
CA LYS A 193 19.02 45.34 -16.21
C LYS A 193 17.76 45.89 -15.56
N ASP A 194 17.20 45.15 -14.59
CA ASP A 194 15.98 45.63 -13.93
C ASP A 194 16.20 46.98 -13.26
N ILE A 195 17.35 47.15 -12.61
CA ILE A 195 17.67 48.43 -11.97
C ILE A 195 17.78 49.54 -13.01
N ALA A 196 18.62 49.33 -14.04
CA ALA A 196 18.87 50.41 -15.00
C ALA A 196 17.60 50.86 -15.70
N GLU A 197 16.71 49.91 -16.04
CA GLU A 197 15.55 50.26 -16.84
C GLU A 197 14.41 50.87 -16.01
N ASN A 198 14.30 50.50 -14.75
CA ASN A 198 13.27 51.05 -13.89
C ASN A 198 13.65 52.39 -13.29
N ASN A 199 14.89 52.87 -13.47
CA ASN A 199 15.32 54.09 -12.80
C ASN A 199 16.12 55.03 -13.70
N ALA A 200 15.45 56.04 -14.26
CA ALA A 200 16.15 57.04 -15.07
C ALA A 200 17.32 57.65 -14.30
N GLY A 201 18.48 57.78 -14.97
CA GLY A 201 19.67 58.24 -14.31
C GLY A 201 20.47 57.14 -13.64
N ALA A 202 19.84 55.99 -13.39
CA ALA A 202 20.58 54.91 -12.75
C ALA A 202 21.79 54.57 -13.59
N ARG A 203 22.93 54.46 -12.92
CA ARG A 203 24.18 53.96 -13.49
C ARG A 203 24.70 52.95 -12.49
N VAL A 204 24.82 51.70 -12.94
CA VAL A 204 25.10 50.56 -12.09
C VAL A 204 26.53 50.11 -12.29
N LEU A 205 27.30 50.04 -11.21
CA LEU A 205 28.58 49.39 -11.24
C LEU A 205 28.38 47.95 -10.78
N LEU A 206 28.68 47.01 -11.68
CA LEU A 206 28.47 45.60 -11.43
C LEU A 206 29.85 44.94 -11.41
N VAL A 207 30.22 44.38 -10.25
CA VAL A 207 31.58 43.88 -10.05
C VAL A 207 31.52 42.42 -9.60
N PHE A 208 32.27 41.58 -10.28
CA PHE A 208 32.39 40.17 -9.91
C PHE A 208 33.83 39.94 -9.52
N CYS A 209 34.04 39.33 -8.37
CA CYS A 209 35.39 38.93 -7.98
C CYS A 209 35.31 37.52 -7.42
N ASP A 210 35.86 36.56 -8.15
CA ASP A 210 35.87 35.17 -7.71
C ASP A 210 37.32 34.77 -7.49
N LEU A 211 37.70 34.64 -6.22
CA LEU A 211 38.97 34.07 -5.83
C LEU A 211 38.68 32.65 -5.35
N MET A 212 39.34 31.67 -5.97
CA MET A 212 39.03 30.26 -5.73
C MET A 212 39.83 29.67 -4.58
N ASP A 213 40.46 30.53 -3.76
CA ASP A 213 41.29 30.08 -2.64
C ASP A 213 40.58 29.07 -1.74
N MET A 214 39.26 29.17 -1.61
CA MET A 214 38.57 28.24 -0.74
C MET A 214 38.51 26.82 -1.32
N TYR A 215 38.78 26.64 -2.61
CA TYR A 215 38.66 25.33 -3.24
C TYR A 215 39.99 24.61 -3.37
N PHE A 216 41.09 25.24 -2.94
CA PHE A 216 42.42 24.61 -2.94
C PHE A 216 42.53 23.59 -1.81
N HIS A 217 42.76 22.33 -2.18
CA HIS A 217 42.98 21.26 -1.23
C HIS A 217 44.09 20.38 -1.78
N ALA A 218 44.70 19.57 -0.91
CA ALA A 218 45.65 18.57 -1.37
C ALA A 218 44.98 17.63 -2.38
N PRO A 219 45.74 17.14 -3.37
CA PRO A 219 45.11 16.29 -4.40
C PRO A 219 44.49 15.01 -3.83
N GLN A 220 43.27 14.74 -4.28
CA GLN A 220 42.50 13.56 -3.91
C GLN A 220 42.28 12.74 -5.17
N ASN A 221 41.98 11.45 -4.98
CA ASN A 221 41.60 10.63 -6.11
C ASN A 221 40.11 10.83 -6.39
N ARG A 222 39.78 12.06 -6.82
CA ARG A 222 38.42 12.45 -7.17
C ARG A 222 38.53 13.21 -8.48
N VAL A 223 37.86 12.72 -9.53
CA VAL A 223 38.01 13.38 -10.84
C VAL A 223 37.54 14.81 -10.78
N ASP A 224 36.40 15.06 -10.12
CA ASP A 224 35.85 16.41 -10.11
C ASP A 224 36.78 17.37 -9.37
N LEU A 225 37.28 16.97 -8.19
CA LEU A 225 38.17 17.86 -7.46
C LEU A 225 39.45 18.15 -8.25
N LEU A 226 39.95 17.14 -8.99
CA LEU A 226 41.14 17.32 -9.81
C LEU A 226 40.86 18.28 -10.97
N VAL A 227 39.70 18.12 -11.63
CA VAL A 227 39.32 19.05 -12.70
C VAL A 227 39.26 20.48 -12.16
N GLY A 228 38.64 20.65 -10.98
CA GLY A 228 38.59 21.98 -10.40
C GLY A 228 39.98 22.55 -10.18
N GLN A 229 40.89 21.73 -9.65
CA GLN A 229 42.25 22.17 -9.39
C GLN A 229 42.98 22.50 -10.69
N ALA A 230 42.57 21.89 -11.80
CA ALA A 230 43.23 22.19 -13.06
C ALA A 230 42.65 23.43 -13.72
N VAL A 231 41.39 23.75 -13.46
CA VAL A 231 40.63 24.69 -14.28
C VAL A 231 40.29 25.98 -13.54
N PHE A 232 39.98 25.91 -12.24
CA PHE A 232 39.60 27.13 -11.54
C PHE A 232 40.73 28.15 -11.59
N GLY A 233 40.40 29.34 -12.10
CA GLY A 233 41.32 30.46 -12.11
C GLY A 233 40.69 31.67 -11.41
N ASP A 234 41.53 32.66 -11.15
CA ASP A 234 41.12 33.84 -10.40
C ASP A 234 41.11 35.05 -11.33
N GLY A 235 40.17 35.96 -11.05
CA GLY A 235 40.01 37.17 -11.82
C GLY A 235 38.85 37.96 -11.26
N ALA A 236 38.77 39.22 -11.69
CA ALA A 236 37.70 40.13 -11.33
C ALA A 236 37.30 40.92 -12.57
N ALA A 237 35.99 41.13 -12.72
CA ALA A 237 35.45 41.85 -13.88
C ALA A 237 34.46 42.91 -13.41
N ALA A 238 34.56 44.10 -14.00
CA ALA A 238 33.72 45.22 -13.62
C ALA A 238 33.05 45.79 -14.86
N LEU A 239 31.79 46.18 -14.71
CA LEU A 239 30.99 46.76 -15.78
C LEU A 239 30.23 47.98 -15.28
N ILE A 240 29.96 48.91 -16.20
CA ILE A 240 28.95 49.94 -15.99
C ILE A 240 27.77 49.61 -16.89
N VAL A 241 26.57 49.54 -16.30
CA VAL A 241 25.35 49.20 -17.02
C VAL A 241 24.37 50.35 -16.83
N GLY A 242 23.79 50.80 -17.93
CA GLY A 242 22.81 51.87 -17.86
C GLY A 242 21.91 51.85 -19.07
N ALA A 243 20.74 52.45 -18.90
CA ALA A 243 19.80 52.71 -19.98
C ALA A 243 19.99 54.14 -20.48
N ASP A 244 19.56 54.37 -21.74
CA ASP A 244 19.49 55.72 -22.29
C ASP A 244 20.82 56.47 -22.20
N PRO A 245 21.82 56.11 -23.02
CA PRO A 245 23.09 56.85 -22.98
C PRO A 245 22.89 58.30 -23.34
N ASP A 246 23.61 59.18 -22.62
CA ASP A 246 23.56 60.60 -22.90
C ASP A 246 24.54 60.92 -24.00
N ASP A 247 24.05 61.53 -25.08
CA ASP A 247 24.93 61.94 -26.18
C ASP A 247 25.83 63.10 -25.77
N ASP A 248 25.35 63.99 -24.91
CA ASP A 248 26.06 65.17 -24.47
C ASP A 248 27.34 64.86 -23.69
N CYS A 249 27.60 63.57 -23.42
CA CYS A 249 28.86 63.17 -22.79
C CYS A 249 29.39 61.91 -23.49
N THR A 250 30.58 61.48 -23.08
CA THR A 250 31.32 60.42 -23.77
C THR A 250 30.86 59.02 -23.39
N GLU A 251 29.66 58.87 -22.84
CA GLU A 251 29.08 57.56 -22.66
C GLU A 251 28.85 56.88 -24.00
N ARG A 252 29.37 55.66 -24.18
CA ARG A 252 29.10 54.93 -25.43
C ARG A 252 28.80 53.46 -25.15
N PRO A 253 27.74 52.92 -25.74
CA PRO A 253 27.36 51.54 -25.46
C PRO A 253 28.27 50.54 -26.14
N LEU A 254 28.45 49.39 -25.49
CA LEU A 254 29.11 48.23 -26.07
C LEU A 254 28.14 47.12 -26.43
N PHE A 255 27.15 46.82 -25.59
CA PHE A 255 26.15 45.79 -25.84
C PHE A 255 24.82 46.20 -25.23
N GLN A 256 23.73 45.67 -25.76
CA GLN A 256 22.41 45.92 -25.21
C GLN A 256 21.81 44.65 -24.65
N VAL A 257 21.21 44.75 -23.46
CA VAL A 257 20.63 43.60 -22.78
C VAL A 257 19.14 43.58 -23.09
N VAL A 258 18.73 42.64 -23.95
CA VAL A 258 17.37 42.60 -24.45
C VAL A 258 16.48 41.76 -23.55
N SER A 259 16.92 40.56 -23.18
CA SER A 259 16.06 39.77 -22.32
C SER A 259 16.90 38.77 -21.54
N CYS A 260 16.44 38.48 -20.31
CA CYS A 260 17.18 37.61 -19.40
C CYS A 260 16.27 36.49 -18.93
N ALA A 261 16.78 35.27 -18.98
CA ALA A 261 16.01 34.12 -18.55
C ALA A 261 16.88 33.24 -17.67
N GLU A 262 16.21 32.51 -16.78
CA GLU A 262 16.88 31.61 -15.86
C GLU A 262 16.06 30.33 -15.77
N ARG A 263 16.75 29.19 -15.73
CA ARG A 263 16.05 27.92 -15.57
C ARG A 263 16.85 26.94 -14.72
N ALA A 264 16.18 26.33 -13.76
CA ALA A 264 16.71 25.21 -13.02
C ALA A 264 16.30 23.93 -13.74
N VAL A 265 17.28 23.16 -14.19
CA VAL A 265 17.00 21.92 -14.91
C VAL A 265 16.39 20.89 -13.96
N PRO A 266 15.20 20.39 -14.24
CA PRO A 266 14.59 19.40 -13.35
C PRO A 266 15.45 18.14 -13.20
N GLY A 267 15.55 17.64 -11.97
CA GLY A 267 16.22 16.39 -11.65
C GLY A 267 17.72 16.44 -11.50
N THR A 268 18.32 17.64 -11.45
CA THR A 268 19.79 17.76 -11.42
C THR A 268 20.26 18.39 -10.11
N GLN A 269 19.45 18.28 -9.05
CA GLN A 269 19.77 18.90 -7.77
C GLN A 269 21.19 18.57 -7.33
N ASP A 270 21.57 17.31 -7.52
CA ASP A 270 22.79 16.76 -6.94
C ASP A 270 24.00 16.92 -7.85
N TYR A 271 23.81 17.46 -9.06
CA TYR A 271 24.89 17.59 -10.03
C TYR A 271 25.97 18.55 -9.56
N ILE A 272 25.60 19.67 -8.94
CA ILE A 272 26.59 20.57 -8.36
C ILE A 272 26.14 20.93 -6.96
N LYS A 273 26.95 20.60 -5.98
CA LYS A 273 26.74 20.97 -4.59
C LYS A 273 28.08 21.45 -4.06
N ALA A 274 28.07 22.44 -3.18
CA ALA A 274 29.30 22.86 -2.53
C ALA A 274 28.95 23.38 -1.14
N HIS A 275 29.71 22.93 -0.14
CA HIS A 275 29.40 23.22 1.25
C HIS A 275 30.50 24.06 1.88
N LEU A 276 30.12 25.10 2.61
CA LEU A 276 31.08 25.89 3.36
C LEU A 276 31.33 25.22 4.71
N LYS A 277 32.57 24.79 4.94
CA LYS A 277 32.92 23.98 6.09
C LYS A 277 34.17 24.52 6.76
N GLU A 278 34.54 23.90 7.88
CA GLU A 278 35.73 24.33 8.60
C GLU A 278 37.00 24.17 7.77
N MET A 279 37.03 23.13 6.92
CA MET A 279 38.14 22.87 6.02
C MET A 279 38.10 23.73 4.75
N GLY A 280 37.11 24.59 4.61
CA GLY A 280 36.99 25.41 3.42
C GLY A 280 35.78 25.08 2.57
N MET A 281 35.91 25.23 1.26
CA MET A 281 34.79 24.94 0.37
C MET A 281 34.91 23.49 -0.10
N GLU A 282 33.87 22.70 0.15
CA GLU A 282 33.81 21.27 -0.14
C GLU A 282 32.95 21.05 -1.38
N LEU A 283 33.59 20.72 -2.50
CA LEU A 283 32.94 20.68 -3.80
C LEU A 283 32.50 19.27 -4.17
N HIS A 284 31.33 19.18 -4.83
CA HIS A 284 30.82 17.95 -5.41
C HIS A 284 30.23 18.25 -6.77
N LEU A 285 30.80 17.66 -7.82
CA LEU A 285 30.49 18.06 -9.19
C LEU A 285 30.31 16.79 -10.02
N SER A 286 29.10 16.53 -10.53
CA SER A 286 28.89 15.33 -11.33
C SER A 286 29.57 15.45 -12.69
N THR A 287 30.19 14.35 -13.13
CA THR A 287 30.76 14.33 -14.46
C THR A 287 29.71 14.38 -15.54
N ASP A 288 28.45 14.19 -15.19
CA ASP A 288 27.39 14.29 -16.19
C ASP A 288 26.98 15.72 -16.52
N VAL A 289 27.59 16.72 -15.88
CA VAL A 289 27.20 18.10 -16.11
C VAL A 289 27.25 18.48 -17.59
N PRO A 290 28.36 18.32 -18.32
CA PRO A 290 28.37 18.81 -19.72
C PRO A 290 27.34 18.17 -20.62
N ARG A 291 27.13 16.85 -20.50
CA ARG A 291 26.12 16.17 -21.32
C ARG A 291 24.74 16.70 -21.01
N MET A 292 24.46 16.86 -19.70
CA MET A 292 23.20 17.41 -19.25
C MET A 292 22.99 18.82 -19.79
N ILE A 293 24.05 19.63 -19.76
CA ILE A 293 23.96 20.95 -20.39
C ILE A 293 23.72 20.80 -21.89
N GLY A 294 24.53 19.96 -22.57
CA GLY A 294 24.37 19.74 -24.01
C GLY A 294 22.99 19.23 -24.40
N LYS A 295 22.38 18.40 -23.55
CA LYS A 295 21.07 17.87 -23.90
C LYS A 295 20.01 18.98 -23.94
N ASN A 296 20.19 20.04 -23.13
CA ASN A 296 19.16 21.06 -22.96
C ASN A 296 19.41 22.36 -23.73
N ILE A 297 20.63 22.57 -24.22
CA ILE A 297 21.03 23.91 -24.64
C ILE A 297 20.16 24.44 -25.80
N GLU A 298 19.80 23.58 -26.77
CA GLU A 298 19.08 24.09 -27.93
C GLU A 298 17.68 24.56 -27.55
N LYS A 299 16.97 23.80 -26.70
CA LYS A 299 15.64 24.21 -26.26
C LYS A 299 15.72 25.51 -25.48
N LEU A 300 16.77 25.68 -24.66
CA LEU A 300 16.94 26.94 -23.95
C LEU A 300 17.18 28.09 -24.92
N LEU A 301 18.10 27.90 -25.89
CA LEU A 301 18.35 28.97 -26.86
C LEU A 301 17.09 29.27 -27.64
N ALA A 302 16.39 28.22 -28.10
CA ALA A 302 15.17 28.40 -28.88
C ALA A 302 14.13 29.21 -28.11
N ASP A 303 13.89 28.86 -26.83
CA ASP A 303 12.91 29.64 -26.05
C ASP A 303 13.29 31.11 -25.96
N ALA A 304 14.59 31.40 -25.94
CA ALA A 304 15.10 32.75 -25.73
C ALA A 304 14.93 33.62 -26.95
N VAL A 305 15.28 33.11 -28.13
CA VAL A 305 15.45 33.95 -29.31
C VAL A 305 14.33 33.81 -30.33
N SER A 306 13.48 32.79 -30.20
CA SER A 306 12.31 32.70 -31.08
C SER A 306 11.47 33.96 -31.06
N PRO A 307 11.22 34.62 -29.91
CA PRO A 307 10.43 35.86 -29.96
C PRO A 307 11.05 36.93 -30.86
N PHE A 308 12.34 36.81 -31.21
CA PHE A 308 12.97 37.75 -32.13
C PHE A 308 13.24 37.12 -33.50
N GLY A 309 12.59 36.00 -33.82
CA GLY A 309 12.67 35.42 -35.15
C GLY A 309 13.98 34.75 -35.54
N ILE A 310 14.82 34.37 -34.59
CA ILE A 310 16.10 33.75 -34.89
C ILE A 310 15.95 32.24 -34.80
N SER A 311 16.29 31.52 -35.87
CA SER A 311 16.27 30.05 -35.87
C SER A 311 17.55 29.41 -36.41
N ASP A 312 18.47 30.18 -37.01
CA ASP A 312 19.80 29.71 -37.44
C ASP A 312 20.76 30.07 -36.32
N TRP A 313 21.23 29.05 -35.57
CA TRP A 313 22.03 29.35 -34.40
C TRP A 313 23.35 30.00 -34.77
N ASN A 314 23.84 29.80 -35.98
CA ASN A 314 25.12 30.41 -36.33
C ASN A 314 24.99 31.88 -36.70
N SER A 315 23.77 32.42 -36.72
CA SER A 315 23.55 33.84 -36.94
C SER A 315 23.71 34.66 -35.65
N LEU A 316 23.95 34.01 -34.52
CA LEU A 316 24.23 34.68 -33.26
C LEU A 316 25.72 34.73 -33.01
N PHE A 317 26.16 35.73 -32.23
CA PHE A 317 27.48 35.69 -31.61
C PHE A 317 27.32 35.13 -30.21
N TYR A 318 28.37 34.50 -29.70
CA TYR A 318 28.24 33.68 -28.49
C TYR A 318 29.19 34.11 -27.37
N ILE A 319 28.62 34.25 -26.17
CA ILE A 319 29.41 34.30 -24.94
C ILE A 319 28.93 33.14 -24.08
N VAL A 320 29.77 32.12 -23.93
CA VAL A 320 29.42 30.90 -23.21
C VAL A 320 30.33 30.75 -22.01
N HIS A 321 29.74 30.66 -20.81
CA HIS A 321 30.49 30.41 -19.58
C HIS A 321 31.36 29.18 -19.73
N PRO A 322 32.72 29.30 -19.59
CA PRO A 322 33.67 28.19 -19.84
C PRO A 322 33.89 27.31 -18.61
N GLY A 323 32.82 26.69 -18.12
CA GLY A 323 32.91 25.89 -16.89
C GLY A 323 33.93 24.77 -16.97
N ALA A 324 33.94 24.06 -18.09
CA ALA A 324 34.96 23.08 -18.44
C ALA A 324 34.94 22.98 -19.97
N VAL A 325 36.07 22.57 -20.56
CA VAL A 325 36.11 22.48 -22.03
C VAL A 325 35.01 21.56 -22.55
N ALA A 326 34.67 20.51 -21.80
CA ALA A 326 33.56 19.66 -22.21
C ALA A 326 32.27 20.46 -22.40
N ILE A 327 32.06 21.48 -21.54
CA ILE A 327 30.85 22.29 -21.68
C ILE A 327 30.84 23.03 -22.99
N LEU A 328 31.98 23.64 -23.38
CA LEU A 328 32.02 24.35 -24.66
C LEU A 328 31.79 23.39 -25.82
N ASP A 329 32.44 22.22 -25.80
CA ASP A 329 32.25 21.26 -26.89
C ASP A 329 30.81 20.83 -27.01
N GLN A 330 30.17 20.52 -25.86
CA GLN A 330 28.77 20.10 -25.85
C GLN A 330 27.87 21.16 -26.45
N VAL A 331 28.11 22.43 -26.11
CA VAL A 331 27.31 23.50 -26.69
C VAL A 331 27.53 23.57 -28.21
N GLU A 332 28.80 23.62 -28.61
CA GLU A 332 29.15 23.61 -30.03
C GLU A 332 28.49 22.45 -30.77
N GLU A 333 28.51 21.25 -30.16
CA GLU A 333 28.00 20.07 -30.84
C GLU A 333 26.49 20.09 -30.93
N ASN A 334 25.81 20.35 -29.82
CA ASN A 334 24.36 20.26 -29.83
C ASN A 334 23.69 21.50 -30.42
N LEU A 335 24.41 22.58 -30.65
CA LEU A 335 23.86 23.71 -31.40
C LEU A 335 24.26 23.72 -32.87
N GLY A 336 25.10 22.79 -33.31
CA GLY A 336 25.54 22.80 -34.69
C GLY A 336 26.31 24.04 -35.08
N LEU A 337 27.23 24.47 -34.22
CA LEU A 337 27.99 25.69 -34.43
C LEU A 337 29.21 25.45 -35.31
N GLY A 338 29.53 26.46 -36.13
CA GLY A 338 30.78 26.42 -36.87
C GLY A 338 31.97 26.46 -35.94
N GLU A 339 33.08 25.84 -36.38
CA GLU A 339 34.20 25.58 -35.49
C GLU A 339 34.75 26.85 -34.83
N ASP A 340 34.53 28.01 -35.43
CA ASP A 340 35.10 29.25 -34.94
C ASP A 340 34.11 30.06 -34.09
N LYS A 341 32.91 29.51 -33.86
CA LYS A 341 31.86 30.28 -33.18
C LYS A 341 32.20 30.58 -31.72
N LEU A 342 32.80 29.63 -31.00
CA LEU A 342 33.13 29.82 -29.59
C LEU A 342 34.57 30.26 -29.40
N ARG A 343 35.15 30.92 -30.42
CA ARG A 343 36.54 31.37 -30.37
C ARG A 343 36.80 32.19 -29.11
N ALA A 344 35.96 33.20 -28.86
CA ALA A 344 36.17 34.08 -27.72
C ALA A 344 36.04 33.34 -26.40
N SER A 345 35.08 32.42 -26.29
CA SER A 345 34.93 31.68 -25.04
C SER A 345 36.11 30.75 -24.81
N ARG A 346 36.56 30.06 -25.86
CA ARG A 346 37.72 29.19 -25.71
C ARG A 346 38.99 29.96 -25.35
N TYR A 347 39.12 31.19 -25.85
CA TYR A 347 40.25 32.04 -25.52
C TYR A 347 40.35 32.31 -24.02
N VAL A 348 39.26 32.75 -23.41
CA VAL A 348 39.27 33.09 -21.98
C VAL A 348 39.51 31.84 -21.15
N LEU A 349 38.85 30.73 -21.48
CA LEU A 349 39.12 29.46 -20.82
C LEU A 349 40.59 29.13 -20.92
N SER A 350 41.16 29.33 -22.11
CA SER A 350 42.57 29.04 -22.36
C SER A 350 43.48 29.97 -21.56
N GLU A 351 43.26 31.28 -21.66
CA GLU A 351 44.20 32.22 -21.07
C GLU A 351 43.95 32.46 -19.58
N TYR A 352 42.78 32.08 -19.06
CA TYR A 352 42.41 32.43 -17.68
C TYR A 352 41.81 31.30 -16.86
N GLY A 353 41.39 30.18 -17.46
CA GLY A 353 40.68 29.17 -16.73
C GLY A 353 39.24 29.60 -16.47
N ASN A 354 38.59 28.86 -15.59
CA ASN A 354 37.21 29.17 -15.19
C ASN A 354 37.25 30.10 -13.98
N MET A 355 37.00 31.39 -14.22
CA MET A 355 37.05 32.41 -13.17
C MET A 355 35.68 32.65 -12.58
N GLY A 356 34.87 31.60 -12.50
CA GLY A 356 33.56 31.77 -11.94
C GLY A 356 32.73 32.70 -12.81
N ALA A 357 31.89 33.48 -12.14
CA ALA A 357 30.93 34.34 -12.83
C ALA A 357 31.60 35.44 -13.64
N ALA A 358 32.83 35.81 -13.30
CA ALA A 358 33.52 36.86 -14.04
C ALA A 358 33.83 36.45 -15.47
N SER A 359 33.89 35.14 -15.75
CA SER A 359 34.39 34.63 -17.02
C SER A 359 33.63 35.23 -18.21
N VAL A 360 32.30 35.14 -18.20
CA VAL A 360 31.53 35.58 -19.35
C VAL A 360 31.85 37.04 -19.70
N PHE A 361 32.29 37.82 -18.71
CA PHE A 361 32.60 39.23 -18.92
C PHE A 361 34.03 39.46 -19.39
N PHE A 362 34.96 38.57 -19.02
CA PHE A 362 36.23 38.54 -19.74
C PHE A 362 36.01 38.23 -21.21
N ILE A 363 35.09 37.30 -21.51
CA ILE A 363 34.78 36.93 -22.89
C ILE A 363 34.15 38.08 -23.64
N LEU A 364 33.12 38.70 -23.05
CA LEU A 364 32.48 39.84 -23.68
C LEU A 364 33.49 40.95 -23.95
N ASP A 365 34.42 41.17 -23.00
CA ASP A 365 35.51 42.13 -23.18
C ASP A 365 36.38 41.73 -24.36
N GLU A 366 36.77 40.45 -24.41
CA GLU A 366 37.58 39.93 -25.51
C GLU A 366 36.88 40.08 -26.85
N MET A 367 35.57 39.80 -26.89
CA MET A 367 34.86 39.86 -28.16
C MET A 367 34.79 41.28 -28.69
N ARG A 368 34.46 42.24 -27.83
CA ARG A 368 34.41 43.63 -28.27
C ARG A 368 35.77 44.11 -28.77
N ASN A 369 36.88 43.68 -28.13
CA ASN A 369 38.20 44.13 -28.54
C ASN A 369 38.62 43.44 -29.84
N LYS A 370 38.41 42.13 -29.93
CA LYS A 370 38.77 41.40 -31.15
C LYS A 370 38.02 41.93 -32.37
N SER A 371 36.76 42.32 -32.20
CA SER A 371 35.97 42.83 -33.32
C SER A 371 36.57 44.13 -33.87
N ALA A 372 36.87 45.09 -33.01
CA ALA A 372 37.56 46.30 -33.46
C ALA A 372 38.92 45.95 -34.04
N GLU A 373 39.70 45.11 -33.34
CA GLU A 373 41.02 44.77 -33.83
C GLU A 373 40.95 44.13 -35.21
N GLU A 374 39.93 43.31 -35.47
CA GLU A 374 39.77 42.70 -36.78
C GLU A 374 38.94 43.56 -37.72
N GLY A 375 38.56 44.76 -37.26
CA GLY A 375 37.79 45.70 -38.08
C GLY A 375 36.37 45.30 -38.41
N LYS A 376 35.74 44.45 -37.60
CA LYS A 376 34.34 44.08 -37.81
C LYS A 376 33.42 45.30 -37.66
N LEU A 377 32.23 45.20 -38.25
CA LEU A 377 31.31 46.32 -38.30
C LEU A 377 30.45 46.45 -37.04
N THR A 378 30.55 45.50 -36.12
CA THR A 378 29.83 45.54 -34.85
C THR A 378 30.75 44.98 -33.78
N THR A 379 30.37 45.22 -32.52
CA THR A 379 31.04 44.64 -31.35
C THR A 379 30.82 43.14 -31.22
N GLY A 380 29.86 42.59 -31.95
CA GLY A 380 29.57 41.16 -31.88
C GLY A 380 30.06 40.37 -33.08
N GLU A 381 31.36 40.46 -33.37
CA GLU A 381 31.99 39.67 -34.42
C GLU A 381 31.30 39.90 -35.76
N GLY A 382 30.83 41.13 -35.98
CA GLY A 382 30.10 41.48 -37.18
C GLY A 382 28.63 41.16 -37.15
N LEU A 383 28.16 40.35 -36.20
CA LEU A 383 26.74 40.05 -36.09
C LEU A 383 26.02 40.96 -35.10
N GLU A 384 24.70 40.96 -35.23
CA GLU A 384 23.82 41.92 -34.59
C GLU A 384 23.20 41.37 -33.32
N TRP A 385 22.70 40.13 -33.37
CA TRP A 385 22.15 39.44 -32.22
C TRP A 385 23.14 38.42 -31.67
N GLY A 386 23.10 38.26 -30.35
CA GLY A 386 23.94 37.29 -29.67
C GLY A 386 23.29 36.86 -28.37
N VAL A 387 23.86 35.82 -27.77
CA VAL A 387 23.34 35.21 -26.55
C VAL A 387 24.48 34.97 -25.57
N LEU A 388 24.22 35.19 -24.28
CA LEU A 388 25.18 34.92 -23.21
C LEU A 388 24.60 33.84 -22.30
N PHE A 389 25.42 32.80 -22.02
CA PHE A 389 25.02 31.67 -21.19
C PHE A 389 25.90 31.57 -19.95
N SER A 390 25.27 31.46 -18.78
CA SER A 390 26.00 31.05 -17.60
C SER A 390 25.43 29.72 -17.11
N PHE A 391 26.29 28.89 -16.52
CA PHE A 391 25.89 27.60 -15.96
C PHE A 391 26.37 27.47 -14.52
N GLY A 392 25.50 27.02 -13.63
CA GLY A 392 25.91 26.76 -12.28
C GLY A 392 24.98 25.78 -11.60
N PRO A 393 25.09 25.65 -10.27
CA PRO A 393 24.19 24.80 -9.47
C PRO A 393 22.75 25.28 -9.62
N GLY A 394 21.76 24.40 -9.71
CA GLY A 394 21.96 22.97 -9.71
C GLY A 394 20.69 22.39 -10.29
N LEU A 395 20.64 22.28 -11.61
CA LEU A 395 21.54 22.96 -12.51
C LEU A 395 20.88 24.25 -12.95
N THR A 396 21.54 25.40 -12.82
CA THR A 396 20.94 26.66 -13.25
C THR A 396 21.60 27.15 -14.52
N VAL A 397 20.79 27.49 -15.51
CA VAL A 397 21.25 28.04 -16.77
C VAL A 397 20.66 29.43 -16.94
N GLU A 398 21.54 30.39 -17.22
CA GLU A 398 21.16 31.77 -17.52
C GLU A 398 21.24 31.99 -19.02
N THR A 399 20.20 32.60 -19.58
CA THR A 399 20.18 32.91 -21.00
C THR A 399 19.94 34.41 -21.17
N VAL A 400 20.95 35.12 -21.66
CA VAL A 400 20.87 36.57 -21.82
C VAL A 400 20.97 36.89 -23.31
N VAL A 401 19.92 37.52 -23.86
CA VAL A 401 19.92 37.92 -25.26
C VAL A 401 20.54 39.31 -25.38
N LEU A 402 21.52 39.45 -26.27
CA LEU A 402 22.28 40.66 -26.43
C LEU A 402 22.12 41.21 -27.84
N LEU A 403 22.25 42.52 -27.96
CA LEU A 403 22.37 43.20 -29.24
C LEU A 403 23.73 43.87 -29.27
N SER A 404 24.50 43.66 -30.34
CA SER A 404 25.76 44.39 -30.43
C SER A 404 25.50 45.83 -30.88
N VAL A 405 26.58 46.61 -30.89
CA VAL A 405 26.58 48.02 -31.27
C VAL A 405 27.51 48.14 -32.47
N PRO A 406 27.21 48.99 -33.44
CA PRO A 406 28.09 49.14 -34.62
C PRO A 406 29.47 49.71 -34.28
N LEU A 407 30.42 49.44 -35.17
CA LEU A 407 31.76 50.04 -35.12
C LEU A 407 32.07 50.83 -36.43
N SER B 16 18.28 48.11 -37.81
CA SER B 16 17.23 49.14 -37.94
C SER B 16 15.82 48.56 -38.18
N PHE B 17 15.76 47.23 -38.31
CA PHE B 17 14.52 46.47 -38.12
C PHE B 17 14.63 45.65 -36.85
N SER B 18 15.85 45.27 -36.51
CA SER B 18 16.14 44.62 -35.25
C SER B 18 16.05 45.59 -34.09
N MET B 19 16.35 46.87 -34.32
CA MET B 19 16.09 47.81 -33.23
C MET B 19 14.60 47.93 -32.97
N GLU B 20 13.77 47.76 -34.01
CA GLU B 20 12.33 47.75 -33.83
C GLU B 20 11.83 46.51 -33.12
N LYS B 21 12.60 45.42 -33.15
CA LYS B 21 12.19 44.23 -32.41
C LYS B 21 12.33 44.47 -30.91
N VAL B 22 13.45 45.09 -30.51
CA VAL B 22 13.70 45.39 -29.10
C VAL B 22 12.61 46.28 -28.50
N LYS B 23 12.06 47.20 -29.30
CA LYS B 23 11.07 48.14 -28.76
C LYS B 23 9.75 47.45 -28.48
N ARG B 24 9.41 46.40 -29.24
CA ARG B 24 8.17 45.70 -28.98
C ARG B 24 8.26 44.96 -27.65
N ILE B 25 9.46 44.50 -27.31
CA ILE B 25 9.63 43.81 -26.05
C ILE B 25 9.49 44.78 -24.89
N LEU B 26 10.27 45.87 -24.92
CA LEU B 26 10.21 46.86 -23.84
C LEU B 26 8.79 47.38 -23.64
N ASP B 27 8.14 47.79 -24.74
CA ASP B 27 6.77 48.30 -24.62
C ASP B 27 5.88 47.28 -23.96
N ALA B 28 6.12 46.00 -24.24
CA ALA B 28 5.31 44.92 -23.67
C ALA B 28 5.57 44.72 -22.19
N GLN B 29 6.77 45.07 -21.72
CA GLN B 29 7.18 44.82 -20.35
C GLN B 29 6.91 45.98 -19.40
N ARG B 30 6.38 47.11 -19.89
CA ARG B 30 6.10 48.28 -19.04
C ARG B 30 4.96 48.01 -18.09
N THR B 31 5.03 48.63 -16.91
CA THR B 31 3.96 48.61 -15.91
C THR B 31 3.41 50.02 -15.78
N GLU B 32 2.34 50.16 -15.00
CA GLU B 32 1.71 51.45 -14.81
C GLU B 32 1.88 51.96 -13.38
N GLY B 33 1.48 51.16 -12.41
CA GLY B 33 1.51 51.52 -11.02
C GLY B 33 2.82 51.23 -10.33
N PRO B 34 2.88 51.50 -9.03
CA PRO B 34 4.07 51.19 -8.25
C PRO B 34 4.05 49.76 -7.76
N ALA B 35 5.24 49.27 -7.40
CA ALA B 35 5.34 48.00 -6.70
C ALA B 35 4.55 48.08 -5.41
N THR B 36 3.69 47.08 -5.16
CA THR B 36 2.92 47.06 -3.94
C THR B 36 3.04 45.69 -3.29
N VAL B 37 2.91 45.63 -1.96
CA VAL B 37 2.92 44.34 -1.25
C VAL B 37 1.50 43.80 -1.23
N LEU B 38 1.33 42.59 -1.75
CA LEU B 38 0.02 41.96 -1.94
C LEU B 38 -0.30 40.91 -0.88
N ALA B 39 0.67 40.51 -0.05
CA ALA B 39 0.44 39.59 1.07
C ALA B 39 1.67 39.58 1.96
N ILE B 40 1.45 39.21 3.23
CA ILE B 40 2.52 39.07 4.22
C ILE B 40 2.25 37.82 5.02
N GLY B 41 3.24 36.96 5.18
CA GLY B 41 3.10 35.78 6.01
C GLY B 41 4.33 35.61 6.87
N THR B 42 4.12 35.16 8.10
CA THR B 42 5.22 35.01 9.05
C THR B 42 5.17 33.62 9.69
N ALA B 43 6.30 33.23 10.27
CA ALA B 43 6.42 31.94 10.94
C ALA B 43 7.58 32.03 11.92
N ASN B 44 7.53 31.19 12.95
CA ASN B 44 8.56 31.13 13.98
C ASN B 44 8.84 29.68 14.36
N PRO B 45 10.02 29.40 14.91
CA PRO B 45 10.30 28.06 15.49
C PRO B 45 9.27 27.73 16.57
N PRO B 46 9.12 26.43 16.92
CA PRO B 46 8.02 26.07 17.84
C PRO B 46 8.31 26.43 19.30
N THR B 47 9.56 26.37 19.75
CA THR B 47 9.90 26.54 21.17
C THR B 47 9.83 28.01 21.55
N CYS B 48 8.99 28.34 22.54
CA CYS B 48 8.90 29.69 23.07
C CYS B 48 9.70 29.82 24.36
N PHE B 49 10.65 30.77 24.37
CA PHE B 49 11.48 31.06 25.54
C PHE B 49 11.05 32.40 26.14
N TYR B 50 10.59 32.39 27.39
CA TYR B 50 10.28 33.65 28.07
C TYR B 50 11.52 34.33 28.63
N GLU B 51 11.59 35.66 28.47
CA GLU B 51 12.78 36.42 28.84
C GLU B 51 13.09 36.29 30.33
N ALA B 52 12.08 36.13 31.18
CA ALA B 52 12.32 35.89 32.60
C ALA B 52 13.17 34.64 32.82
N ASP B 53 12.88 33.59 32.07
CA ASP B 53 13.52 32.30 32.27
C ASP B 53 14.80 32.14 31.46
N TYR B 54 15.08 33.04 30.53
CA TYR B 54 16.22 32.77 29.67
C TYR B 54 17.56 32.81 30.39
N PRO B 55 17.82 33.76 31.31
CA PRO B 55 19.12 33.71 32.02
C PRO B 55 19.40 32.39 32.72
N ASP B 56 18.39 31.78 33.36
CA ASP B 56 18.57 30.47 33.98
C ASP B 56 18.86 29.39 32.96
N PHE B 57 18.04 29.32 31.91
CA PHE B 57 18.26 28.37 30.82
C PHE B 57 19.63 28.56 30.17
N TYR B 58 19.96 29.81 29.81
CA TYR B 58 21.17 30.09 29.05
C TYR B 58 22.44 29.70 29.82
N PHE B 59 22.57 30.15 31.08
CA PHE B 59 23.79 29.87 31.82
C PHE B 59 23.88 28.41 32.29
N ARG B 60 22.73 27.79 32.56
CA ARG B 60 22.75 26.37 32.91
C ARG B 60 23.21 25.52 31.74
N VAL B 61 22.55 25.67 30.59
CA VAL B 61 22.82 24.82 29.44
C VAL B 61 24.21 25.08 28.84
N THR B 62 24.84 26.21 29.18
CA THR B 62 26.22 26.49 28.78
C THR B 62 27.23 26.17 29.89
N ASN B 63 26.78 25.52 30.97
CA ASN B 63 27.64 25.13 32.11
C ASN B 63 28.41 26.33 32.65
N CYS B 64 27.69 27.43 32.82
CA CYS B 64 28.31 28.66 33.30
C CYS B 64 27.68 29.18 34.59
N GLU B 65 27.02 28.30 35.36
CA GLU B 65 26.43 28.74 36.62
C GLU B 65 27.51 29.15 37.63
N ASP B 66 28.76 28.74 37.39
CA ASP B 66 29.92 29.17 38.18
C ASP B 66 30.39 30.60 37.86
N LYS B 67 29.65 31.37 37.06
CA LYS B 67 29.95 32.78 36.82
C LYS B 67 28.74 33.59 37.27
N PRO B 68 28.47 33.65 38.57
CA PRO B 68 27.22 34.29 39.02
C PRO B 68 27.22 35.80 38.82
N GLU B 69 28.40 36.45 38.80
CA GLU B 69 28.44 37.89 38.55
C GLU B 69 28.09 38.20 37.11
N LEU B 70 28.64 37.42 36.17
CA LEU B 70 28.31 37.60 34.76
C LEU B 70 26.83 37.33 34.52
N LYS B 71 26.27 36.33 35.20
CA LYS B 71 24.85 36.04 35.09
C LYS B 71 24.00 37.22 35.57
N GLU B 72 24.45 37.91 36.61
CA GLU B 72 23.74 39.11 37.04
C GLU B 72 23.85 40.21 35.99
N LYS B 73 25.05 40.38 35.41
CA LYS B 73 25.20 41.37 34.35
C LYS B 73 24.31 41.04 33.15
N PHE B 74 24.18 39.75 32.82
CA PHE B 74 23.28 39.36 31.75
C PHE B 74 21.82 39.59 32.13
N LYS B 75 21.44 39.27 33.37
CA LYS B 75 20.06 39.47 33.80
C LYS B 75 19.64 40.93 33.72
N ARG B 76 20.53 41.84 34.12
CA ARG B 76 20.17 43.25 34.08
C ARG B 76 19.93 43.72 32.65
N ILE B 77 20.74 43.23 31.71
CA ILE B 77 20.54 43.53 30.29
C ILE B 77 19.21 42.97 29.80
N SER B 78 18.88 41.72 30.17
CA SER B 78 17.60 41.13 29.79
C SER B 78 16.43 41.93 30.32
N GLU B 79 16.51 42.40 31.56
CA GLU B 79 15.38 43.09 32.15
C GLU B 79 15.19 44.47 31.53
N ARG B 80 16.27 45.10 31.10
CA ARG B 80 16.19 46.38 30.39
C ARG B 80 15.90 46.20 28.90
N SER B 81 15.73 44.98 28.41
CA SER B 81 15.66 44.71 26.97
C SER B 81 14.33 45.05 26.31
N ALA B 82 13.24 45.14 27.07
CA ALA B 82 11.89 45.32 26.52
C ALA B 82 11.45 44.15 25.63
N VAL B 83 12.10 42.98 25.81
CA VAL B 83 11.70 41.73 25.16
C VAL B 83 10.92 40.89 26.17
N LYS B 84 9.72 40.46 25.79
CA LYS B 84 8.91 39.60 26.66
C LYS B 84 9.19 38.12 26.41
N LYS B 85 9.20 37.72 25.15
CA LYS B 85 9.43 36.33 24.79
C LYS B 85 10.05 36.30 23.40
N ARG B 86 10.68 35.16 23.08
CA ARG B 86 11.29 34.90 21.77
C ARG B 86 10.98 33.47 21.38
N TYR B 87 10.88 33.21 20.08
CA TYR B 87 10.84 31.84 19.57
C TYR B 87 12.23 31.53 19.03
N LEU B 88 12.85 30.47 19.56
CA LEU B 88 14.23 30.14 19.22
C LEU B 88 14.32 28.72 18.67
N HIS B 89 15.16 28.57 17.65
CA HIS B 89 15.44 27.26 17.09
C HIS B 89 16.41 26.49 17.97
N VAL B 90 17.35 27.18 18.62
CA VAL B 90 18.28 26.55 19.56
C VAL B 90 17.52 26.02 20.75
N THR B 91 17.52 24.70 20.91
CA THR B 91 16.89 24.04 22.05
C THR B 91 17.97 23.39 22.91
N GLU B 92 17.56 22.91 24.08
CA GLU B 92 18.50 22.18 24.92
C GLU B 92 18.95 20.88 24.23
N GLU B 93 18.02 20.22 23.53
CA GLU B 93 18.36 19.00 22.80
C GLU B 93 19.45 19.26 21.75
N ILE B 94 19.31 20.35 20.98
CA ILE B 94 20.30 20.65 19.94
C ILE B 94 21.69 20.87 20.54
N LEU B 95 21.77 21.57 21.67
CA LEU B 95 23.08 21.84 22.29
C LEU B 95 23.72 20.58 22.86
N LYS B 96 22.92 19.64 23.36
CA LYS B 96 23.47 18.37 23.84
C LYS B 96 24.04 17.56 22.68
N GLU B 97 23.36 17.56 21.52
CA GLU B 97 23.87 16.87 20.35
C GLU B 97 25.09 17.56 19.74
N ASN B 98 25.26 18.86 19.99
CA ASN B 98 26.37 19.64 19.46
C ASN B 98 27.00 20.46 20.58
N PRO B 99 27.67 19.80 21.53
CA PRO B 99 28.21 20.54 22.70
C PRO B 99 29.23 21.62 22.34
N ASN B 100 29.92 21.53 21.20
CA ASN B 100 30.92 22.55 20.85
C ASN B 100 30.32 23.93 20.64
N MET B 101 29.01 24.03 20.41
CA MET B 101 28.35 25.33 20.39
C MET B 101 28.43 26.03 21.74
N CYS B 102 28.63 25.28 22.83
CA CYS B 102 28.69 25.83 24.18
C CYS B 102 30.09 26.09 24.70
N SER B 103 31.14 25.67 23.98
CA SER B 103 32.53 25.91 24.36
C SER B 103 33.10 27.05 23.55
N TYR B 104 33.45 28.16 24.21
CA TYR B 104 33.76 29.38 23.48
C TYR B 104 35.00 29.22 22.60
N ARG B 105 34.85 29.60 21.33
CA ARG B 105 35.83 29.55 20.24
C ARG B 105 36.16 28.13 19.78
N ALA B 106 35.54 27.09 20.36
CA ALA B 106 35.74 25.73 19.86
C ALA B 106 35.16 25.58 18.45
N PRO B 107 35.78 24.78 17.58
CA PRO B 107 35.26 24.60 16.22
C PRO B 107 33.87 23.95 16.22
N SER B 108 32.89 24.71 15.66
CA SER B 108 31.51 24.26 15.65
C SER B 108 30.74 24.70 14.40
N LEU B 109 31.41 25.29 13.41
CA LEU B 109 30.73 25.83 12.24
C LEU B 109 30.07 24.70 11.42
N ASP B 110 30.75 23.55 11.29
CA ASP B 110 30.16 22.41 10.58
C ASP B 110 28.88 21.95 11.27
N ALA B 111 28.92 21.81 12.59
CA ALA B 111 27.73 21.38 13.34
C ALA B 111 26.58 22.35 13.14
N ARG B 112 26.86 23.65 13.21
CA ARG B 112 25.80 24.65 13.05
C ARG B 112 25.18 24.61 11.64
N HIS B 113 26.04 24.60 10.60
CA HIS B 113 25.55 24.68 9.22
C HIS B 113 24.67 23.50 8.87
N ALA B 114 25.04 22.30 9.32
CA ALA B 114 24.16 21.17 9.10
C ALA B 114 22.78 21.42 9.69
N ILE B 115 22.72 22.06 10.86
CA ILE B 115 21.42 22.31 11.48
C ILE B 115 20.62 23.28 10.65
N LEU B 116 21.29 24.29 10.07
CA LEU B 116 20.56 25.40 9.46
C LEU B 116 20.15 25.15 8.03
N VAL B 117 21.03 24.52 7.24
CA VAL B 117 20.84 24.38 5.80
C VAL B 117 19.49 23.75 5.45
N GLU B 118 18.97 22.86 6.30
CA GLU B 118 17.63 22.34 6.03
C GLU B 118 16.56 23.13 6.80
N GLU B 119 16.89 23.76 7.93
CA GLU B 119 15.86 24.46 8.68
C GLU B 119 15.49 25.81 8.06
N VAL B 120 16.47 26.54 7.52
CA VAL B 120 16.22 27.86 6.94
C VAL B 120 15.14 27.80 5.86
N PRO B 121 15.27 26.97 4.81
CA PRO B 121 14.19 26.92 3.82
C PRO B 121 12.92 26.37 4.37
N LYS B 122 13.00 25.53 5.40
CA LYS B 122 11.81 24.90 5.96
C LYS B 122 10.93 25.95 6.63
N LEU B 123 11.52 26.80 7.47
CA LEU B 123 10.78 27.90 8.08
C LEU B 123 10.36 28.95 7.05
N GLY B 124 11.23 29.28 6.08
CA GLY B 124 10.82 30.12 4.97
C GLY B 124 9.57 29.59 4.27
N LYS B 125 9.53 28.27 4.03
CA LYS B 125 8.35 27.63 3.46
C LYS B 125 7.12 27.90 4.30
N GLU B 126 7.26 27.80 5.63
CA GLU B 126 6.10 27.97 6.51
C GLU B 126 5.52 29.36 6.37
N ALA B 127 6.38 30.39 6.39
CA ALA B 127 5.91 31.75 6.18
C ALA B 127 5.37 31.93 4.76
N ALA B 128 6.12 31.45 3.76
CA ALA B 128 5.73 31.63 2.37
C ALA B 128 4.36 31.05 2.09
N LEU B 129 4.08 29.85 2.60
CA LEU B 129 2.78 29.23 2.31
C LEU B 129 1.64 30.13 2.75
N LYS B 130 1.78 30.74 3.94
CA LYS B 130 0.77 31.69 4.45
C LYS B 130 0.63 32.88 3.52
N ALA B 131 1.75 33.45 3.07
CA ALA B 131 1.67 34.58 2.17
C ALA B 131 0.97 34.18 0.88
N ILE B 132 1.32 33.01 0.35
CA ILE B 132 0.70 32.50 -0.87
C ILE B 132 -0.77 32.26 -0.63
N LYS B 133 -1.11 31.72 0.55
CA LYS B 133 -2.52 31.49 0.90
C LYS B 133 -3.32 32.79 0.83
N GLU B 134 -2.88 33.84 1.54
CA GLU B 134 -3.52 35.15 1.47
C GLU B 134 -3.53 35.68 0.05
N TRP B 135 -2.40 35.57 -0.64
CA TRP B 135 -2.34 36.05 -2.02
C TRP B 135 -3.42 35.44 -2.90
N GLY B 136 -3.60 34.12 -2.83
CA GLY B 136 -4.69 33.48 -3.54
C GLY B 136 -4.47 33.22 -5.03
N GLN B 137 -3.27 33.41 -5.54
CA GLN B 137 -3.07 33.07 -6.95
C GLN B 137 -2.33 31.73 -7.08
N PRO B 138 -2.33 31.14 -8.27
CA PRO B 138 -1.61 29.86 -8.44
C PRO B 138 -0.10 30.08 -8.39
N LEU B 139 0.61 29.09 -7.82
CA LEU B 139 2.06 29.20 -7.73
C LEU B 139 2.70 29.51 -9.07
N SER B 140 2.10 29.03 -10.18
CA SER B 140 2.70 29.22 -11.50
C SER B 140 2.78 30.70 -11.88
N LYS B 141 2.13 31.57 -11.12
CA LYS B 141 2.16 33.00 -11.36
C LYS B 141 3.36 33.69 -10.76
N ILE B 142 4.08 33.04 -9.83
CA ILE B 142 5.25 33.65 -9.19
C ILE B 142 6.41 33.60 -10.17
N THR B 143 6.92 34.78 -10.55
CA THR B 143 7.99 34.91 -11.53
C THR B 143 9.37 35.07 -10.90
N HIS B 144 9.43 35.58 -9.67
CA HIS B 144 10.68 35.93 -9.01
C HIS B 144 10.64 35.49 -7.56
N LEU B 145 11.79 35.04 -7.06
CA LEU B 145 11.99 34.66 -5.67
C LEU B 145 13.24 35.34 -5.16
N ILE B 146 13.12 36.07 -4.06
CA ILE B 146 14.27 36.69 -3.40
C ILE B 146 14.33 36.12 -2.00
N PHE B 147 15.42 35.43 -1.69
CA PHE B 147 15.62 34.83 -0.38
C PHE B 147 16.76 35.55 0.32
N SER B 148 16.48 36.07 1.51
CA SER B 148 17.51 36.70 2.33
C SER B 148 17.60 35.92 3.64
N ALA B 149 18.82 35.47 3.96
CA ALA B 149 19.08 34.65 5.15
C ALA B 149 20.41 35.08 5.75
N MET B 150 20.40 35.38 7.05
CA MET B 150 21.63 35.77 7.72
C MET B 150 22.62 34.60 7.72
N SER B 151 22.12 33.39 7.91
CA SER B 151 22.97 32.23 8.14
C SER B 151 22.45 31.05 7.32
N GLY B 152 23.37 30.13 6.98
CA GLY B 152 23.03 28.95 6.21
C GLY B 152 23.62 28.87 4.80
N VAL B 153 24.79 29.49 4.58
CA VAL B 153 25.45 29.58 3.27
C VAL B 153 25.62 28.18 2.69
N ASP B 154 25.12 27.96 1.48
CA ASP B 154 25.16 26.64 0.87
C ASP B 154 24.99 26.77 -0.63
N ILE B 155 25.56 25.82 -1.35
CA ILE B 155 25.40 25.84 -2.79
C ILE B 155 24.84 24.50 -3.20
N PRO B 156 23.66 24.47 -3.84
CA PRO B 156 22.68 25.53 -4.10
C PRO B 156 22.09 26.17 -2.84
N GLY B 157 21.54 27.38 -2.98
CA GLY B 157 21.10 28.15 -1.84
C GLY B 157 19.69 27.80 -1.37
N ALA B 158 19.26 28.49 -0.31
CA ALA B 158 17.93 28.30 0.24
C ALA B 158 16.84 28.70 -0.75
N ASP B 159 17.15 29.63 -1.65
CA ASP B 159 16.22 29.97 -2.71
C ASP B 159 15.88 28.73 -3.53
N PHE B 160 16.93 28.00 -3.94
CA PHE B 160 16.72 26.80 -4.74
C PHE B 160 15.91 25.75 -3.96
N ARG B 161 16.30 25.47 -2.72
CA ARG B 161 15.55 24.50 -1.91
C ARG B 161 14.09 24.91 -1.82
N LEU B 162 13.86 26.20 -1.55
CA LEU B 162 12.50 26.70 -1.36
C LEU B 162 11.69 26.56 -2.63
N MET B 163 12.30 26.88 -3.77
CA MET B 163 11.63 26.69 -5.06
C MET B 163 11.13 25.25 -5.22
N ASN B 164 11.96 24.27 -4.83
CA ASN B 164 11.55 22.88 -4.92
C ASN B 164 10.58 22.48 -3.80
N LEU B 165 10.75 23.01 -2.59
CA LEU B 165 9.80 22.70 -1.53
C LEU B 165 8.39 23.16 -1.87
N LEU B 166 8.28 24.34 -2.49
CA LEU B 166 6.99 24.93 -2.81
C LEU B 166 6.41 24.43 -4.12
N GLY B 167 7.26 23.93 -5.01
CA GLY B 167 6.82 23.65 -6.36
C GLY B 167 6.70 24.87 -7.23
N LEU B 168 7.64 25.80 -7.15
CA LEU B 168 7.62 26.92 -8.07
C LEU B 168 8.06 26.45 -9.46
N GLU B 169 7.76 27.26 -10.49
CA GLU B 169 8.22 26.92 -11.82
C GLU B 169 9.75 26.85 -11.86
N PRO B 170 10.33 25.92 -12.62
CA PRO B 170 11.80 25.90 -12.80
C PRO B 170 12.36 27.16 -13.48
N SER B 171 11.54 27.91 -14.20
CA SER B 171 11.95 29.16 -14.80
C SER B 171 11.81 30.37 -13.85
N VAL B 172 11.48 30.16 -12.57
CA VAL B 172 11.41 31.28 -11.65
C VAL B 172 12.79 31.91 -11.55
N ASN B 173 12.83 33.26 -11.56
CA ASN B 173 14.09 34.00 -11.49
C ASN B 173 14.47 34.20 -10.03
N ARG B 174 15.64 33.72 -9.65
CA ARG B 174 16.00 33.60 -8.26
C ARG B 174 17.15 34.53 -7.92
N LEU B 175 17.11 35.03 -6.67
CA LEU B 175 18.18 35.83 -6.11
C LEU B 175 18.31 35.47 -4.64
N MET B 176 19.54 35.11 -4.21
CA MET B 176 19.82 34.59 -2.87
C MET B 176 20.90 35.43 -2.19
N ILE B 177 20.59 36.03 -1.04
CA ILE B 177 21.51 36.94 -0.34
C ILE B 177 21.79 36.43 1.07
N TYR B 178 23.01 35.92 1.29
CA TYR B 178 23.42 35.36 2.57
C TYR B 178 24.24 36.38 3.36
N THR B 179 24.07 36.36 4.69
CA THR B 179 25.01 36.94 5.67
C THR B 179 25.30 38.42 5.40
N GLN B 180 24.27 39.26 5.53
CA GLN B 180 24.56 40.67 5.29
C GLN B 180 24.16 41.63 6.41
N GLY B 181 23.08 41.36 7.13
CA GLY B 181 22.72 42.21 8.25
C GLY B 181 21.27 42.65 8.20
N CYS B 182 20.91 43.48 9.18
CA CYS B 182 19.51 43.84 9.40
C CYS B 182 19.03 44.95 8.45
N TYR B 183 19.92 45.59 7.69
CA TYR B 183 19.46 46.51 6.68
C TYR B 183 18.82 45.81 5.50
N MET B 184 18.82 44.47 5.49
CA MET B 184 18.31 43.75 4.34
C MET B 184 16.81 43.89 4.16
N GLY B 185 16.08 44.21 5.22
CA GLY B 185 14.64 44.39 5.08
C GLY B 185 14.29 45.44 4.03
N GLY B 186 14.82 46.65 4.21
CA GLY B 186 14.61 47.69 3.22
C GLY B 186 15.35 47.46 1.92
N ALA B 187 16.53 46.81 1.97
CA ALA B 187 17.34 46.62 0.76
C ALA B 187 16.69 45.64 -0.20
N ALA B 188 16.22 44.49 0.32
CA ALA B 188 15.55 43.53 -0.53
C ALA B 188 14.24 44.09 -1.06
N MET B 189 13.64 44.99 -0.29
CA MET B 189 12.42 45.66 -0.72
C MET B 189 12.68 46.58 -1.92
N ARG B 190 13.83 47.26 -1.93
CA ARG B 190 14.19 48.08 -3.10
C ARG B 190 14.31 47.22 -4.34
N HIS B 191 15.04 46.10 -4.24
CA HIS B 191 15.23 45.23 -5.40
C HIS B 191 13.91 44.64 -5.86
N ALA B 192 13.04 44.27 -4.91
CA ALA B 192 11.71 43.79 -5.26
C ALA B 192 10.92 44.87 -6.00
N LYS B 193 11.05 46.12 -5.57
CA LYS B 193 10.39 47.21 -6.28
C LYS B 193 10.88 47.30 -7.73
N ASP B 194 12.21 47.29 -7.93
CA ASP B 194 12.76 47.42 -9.28
C ASP B 194 12.30 46.29 -10.20
N ILE B 195 12.35 45.05 -9.72
CA ILE B 195 11.86 43.92 -10.49
C ILE B 195 10.38 44.11 -10.82
N ALA B 196 9.56 44.38 -9.80
CA ALA B 196 8.12 44.43 -10.00
C ALA B 196 7.73 45.50 -11.00
N GLU B 197 8.41 46.64 -10.96
CA GLU B 197 8.03 47.74 -11.81
C GLU B 197 8.60 47.61 -13.22
N ASN B 198 9.77 47.00 -13.36
CA ASN B 198 10.36 46.89 -14.68
C ASN B 198 9.82 45.73 -15.52
N ASN B 199 9.01 44.84 -14.95
CA ASN B 199 8.57 43.63 -15.64
C ASN B 199 7.08 43.39 -15.48
N ALA B 200 6.30 43.78 -16.50
CA ALA B 200 4.87 43.54 -16.48
C ALA B 200 4.60 42.06 -16.25
N GLY B 201 3.65 41.77 -15.37
CA GLY B 201 3.33 40.41 -15.00
C GLY B 201 4.13 39.89 -13.83
N ALA B 202 5.27 40.51 -13.52
CA ALA B 202 6.11 40.00 -12.44
C ALA B 202 5.36 39.97 -11.13
N ARG B 203 5.52 38.88 -10.40
CA ARG B 203 5.04 38.75 -9.04
C ARG B 203 6.17 38.13 -8.23
N VAL B 204 6.68 38.87 -7.25
CA VAL B 204 7.94 38.53 -6.57
C VAL B 204 7.64 37.91 -5.23
N LEU B 205 8.19 36.72 -4.99
CA LEU B 205 8.14 36.12 -3.69
C LEU B 205 9.40 36.52 -2.94
N LEU B 206 9.23 37.24 -1.85
CA LEU B 206 10.34 37.78 -1.08
C LEU B 206 10.32 37.13 0.29
N VAL B 207 11.40 36.41 0.63
CA VAL B 207 11.46 35.61 1.86
C VAL B 207 12.70 35.97 2.67
N PHE B 208 12.48 36.26 3.96
CA PHE B 208 13.55 36.49 4.91
C PHE B 208 13.46 35.44 6.00
N CYS B 209 14.56 34.75 6.25
CA CYS B 209 14.66 33.82 7.37
C CYS B 209 16.02 33.99 8.04
N ASP B 210 16.01 34.54 9.23
CA ASP B 210 17.25 34.75 9.97
C ASP B 210 17.14 33.89 11.22
N LEU B 211 17.92 32.81 11.24
CA LEU B 211 18.05 31.95 12.40
C LEU B 211 19.36 32.31 13.06
N MET B 212 19.29 32.64 14.35
CA MET B 212 20.43 33.21 15.03
C MET B 212 21.34 32.16 15.64
N ASP B 213 21.17 30.88 15.29
CA ASP B 213 21.99 29.82 15.86
C ASP B 213 23.49 30.11 15.71
N MET B 214 23.90 30.77 14.61
CA MET B 214 25.33 31.01 14.42
C MET B 214 25.91 32.01 15.43
N TYR B 215 25.07 32.79 16.11
CA TYR B 215 25.53 33.79 17.06
C TYR B 215 25.44 33.34 18.50
N PHE B 216 24.89 32.15 18.75
CA PHE B 216 24.82 31.57 20.09
C PHE B 216 26.22 31.14 20.55
N HIS B 217 26.68 31.71 21.68
CA HIS B 217 27.97 31.38 22.23
C HIS B 217 27.86 31.32 23.75
N ALA B 218 28.86 30.72 24.38
CA ALA B 218 28.93 30.80 25.83
C ALA B 218 28.98 32.27 26.24
N PRO B 219 28.34 32.65 27.35
CA PRO B 219 28.28 34.06 27.72
C PRO B 219 29.68 34.63 27.92
N GLN B 220 29.92 35.81 27.35
CA GLN B 220 31.20 36.48 27.54
C GLN B 220 30.97 37.80 28.27
N ASN B 221 32.03 38.29 28.92
CA ASN B 221 31.96 39.59 29.57
C ASN B 221 32.15 40.67 28.51
N ARG B 222 31.19 40.70 27.60
CA ARG B 222 31.14 41.62 26.47
C ARG B 222 29.71 42.13 26.36
N VAL B 223 29.52 43.44 26.47
CA VAL B 223 28.16 43.98 26.53
C VAL B 223 27.37 43.64 25.26
N ASP B 224 28.02 43.79 24.10
CA ASP B 224 27.34 43.57 22.81
C ASP B 224 26.93 42.11 22.62
N LEU B 225 27.83 41.17 22.89
CA LEU B 225 27.46 39.77 22.76
C LEU B 225 26.34 39.39 23.70
N LEU B 226 26.33 39.95 24.92
CA LEU B 226 25.26 39.64 25.87
C LEU B 226 23.93 40.22 25.40
N VAL B 227 23.92 41.48 24.94
CA VAL B 227 22.69 42.06 24.41
C VAL B 227 22.16 41.23 23.24
N GLY B 228 23.05 40.82 22.33
CA GLY B 228 22.61 39.97 21.23
C GLY B 228 21.99 38.68 21.75
N GLN B 229 22.60 38.09 22.76
CA GLN B 229 22.07 36.88 23.37
C GLN B 229 20.71 37.12 24.02
N ALA B 230 20.43 38.37 24.43
CA ALA B 230 19.16 38.73 25.03
C ALA B 230 18.08 39.09 24.02
N VAL B 231 18.46 39.58 22.85
CA VAL B 231 17.52 40.27 21.97
C VAL B 231 17.25 39.48 20.70
N PHE B 232 18.26 38.85 20.12
CA PHE B 232 18.06 38.16 18.85
C PHE B 232 17.02 37.04 19.01
N GLY B 233 16.01 37.03 18.14
CA GLY B 233 15.03 35.97 18.07
C GLY B 233 14.99 35.40 16.67
N ASP B 234 14.27 34.29 16.53
CA ASP B 234 14.20 33.60 15.25
C ASP B 234 12.80 33.73 14.67
N GLY B 235 12.75 33.82 13.34
CA GLY B 235 11.49 33.93 12.61
C GLY B 235 11.77 34.12 11.14
N ALA B 236 10.71 33.93 10.36
CA ALA B 236 10.76 34.13 8.91
C ALA B 236 9.52 34.91 8.49
N ALA B 237 9.70 35.78 7.49
CA ALA B 237 8.61 36.58 6.93
C ALA B 237 8.65 36.52 5.40
N ALA B 238 7.47 36.38 4.81
CA ALA B 238 7.33 36.23 3.37
C ALA B 238 6.35 37.24 2.83
N LEU B 239 6.64 37.77 1.65
CA LEU B 239 5.81 38.75 0.97
C LEU B 239 5.63 38.41 -0.50
N ILE B 240 4.50 38.82 -1.07
CA ILE B 240 4.34 38.90 -2.50
C ILE B 240 4.32 40.36 -2.87
N VAL B 241 5.16 40.77 -3.83
CA VAL B 241 5.23 42.15 -4.30
C VAL B 241 5.03 42.15 -5.80
N GLY B 242 4.16 43.04 -6.28
CA GLY B 242 3.93 43.19 -7.69
C GLY B 242 3.39 44.57 -8.00
N ALA B 243 3.60 44.99 -9.26
CA ALA B 243 2.98 46.20 -9.79
C ALA B 243 1.71 45.80 -10.52
N ASP B 244 0.76 46.75 -10.56
CA ASP B 244 -0.52 46.63 -11.26
C ASP B 244 -1.29 45.41 -10.75
N PRO B 245 -1.90 45.52 -9.57
CA PRO B 245 -2.80 44.45 -9.08
C PRO B 245 -3.93 44.16 -10.05
N ASP B 246 -4.30 42.88 -10.14
CA ASP B 246 -5.41 42.47 -10.99
C ASP B 246 -6.72 42.60 -10.24
N ASP B 247 -7.66 43.36 -10.80
CA ASP B 247 -8.99 43.43 -10.22
C ASP B 247 -9.79 42.15 -10.49
N ASP B 248 -9.60 41.55 -11.68
CA ASP B 248 -10.36 40.35 -12.08
C ASP B 248 -10.07 39.14 -11.20
N CYS B 249 -9.14 39.24 -10.26
CA CYS B 249 -8.86 38.17 -9.32
C CYS B 249 -8.68 38.79 -7.93
N THR B 250 -8.50 37.91 -6.94
CA THR B 250 -8.54 38.33 -5.55
C THR B 250 -7.28 39.01 -5.09
N GLU B 251 -6.45 39.47 -6.01
CA GLU B 251 -5.29 40.26 -5.61
C GLU B 251 -5.76 41.55 -4.94
N ARG B 252 -5.15 41.89 -3.80
CA ARG B 252 -5.57 43.07 -3.05
C ARG B 252 -4.38 43.69 -2.32
N PRO B 253 -4.06 44.94 -2.63
CA PRO B 253 -2.83 45.54 -2.09
C PRO B 253 -2.96 45.91 -0.62
N LEU B 254 -1.83 45.84 0.08
CA LEU B 254 -1.72 46.28 1.47
C LEU B 254 -0.96 47.58 1.62
N PHE B 255 0.18 47.73 0.95
CA PHE B 255 0.99 48.94 0.96
C PHE B 255 1.61 49.09 -0.40
N GLN B 256 1.97 50.33 -0.77
CA GLN B 256 2.65 50.63 -2.04
C GLN B 256 4.03 51.20 -1.75
N VAL B 257 5.04 50.74 -2.50
CA VAL B 257 6.42 51.13 -2.25
C VAL B 257 6.75 52.31 -3.16
N VAL B 258 6.87 53.50 -2.58
CA VAL B 258 6.97 54.72 -3.36
C VAL B 258 8.42 55.05 -3.70
N SER B 259 9.33 54.98 -2.72
CA SER B 259 10.74 55.27 -3.01
C SER B 259 11.61 54.56 -1.98
N CYS B 260 12.81 54.20 -2.42
CA CYS B 260 13.75 53.48 -1.57
C CYS B 260 15.09 54.20 -1.62
N ALA B 261 15.69 54.41 -0.45
CA ALA B 261 16.98 55.06 -0.36
C ALA B 261 17.82 54.31 0.65
N GLU B 262 19.13 54.35 0.45
CA GLU B 262 20.05 53.64 1.30
C GLU B 262 21.22 54.55 1.59
N ARG B 263 21.71 54.54 2.83
CA ARG B 263 22.83 55.41 3.15
C ARG B 263 23.78 54.72 4.12
N ALA B 264 25.06 54.79 3.77
CA ALA B 264 26.15 54.40 4.65
C ALA B 264 26.59 55.63 5.43
N VAL B 265 26.38 55.60 6.74
CA VAL B 265 26.72 56.71 7.62
C VAL B 265 28.23 56.88 7.62
N PRO B 266 28.77 58.02 7.15
CA PRO B 266 30.23 58.18 7.12
C PRO B 266 30.87 58.08 8.51
N GLY B 267 32.01 57.39 8.58
CA GLY B 267 32.77 57.25 9.82
C GLY B 267 32.33 56.16 10.78
N THR B 268 31.44 55.26 10.37
CA THR B 268 30.92 54.26 11.28
C THR B 268 31.28 52.84 10.84
N GLN B 269 32.36 52.69 10.07
CA GLN B 269 32.69 51.37 9.53
C GLN B 269 32.68 50.30 10.61
N ASP B 270 33.22 50.64 11.78
CA ASP B 270 33.51 49.64 12.80
C ASP B 270 32.36 49.43 13.78
N TYR B 271 31.27 50.19 13.66
CA TYR B 271 30.20 50.09 14.66
C TYR B 271 29.57 48.71 14.65
N ILE B 272 29.41 48.09 13.48
CA ILE B 272 28.91 46.72 13.37
C ILE B 272 29.82 45.94 12.43
N LYS B 273 30.44 44.88 12.97
CA LYS B 273 31.26 43.92 12.24
C LYS B 273 30.84 42.52 12.66
N ALA B 274 30.93 41.59 11.71
CA ALA B 274 30.70 40.18 12.02
C ALA B 274 31.56 39.35 11.08
N HIS B 275 32.27 38.36 11.61
CA HIS B 275 33.18 37.52 10.83
C HIS B 275 32.75 36.07 10.93
N LEU B 276 32.68 35.41 9.79
CA LEU B 276 32.39 33.99 9.74
C LEU B 276 33.68 33.22 9.95
N LYS B 277 33.73 32.46 11.05
CA LYS B 277 34.92 31.76 11.49
C LYS B 277 34.56 30.31 11.81
N GLU B 278 35.58 29.53 12.17
CA GLU B 278 35.39 28.11 12.49
C GLU B 278 34.50 27.93 13.71
N MET B 279 34.51 28.90 14.63
CA MET B 279 33.65 28.88 15.82
C MET B 279 32.23 29.38 15.53
N GLY B 280 31.94 29.79 14.30
CA GLY B 280 30.64 30.32 13.97
C GLY B 280 30.74 31.80 13.62
N MET B 281 29.69 32.56 13.94
CA MET B 281 29.66 33.99 13.64
C MET B 281 30.20 34.76 14.83
N GLU B 282 31.24 35.55 14.59
CA GLU B 282 31.91 36.37 15.61
C GLU B 282 31.49 37.83 15.42
N LEU B 283 30.60 38.30 16.28
CA LEU B 283 29.97 39.61 16.13
C LEU B 283 30.70 40.68 16.94
N HIS B 284 30.73 41.90 16.39
CA HIS B 284 31.26 43.07 17.08
C HIS B 284 30.30 44.22 16.87
N LEU B 285 29.74 44.75 17.96
CA LEU B 285 28.65 45.72 17.85
C LEU B 285 28.86 46.84 18.87
N SER B 286 29.16 48.05 18.40
CA SER B 286 29.41 49.18 19.30
C SER B 286 28.15 49.64 20.02
N THR B 287 28.30 50.04 21.28
CA THR B 287 27.15 50.59 22.00
C THR B 287 26.76 51.99 21.54
N ASP B 288 27.58 52.67 20.74
CA ASP B 288 27.17 53.98 20.27
C ASP B 288 26.16 53.93 19.13
N VAL B 289 25.76 52.71 18.70
CA VAL B 289 24.82 52.58 17.57
C VAL B 289 23.53 53.37 17.77
N PRO B 290 22.77 53.21 18.87
CA PRO B 290 21.48 53.92 18.96
C PRO B 290 21.65 55.42 18.89
N ARG B 291 22.66 55.96 19.58
CA ARG B 291 22.90 57.38 19.54
C ARG B 291 23.19 57.85 18.12
N MET B 292 24.05 57.11 17.41
CA MET B 292 24.38 57.47 16.04
C MET B 292 23.13 57.46 15.18
N ILE B 293 22.29 56.45 15.37
CA ILE B 293 21.03 56.37 14.64
C ILE B 293 20.15 57.55 14.98
N GLY B 294 20.00 57.84 16.28
CA GLY B 294 19.19 58.99 16.67
C GLY B 294 19.70 60.29 16.09
N LYS B 295 21.03 60.42 15.98
CA LYS B 295 21.64 61.66 15.50
C LYS B 295 21.35 61.90 14.02
N ASN B 296 21.19 60.83 13.24
CA ASN B 296 21.08 60.94 11.79
C ASN B 296 19.65 60.79 11.28
N ILE B 297 18.72 60.33 12.13
CA ILE B 297 17.43 59.86 11.64
C ILE B 297 16.63 60.99 10.97
N GLU B 298 16.65 62.21 11.54
CA GLU B 298 15.83 63.28 10.97
C GLU B 298 16.30 63.71 9.59
N LYS B 299 17.61 63.85 9.40
CA LYS B 299 18.13 64.26 8.09
C LYS B 299 17.79 63.23 7.02
N LEU B 300 17.89 61.93 7.37
CA LEU B 300 17.48 60.87 6.45
C LEU B 300 15.98 60.92 6.18
N LEU B 301 15.18 61.07 7.22
CA LEU B 301 13.73 61.11 7.00
C LEU B 301 13.36 62.32 6.13
N ALA B 302 13.91 63.49 6.43
CA ALA B 302 13.58 64.69 5.67
C ALA B 302 13.95 64.55 4.20
N ASP B 303 15.12 63.98 3.90
CA ASP B 303 15.49 63.80 2.50
C ASP B 303 14.47 62.92 1.77
N ALA B 304 13.90 61.93 2.46
CA ALA B 304 13.03 60.96 1.81
C ALA B 304 11.65 61.55 1.51
N VAL B 305 11.07 62.27 2.47
CA VAL B 305 9.65 62.63 2.38
C VAL B 305 9.43 64.10 2.01
N SER B 306 10.45 64.94 2.03
CA SER B 306 10.25 66.29 1.51
C SER B 306 9.74 66.30 0.08
N PRO B 307 10.23 65.47 -0.85
CA PRO B 307 9.68 65.51 -2.22
C PRO B 307 8.19 65.30 -2.28
N PHE B 308 7.60 64.79 -1.20
CA PHE B 308 6.15 64.62 -1.08
C PHE B 308 5.52 65.64 -0.14
N GLY B 309 6.21 66.76 0.13
CA GLY B 309 5.67 67.89 0.88
C GLY B 309 5.46 67.64 2.36
N ILE B 310 6.08 66.60 2.90
CA ILE B 310 5.84 66.20 4.27
C ILE B 310 6.91 66.82 5.15
N SER B 311 6.47 67.56 6.17
CA SER B 311 7.37 68.12 7.15
C SER B 311 6.94 67.89 8.60
N ASP B 312 5.73 67.40 8.85
CA ASP B 312 5.30 67.00 10.20
C ASP B 312 5.52 65.49 10.32
N TRP B 313 6.51 65.08 11.14
CA TRP B 313 6.83 63.67 11.22
C TRP B 313 5.71 62.84 11.83
N ASN B 314 4.84 63.45 12.63
CA ASN B 314 3.74 62.67 13.18
C ASN B 314 2.60 62.46 12.19
N SER B 315 2.70 63.01 10.97
CA SER B 315 1.72 62.68 9.94
C SER B 315 2.02 61.36 9.23
N LEU B 316 3.16 60.72 9.53
CA LEU B 316 3.53 59.43 8.95
C LEU B 316 3.18 58.30 9.91
N PHE B 317 2.95 57.11 9.34
CA PHE B 317 3.01 55.89 10.13
C PHE B 317 4.40 55.27 10.02
N TYR B 318 4.80 54.51 11.03
CA TYR B 318 6.19 54.09 11.17
C TYR B 318 6.33 52.58 11.25
N ILE B 319 7.28 52.06 10.47
CA ILE B 319 7.83 50.72 10.67
C ILE B 319 9.31 50.92 10.87
N VAL B 320 9.79 50.66 12.09
CA VAL B 320 11.18 50.89 12.49
C VAL B 320 11.80 49.55 12.84
N HIS B 321 12.90 49.22 12.18
CA HIS B 321 13.62 48.01 12.55
C HIS B 321 13.94 47.99 14.04
N PRO B 322 13.42 47.00 14.81
CA PRO B 322 13.68 46.97 16.27
C PRO B 322 15.00 46.30 16.65
N GLY B 323 16.12 46.92 16.25
CA GLY B 323 17.43 46.37 16.60
C GLY B 323 17.65 46.26 18.10
N ALA B 324 17.31 47.32 18.83
CA ALA B 324 17.28 47.32 20.29
C ALA B 324 16.33 48.42 20.75
N VAL B 325 15.77 48.24 21.97
CA VAL B 325 14.81 49.21 22.49
C VAL B 325 15.42 50.61 22.57
N ALA B 326 16.74 50.69 22.81
CA ALA B 326 17.41 51.99 22.78
C ALA B 326 17.24 52.68 21.42
N ILE B 327 17.23 51.89 20.33
CA ILE B 327 17.06 52.44 18.98
C ILE B 327 15.65 53.00 18.80
N LEU B 328 14.64 52.27 19.23
CA LEU B 328 13.30 52.81 19.13
C LEU B 328 13.19 54.09 19.93
N ASP B 329 13.74 54.11 21.15
CA ASP B 329 13.70 55.32 21.97
C ASP B 329 14.44 56.47 21.30
N GLN B 330 15.62 56.21 20.72
CA GLN B 330 16.37 57.25 19.99
C GLN B 330 15.59 57.80 18.79
N VAL B 331 14.96 56.91 18.02
CA VAL B 331 14.19 57.35 16.86
C VAL B 331 13.00 58.20 17.31
N GLU B 332 12.25 57.71 18.29
CA GLU B 332 11.13 58.46 18.86
C GLU B 332 11.58 59.83 19.35
N GLU B 333 12.71 59.87 20.08
CA GLU B 333 13.13 61.13 20.70
C GLU B 333 13.57 62.15 19.65
N ASN B 334 14.42 61.74 18.72
CA ASN B 334 15.01 62.67 17.77
C ASN B 334 14.06 63.07 16.64
N LEU B 335 12.92 62.39 16.49
CA LEU B 335 11.86 62.80 15.57
C LEU B 335 10.67 63.49 16.25
N GLY B 336 10.63 63.52 17.58
CA GLY B 336 9.47 64.06 18.24
C GLY B 336 8.20 63.27 18.01
N LEU B 337 8.28 61.94 18.12
CA LEU B 337 7.09 61.15 17.87
C LEU B 337 6.25 61.04 19.13
N GLY B 338 4.93 61.03 18.95
CA GLY B 338 4.05 60.75 20.05
C GLY B 338 4.30 59.36 20.61
N GLU B 339 3.89 59.18 21.88
CA GLU B 339 4.25 57.97 22.62
C GLU B 339 3.74 56.71 21.94
N ASP B 340 2.65 56.80 21.18
CA ASP B 340 2.05 55.61 20.57
C ASP B 340 2.41 55.42 19.09
N LYS B 341 3.28 56.28 18.55
CA LYS B 341 3.63 56.20 17.14
C LYS B 341 4.34 54.90 16.80
N LEU B 342 5.22 54.45 17.69
CA LEU B 342 6.02 53.25 17.47
C LEU B 342 5.40 52.03 18.13
N ARG B 343 4.07 52.06 18.33
CA ARG B 343 3.37 50.98 19.01
C ARG B 343 3.69 49.62 18.39
N ALA B 344 3.47 49.49 17.07
CA ALA B 344 3.63 48.22 16.37
C ALA B 344 5.08 47.71 16.44
N SER B 345 6.05 48.62 16.34
CA SER B 345 7.44 48.18 16.37
C SER B 345 7.83 47.64 17.74
N ARG B 346 7.47 48.36 18.81
CA ARG B 346 7.72 47.86 20.16
C ARG B 346 6.94 46.59 20.44
N TYR B 347 5.75 46.45 19.84
CA TYR B 347 5.02 45.20 20.00
C TYR B 347 5.83 44.03 19.47
N VAL B 348 6.35 44.13 18.23
CA VAL B 348 7.08 43.00 17.67
C VAL B 348 8.32 42.72 18.51
N LEU B 349 9.05 43.76 18.89
CA LEU B 349 10.21 43.56 19.77
C LEU B 349 9.79 42.85 21.05
N SER B 350 8.65 43.26 21.62
CA SER B 350 8.17 42.67 22.86
C SER B 350 7.85 41.21 22.70
N GLU B 351 7.03 40.88 21.68
CA GLU B 351 6.53 39.52 21.52
C GLU B 351 7.48 38.60 20.78
N TYR B 352 8.52 39.13 20.10
CA TYR B 352 9.32 38.30 19.22
C TYR B 352 10.83 38.48 19.35
N GLY B 353 11.33 39.56 19.94
CA GLY B 353 12.73 39.85 19.87
C GLY B 353 13.13 40.43 18.51
N ASN B 354 14.44 40.52 18.30
CA ASN B 354 15.00 41.05 17.05
C ASN B 354 15.23 39.88 16.11
N MET B 355 14.37 39.74 15.11
CA MET B 355 14.48 38.64 14.15
C MET B 355 15.25 39.04 12.90
N GLY B 356 16.21 39.95 13.02
CA GLY B 356 16.96 40.35 11.83
C GLY B 356 16.07 41.06 10.83
N ALA B 357 16.32 40.79 9.55
CA ALA B 357 15.62 41.47 8.47
C ALA B 357 14.13 41.14 8.43
N ALA B 358 13.71 40.00 8.95
CA ALA B 358 12.28 39.66 8.91
C ALA B 358 11.43 40.59 9.77
N SER B 359 12.05 41.27 10.74
CA SER B 359 11.33 42.00 11.79
C SER B 359 10.34 43.02 11.22
N VAL B 360 10.82 43.92 10.35
CA VAL B 360 9.95 45.00 9.86
C VAL B 360 8.71 44.45 9.19
N PHE B 361 8.79 43.23 8.68
CA PHE B 361 7.64 42.65 8.00
C PHE B 361 6.67 42.01 9.00
N PHE B 362 7.18 41.51 10.12
CA PHE B 362 6.33 41.22 11.26
C PHE B 362 5.59 42.47 11.71
N ILE B 363 6.31 43.60 11.77
CA ILE B 363 5.73 44.88 12.17
C ILE B 363 4.71 45.36 11.16
N LEU B 364 5.07 45.32 9.88
CA LEU B 364 4.13 45.70 8.84
C LEU B 364 2.90 44.80 8.90
N ASP B 365 3.11 43.50 9.13
CA ASP B 365 1.98 42.59 9.31
C ASP B 365 1.14 43.00 10.51
N GLU B 366 1.80 43.29 11.64
CA GLU B 366 1.07 43.70 12.84
C GLU B 366 0.25 44.96 12.59
N MET B 367 0.82 45.93 11.86
CA MET B 367 0.15 47.20 11.65
C MET B 367 -1.11 47.05 10.81
N ARG B 368 -1.03 46.30 9.70
CA ARG B 368 -2.23 46.07 8.89
C ARG B 368 -3.32 45.36 9.69
N ASN B 369 -2.92 44.46 10.58
CA ASN B 369 -3.92 43.73 11.35
C ASN B 369 -4.51 44.59 12.44
N LYS B 370 -3.66 45.29 13.20
CA LYS B 370 -4.16 46.17 14.26
C LYS B 370 -5.02 47.28 13.70
N SER B 371 -4.65 47.81 12.53
CA SER B 371 -5.46 48.86 11.92
C SER B 371 -6.86 48.34 11.59
N ALA B 372 -6.92 47.16 10.96
CA ALA B 372 -8.21 46.52 10.69
C ALA B 372 -8.97 46.25 12.00
N GLU B 373 -8.30 45.65 12.97
CA GLU B 373 -8.93 45.32 14.25
C GLU B 373 -9.49 46.57 14.93
N GLU B 374 -8.82 47.71 14.76
CA GLU B 374 -9.26 48.99 15.30
C GLU B 374 -10.19 49.72 14.34
N GLY B 375 -10.53 49.11 13.21
CA GLY B 375 -11.43 49.76 12.26
C GLY B 375 -10.89 51.04 11.64
N LYS B 376 -9.57 51.22 11.59
CA LYS B 376 -9.00 52.38 10.93
C LYS B 376 -9.35 52.40 9.45
N LEU B 377 -9.23 53.57 8.84
CA LEU B 377 -9.61 53.70 7.44
C LEU B 377 -8.51 53.35 6.47
N THR B 378 -7.28 53.09 6.94
CA THR B 378 -6.21 52.62 6.08
C THR B 378 -5.35 51.61 6.82
N THR B 379 -4.57 50.87 6.03
CA THR B 379 -3.63 49.90 6.57
C THR B 379 -2.47 50.54 7.32
N GLY B 380 -2.27 51.86 7.16
CA GLY B 380 -1.22 52.56 7.87
C GLY B 380 -1.71 53.40 9.04
N GLU B 381 -2.46 52.76 9.94
CA GLU B 381 -2.98 53.36 11.18
C GLU B 381 -3.84 54.59 10.88
N GLY B 382 -4.61 54.51 9.80
CA GLY B 382 -5.43 55.61 9.36
C GLY B 382 -4.69 56.65 8.55
N LEU B 383 -3.37 56.67 8.59
CA LEU B 383 -2.61 57.62 7.80
C LEU B 383 -2.28 57.04 6.44
N GLU B 384 -1.87 57.93 5.55
CA GLU B 384 -1.69 57.67 4.13
C GLU B 384 -0.23 57.43 3.81
N TRP B 385 0.64 58.28 4.31
CA TRP B 385 2.07 58.14 4.06
C TRP B 385 2.74 57.55 5.29
N GLY B 386 3.77 56.76 5.03
CA GLY B 386 4.53 56.16 6.11
C GLY B 386 5.93 55.86 5.62
N VAL B 387 6.79 55.53 6.58
CA VAL B 387 8.19 55.28 6.30
C VAL B 387 8.62 54.02 7.05
N LEU B 388 9.48 53.21 6.41
CA LEU B 388 10.05 52.01 6.99
C LEU B 388 11.56 52.18 7.15
N PHE B 389 12.08 51.89 8.34
CA PHE B 389 13.51 52.03 8.63
C PHE B 389 14.14 50.67 8.92
N SER B 390 15.23 50.37 8.22
CA SER B 390 16.12 49.26 8.55
C SER B 390 17.52 49.80 8.83
N PHE B 391 18.18 49.19 9.81
CA PHE B 391 19.52 49.58 10.19
C PHE B 391 20.38 48.34 10.24
N GLY B 392 21.60 48.46 9.74
CA GLY B 392 22.54 47.38 9.84
C GLY B 392 23.96 47.89 9.73
N PRO B 393 24.90 46.97 9.50
CA PRO B 393 26.31 47.28 9.26
C PRO B 393 26.45 48.15 8.01
N GLY B 394 27.31 49.15 7.99
CA GLY B 394 28.10 49.58 9.11
C GLY B 394 28.54 50.98 8.77
N LEU B 395 27.71 51.99 9.05
CA LEU B 395 26.29 51.82 9.38
C LEU B 395 25.46 52.09 8.13
N THR B 396 24.57 51.16 7.78
CA THR B 396 23.67 51.31 6.64
C THR B 396 22.23 51.50 7.13
N VAL B 397 21.54 52.51 6.58
CA VAL B 397 20.15 52.78 6.93
C VAL B 397 19.29 52.76 5.66
N GLU B 398 18.18 52.03 5.70
CA GLU B 398 17.22 51.99 4.60
C GLU B 398 16.01 52.85 4.91
N THR B 399 15.63 53.70 3.96
CA THR B 399 14.45 54.53 4.12
C THR B 399 13.52 54.26 2.94
N VAL B 400 12.39 53.61 3.26
CA VAL B 400 11.40 53.16 2.29
C VAL B 400 10.12 53.92 2.60
N VAL B 401 9.68 54.73 1.64
CA VAL B 401 8.45 55.51 1.79
C VAL B 401 7.26 54.68 1.32
N LEU B 402 6.23 54.60 2.15
CA LEU B 402 5.09 53.75 1.85
C LEU B 402 3.81 54.55 1.75
N LEU B 403 2.89 54.02 0.94
CA LEU B 403 1.51 54.47 0.88
C LEU B 403 0.63 53.35 1.39
N SER B 404 -0.26 53.67 2.32
CA SER B 404 -1.19 52.68 2.83
C SER B 404 -2.29 52.45 1.81
N VAL B 405 -3.19 51.52 2.12
CA VAL B 405 -4.35 51.24 1.28
C VAL B 405 -5.62 51.39 2.11
N PRO B 406 -6.71 51.92 1.54
CA PRO B 406 -7.95 52.06 2.31
C PRO B 406 -8.57 50.73 2.71
N LEU B 407 -9.28 50.73 3.83
CA LEU B 407 -10.00 49.55 4.33
C LEU B 407 -11.50 49.84 4.42
N SER C 16 11.01 0.59 -52.76
CA SER C 16 10.62 1.65 -53.69
C SER C 16 9.26 1.41 -54.28
N PHE C 17 9.15 0.32 -55.02
CA PHE C 17 7.84 -0.08 -55.50
C PHE C 17 6.99 -0.61 -54.37
N SER C 18 7.62 -1.10 -53.30
CA SER C 18 6.86 -1.47 -52.12
C SER C 18 6.35 -0.24 -51.39
N MET C 19 7.10 0.83 -51.40
CA MET C 19 6.67 2.04 -50.74
C MET C 19 5.57 2.80 -51.47
N GLU C 20 5.50 2.74 -52.80
CA GLU C 20 4.38 3.41 -53.44
C GLU C 20 3.08 2.68 -53.13
N LYS C 21 3.17 1.41 -52.69
CA LYS C 21 1.99 0.67 -52.24
C LYS C 21 1.48 1.22 -50.91
N VAL C 22 2.40 1.43 -49.95
CA VAL C 22 2.02 2.04 -48.69
C VAL C 22 1.49 3.44 -48.94
N LYS C 23 2.10 4.14 -49.91
CA LYS C 23 1.72 5.51 -50.19
C LYS C 23 0.41 5.60 -50.95
N ARG C 24 0.05 4.59 -51.73
CA ARG C 24 -1.28 4.60 -52.34
C ARG C 24 -2.36 4.30 -51.31
N ILE C 25 -2.09 3.48 -50.31
CA ILE C 25 -3.09 3.17 -49.29
C ILE C 25 -3.33 4.39 -48.41
N LEU C 26 -2.25 5.04 -47.95
CA LEU C 26 -2.39 6.26 -47.17
C LEU C 26 -3.17 7.32 -47.94
N ASP C 27 -2.78 7.55 -49.20
CA ASP C 27 -3.43 8.57 -50.01
C ASP C 27 -4.92 8.27 -50.15
N ALA C 28 -5.27 6.98 -50.20
CA ALA C 28 -6.67 6.58 -50.38
C ALA C 28 -7.50 6.79 -49.14
N GLN C 29 -6.86 6.76 -47.97
CA GLN C 29 -7.54 6.84 -46.69
C GLN C 29 -7.71 8.26 -46.18
N ARG C 30 -7.12 9.25 -46.85
CA ARG C 30 -7.21 10.64 -46.40
C ARG C 30 -8.63 11.17 -46.54
N THR C 31 -9.04 12.01 -45.60
CA THR C 31 -10.29 12.77 -45.62
C THR C 31 -9.98 14.26 -45.74
N GLU C 32 -11.04 15.07 -45.93
CA GLU C 32 -10.87 16.51 -46.07
C GLU C 32 -11.46 17.31 -44.93
N GLY C 33 -12.72 17.08 -44.59
CA GLY C 33 -13.38 17.82 -43.53
C GLY C 33 -13.11 17.23 -42.16
N PRO C 34 -13.72 17.82 -41.13
CA PRO C 34 -13.60 17.28 -39.78
C PRO C 34 -14.61 16.19 -39.51
N ALA C 35 -14.33 15.41 -38.45
CA ALA C 35 -15.30 14.46 -37.91
C ALA C 35 -16.58 15.18 -37.52
N THR C 36 -17.74 14.65 -37.94
CA THR C 36 -19.01 15.30 -37.58
C THR C 36 -20.03 14.30 -37.02
N VAL C 37 -20.91 14.77 -36.14
CA VAL C 37 -21.96 13.90 -35.62
C VAL C 37 -23.11 14.01 -36.60
N LEU C 38 -23.53 12.85 -37.13
CA LEU C 38 -24.51 12.79 -38.20
C LEU C 38 -25.89 12.41 -37.73
N ALA C 39 -26.01 11.90 -36.49
CA ALA C 39 -27.28 11.52 -35.86
C ALA C 39 -27.04 11.28 -34.37
N ILE C 40 -28.09 11.47 -33.57
CA ILE C 40 -28.07 11.22 -32.12
C ILE C 40 -29.37 10.54 -31.72
N GLY C 41 -29.25 9.45 -30.97
CA GLY C 41 -30.43 8.79 -30.42
C GLY C 41 -30.18 8.45 -28.96
N THR C 42 -31.20 8.55 -28.13
CA THR C 42 -31.02 8.30 -26.70
C THR C 42 -32.11 7.34 -26.25
N ALA C 43 -31.88 6.69 -25.11
CA ALA C 43 -32.88 5.74 -24.63
C ALA C 43 -32.77 5.60 -23.12
N ASN C 44 -33.88 5.18 -22.52
CA ASN C 44 -33.94 5.05 -21.07
C ASN C 44 -34.63 3.76 -20.65
N PRO C 45 -34.32 3.27 -19.45
CA PRO C 45 -35.11 2.22 -18.83
C PRO C 45 -36.56 2.67 -18.65
N PRO C 46 -37.49 1.73 -18.43
CA PRO C 46 -38.90 2.12 -18.38
C PRO C 46 -39.31 2.82 -17.09
N THR C 47 -38.68 2.52 -15.96
CA THR C 47 -39.17 3.00 -14.66
C THR C 47 -38.80 4.47 -14.46
N CYS C 48 -39.77 5.36 -14.41
CA CYS C 48 -39.48 6.76 -14.17
C CYS C 48 -39.94 7.19 -12.77
N PHE C 49 -39.00 7.61 -11.92
CA PHE C 49 -39.28 8.01 -10.54
C PHE C 49 -39.23 9.53 -10.38
N TYR C 50 -40.24 10.10 -9.75
CA TYR C 50 -40.12 11.50 -9.38
C TYR C 50 -39.11 11.63 -8.25
N GLU C 51 -38.28 12.68 -8.31
CA GLU C 51 -37.29 12.90 -7.27
C GLU C 51 -37.95 13.07 -5.91
N ALA C 52 -39.17 13.64 -5.90
CA ALA C 52 -39.94 13.75 -4.66
C ALA C 52 -40.25 12.40 -4.04
N ASP C 53 -40.63 11.40 -4.85
CA ASP C 53 -41.09 10.11 -4.34
C ASP C 53 -39.96 9.10 -4.11
N TYR C 54 -38.73 9.39 -4.52
CA TYR C 54 -37.62 8.45 -4.39
C TYR C 54 -37.16 8.24 -2.94
N PRO C 55 -37.05 9.26 -2.09
CA PRO C 55 -36.67 8.98 -0.68
C PRO C 55 -37.58 7.98 0.04
N ASP C 56 -38.90 8.06 -0.17
CA ASP C 56 -39.80 7.08 0.45
C ASP C 56 -39.53 5.68 -0.09
N PHE C 57 -39.49 5.55 -1.42
CA PHE C 57 -39.18 4.28 -2.08
C PHE C 57 -37.83 3.73 -1.63
N TYR C 58 -36.80 4.57 -1.69
CA TYR C 58 -35.43 4.13 -1.45
C TYR C 58 -35.26 3.59 -0.04
N PHE C 59 -35.72 4.34 0.97
CA PHE C 59 -35.54 3.90 2.35
C PHE C 59 -36.48 2.74 2.71
N ARG C 60 -37.66 2.67 2.08
CA ARG C 60 -38.55 1.55 2.34
C ARG C 60 -37.93 0.26 1.85
N VAL C 61 -37.54 0.24 0.57
CA VAL C 61 -37.10 -1.00 -0.06
C VAL C 61 -35.75 -1.49 0.48
N THR C 62 -34.96 -0.65 1.16
CA THR C 62 -33.73 -1.10 1.79
C THR C 62 -33.92 -1.39 3.27
N ASN C 63 -35.16 -1.40 3.75
CA ASN C 63 -35.50 -1.67 5.15
C ASN C 63 -34.75 -0.73 6.09
N CYS C 64 -34.74 0.55 5.72
CA CYS C 64 -34.13 1.60 6.51
C CYS C 64 -35.12 2.67 6.97
N GLU C 65 -36.42 2.36 7.01
CA GLU C 65 -37.37 3.36 7.47
C GLU C 65 -37.20 3.67 8.96
N ASP C 66 -36.49 2.83 9.70
CA ASP C 66 -36.14 3.06 11.10
C ASP C 66 -34.98 4.07 11.30
N LYS C 67 -34.51 4.77 10.25
CA LYS C 67 -33.49 5.80 10.37
C LYS C 67 -34.06 7.13 9.87
N PRO C 68 -34.97 7.73 10.63
CA PRO C 68 -35.67 8.91 10.10
C PRO C 68 -34.79 10.14 9.94
N GLU C 69 -33.74 10.31 10.73
CA GLU C 69 -32.90 11.49 10.53
C GLU C 69 -32.10 11.36 9.24
N LEU C 70 -31.63 10.16 8.95
CA LEU C 70 -30.89 9.90 7.71
C LEU C 70 -31.76 10.20 6.49
N LYS C 71 -33.03 9.81 6.56
CA LYS C 71 -33.97 10.08 5.46
C LYS C 71 -34.23 11.58 5.29
N GLU C 72 -34.36 12.32 6.40
CA GLU C 72 -34.53 13.76 6.28
C GLU C 72 -33.31 14.41 5.67
N LYS C 73 -32.11 13.93 6.05
CA LYS C 73 -30.88 14.42 5.41
C LYS C 73 -30.88 14.09 3.93
N PHE C 74 -31.36 12.90 3.56
CA PHE C 74 -31.44 12.54 2.15
C PHE C 74 -32.48 13.38 1.43
N LYS C 75 -33.64 13.63 2.07
CA LYS C 75 -34.70 14.43 1.44
C LYS C 75 -34.21 15.83 1.11
N ARG C 76 -33.43 16.43 2.02
CA ARG C 76 -32.89 17.77 1.77
C ARG C 76 -31.89 17.77 0.64
N ILE C 77 -31.05 16.72 0.55
CA ILE C 77 -30.11 16.63 -0.57
C ILE C 77 -30.85 16.53 -1.90
N SER C 78 -31.87 15.66 -1.97
CA SER C 78 -32.65 15.54 -3.19
C SER C 78 -33.33 16.86 -3.55
N GLU C 79 -33.87 17.58 -2.56
CA GLU C 79 -34.62 18.79 -2.91
C GLU C 79 -33.71 19.89 -3.45
N ARG C 80 -32.47 19.95 -2.94
CA ARG C 80 -31.49 20.90 -3.46
C ARG C 80 -30.81 20.40 -4.74
N SER C 81 -31.15 19.19 -5.19
CA SER C 81 -30.39 18.52 -6.25
C SER C 81 -30.67 19.09 -7.62
N ALA C 82 -31.75 19.84 -7.79
CA ALA C 82 -32.19 20.36 -9.08
C ALA C 82 -32.58 19.27 -10.06
N VAL C 83 -32.82 18.05 -9.55
CA VAL C 83 -33.30 16.92 -10.35
C VAL C 83 -34.78 16.74 -10.07
N LYS C 84 -35.57 16.71 -11.14
CA LYS C 84 -37.02 16.54 -11.04
C LYS C 84 -37.43 15.06 -11.13
N LYS C 85 -36.90 14.33 -12.12
CA LYS C 85 -37.25 12.92 -12.28
C LYS C 85 -36.05 12.21 -12.89
N ARG C 86 -36.03 10.88 -12.70
CA ARG C 86 -34.98 10.01 -13.21
C ARG C 86 -35.60 8.73 -13.75
N TYR C 87 -34.93 8.15 -14.74
CA TYR C 87 -35.22 6.80 -15.19
C TYR C 87 -34.18 5.87 -14.57
N LEU C 88 -34.66 4.87 -13.86
CA LEU C 88 -33.81 3.96 -13.11
C LEU C 88 -34.05 2.53 -13.58
N HIS C 89 -32.96 1.78 -13.72
CA HIS C 89 -33.09 0.38 -14.08
C HIS C 89 -33.48 -0.47 -12.89
N VAL C 90 -32.91 -0.17 -11.73
CA VAL C 90 -33.22 -0.91 -10.50
C VAL C 90 -34.67 -0.70 -10.10
N THR C 91 -35.43 -1.79 -10.07
CA THR C 91 -36.83 -1.78 -9.71
C THR C 91 -37.03 -2.49 -8.39
N GLU C 92 -38.24 -2.36 -7.83
CA GLU C 92 -38.55 -3.09 -6.59
C GLU C 92 -38.50 -4.59 -6.85
N GLU C 93 -38.98 -5.01 -8.02
CA GLU C 93 -38.93 -6.41 -8.40
C GLU C 93 -37.50 -6.93 -8.37
N ILE C 94 -36.56 -6.18 -8.95
CA ILE C 94 -35.17 -6.63 -9.00
C ILE C 94 -34.57 -6.75 -7.60
N LEU C 95 -34.83 -5.77 -6.73
CA LEU C 95 -34.24 -5.81 -5.40
C LEU C 95 -34.81 -6.95 -4.55
N LYS C 96 -36.08 -7.32 -4.74
CA LYS C 96 -36.63 -8.49 -4.04
C LYS C 96 -35.97 -9.78 -4.53
N GLU C 97 -35.68 -9.87 -5.83
CA GLU C 97 -34.99 -11.02 -6.41
C GLU C 97 -33.50 -11.08 -6.05
N ASN C 98 -32.88 -9.97 -5.64
CA ASN C 98 -31.46 -9.96 -5.26
C ASN C 98 -31.30 -9.17 -3.96
N PRO C 99 -31.82 -9.70 -2.86
CA PRO C 99 -31.88 -8.92 -1.60
C PRO C 99 -30.54 -8.47 -1.07
N ASN C 100 -29.43 -9.11 -1.46
CA ASN C 100 -28.12 -8.72 -0.96
C ASN C 100 -27.71 -7.32 -1.42
N MET C 101 -28.31 -6.79 -2.48
CA MET C 101 -28.05 -5.41 -2.89
C MET C 101 -28.48 -4.40 -1.81
N CYS C 102 -29.45 -4.78 -0.98
CA CYS C 102 -29.99 -3.90 0.05
C CYS C 102 -29.30 -4.07 1.40
N SER C 103 -28.39 -5.02 1.50
CA SER C 103 -27.62 -5.22 2.72
C SER C 103 -26.25 -4.61 2.49
N TYR C 104 -25.91 -3.57 3.26
CA TYR C 104 -24.69 -2.83 2.95
C TYR C 104 -23.46 -3.70 3.14
N ARG C 105 -22.61 -3.73 2.12
CA ARG C 105 -21.37 -4.51 1.99
C ARG C 105 -21.62 -6.00 1.79
N ALA C 106 -22.87 -6.45 1.71
CA ALA C 106 -23.14 -7.86 1.44
C ALA C 106 -22.69 -8.24 0.03
N PRO C 107 -22.17 -9.47 -0.15
CA PRO C 107 -21.70 -9.90 -1.48
C PRO C 107 -22.83 -9.93 -2.49
N SER C 108 -22.68 -9.13 -3.55
CA SER C 108 -23.74 -8.99 -4.55
C SER C 108 -23.20 -8.79 -5.97
N LEU C 109 -21.90 -8.91 -6.19
CA LEU C 109 -21.34 -8.60 -7.50
C LEU C 109 -21.85 -9.55 -8.57
N ASP C 110 -21.92 -10.85 -8.27
CA ASP C 110 -22.42 -11.80 -9.25
C ASP C 110 -23.82 -11.43 -9.68
N ALA C 111 -24.69 -11.18 -8.71
CA ALA C 111 -26.10 -10.89 -8.99
C ALA C 111 -26.25 -9.65 -9.85
N ARG C 112 -25.56 -8.57 -9.49
CA ARG C 112 -25.66 -7.33 -10.25
C ARG C 112 -25.20 -7.54 -11.69
N HIS C 113 -24.10 -8.26 -11.88
CA HIS C 113 -23.57 -8.50 -13.22
C HIS C 113 -24.54 -9.29 -14.08
N ALA C 114 -25.17 -10.32 -13.51
CA ALA C 114 -26.12 -11.11 -14.29
C ALA C 114 -27.19 -10.22 -14.90
N ILE C 115 -27.64 -9.23 -14.12
CA ILE C 115 -28.64 -8.28 -14.59
C ILE C 115 -28.05 -7.39 -15.68
N LEU C 116 -26.80 -7.03 -15.55
CA LEU C 116 -26.24 -6.02 -16.43
C LEU C 116 -25.68 -6.61 -17.71
N VAL C 117 -25.14 -7.82 -17.68
CA VAL C 117 -24.48 -8.40 -18.84
C VAL C 117 -25.42 -8.43 -20.05
N GLU C 118 -26.71 -8.64 -19.84
CA GLU C 118 -27.65 -8.63 -20.95
C GLU C 118 -28.37 -7.28 -21.14
N GLU C 119 -28.60 -6.53 -20.05
CA GLU C 119 -29.35 -5.28 -20.09
C GLU C 119 -28.55 -4.12 -20.67
N VAL C 120 -27.25 -4.06 -20.42
CA VAL C 120 -26.41 -3.00 -20.98
C VAL C 120 -26.45 -2.96 -22.51
N PRO C 121 -26.13 -4.05 -23.23
CA PRO C 121 -26.28 -3.98 -24.69
C PRO C 121 -27.72 -3.77 -25.11
N LYS C 122 -28.68 -4.24 -24.33
CA LYS C 122 -30.08 -4.17 -24.72
C LYS C 122 -30.57 -2.73 -24.76
N LEU C 123 -30.27 -1.95 -23.71
CA LEU C 123 -30.59 -0.53 -23.74
C LEU C 123 -29.75 0.19 -24.78
N GLY C 124 -28.48 -0.20 -24.90
CA GLY C 124 -27.64 0.35 -25.95
C GLY C 124 -28.24 0.18 -27.32
N LYS C 125 -28.76 -1.02 -27.61
CA LYS C 125 -29.42 -1.28 -28.89
C LYS C 125 -30.56 -0.29 -29.12
N GLU C 126 -31.34 -0.02 -28.08
CA GLU C 126 -32.49 0.87 -28.23
C GLU C 126 -32.05 2.27 -28.66
N ALA C 127 -31.00 2.80 -28.03
CA ALA C 127 -30.47 4.09 -28.46
C ALA C 127 -29.88 4.01 -29.86
N ALA C 128 -29.10 2.95 -30.12
CA ALA C 128 -28.44 2.79 -31.40
C ALA C 128 -29.45 2.74 -32.55
N LEU C 129 -30.56 2.03 -32.36
CA LEU C 129 -31.57 1.92 -33.41
C LEU C 129 -32.13 3.29 -33.79
N LYS C 130 -32.39 4.14 -32.79
CA LYS C 130 -32.87 5.50 -33.07
C LYS C 130 -31.83 6.32 -33.84
N ALA C 131 -30.55 6.23 -33.44
CA ALA C 131 -29.51 6.97 -34.14
C ALA C 131 -29.41 6.54 -35.60
N ILE C 132 -29.39 5.22 -35.83
CA ILE C 132 -29.28 4.67 -37.17
C ILE C 132 -30.48 5.07 -38.02
N LYS C 133 -31.68 5.04 -37.41
CA LYS C 133 -32.90 5.44 -38.12
C LYS C 133 -32.79 6.87 -38.64
N GLU C 134 -32.44 7.81 -37.76
CA GLU C 134 -32.20 9.19 -38.16
C GLU C 134 -31.13 9.28 -39.24
N TRP C 135 -30.00 8.59 -39.03
CA TRP C 135 -28.92 8.57 -40.00
C TRP C 135 -29.43 8.12 -41.36
N GLY C 136 -30.25 7.07 -41.37
CA GLY C 136 -30.93 6.64 -42.57
C GLY C 136 -30.09 5.85 -43.54
N GLN C 137 -28.87 5.50 -43.17
CA GLN C 137 -28.04 4.69 -44.03
C GLN C 137 -28.13 3.23 -43.61
N PRO C 138 -27.69 2.33 -44.47
CA PRO C 138 -27.73 0.91 -44.12
C PRO C 138 -26.65 0.53 -43.13
N LEU C 139 -26.99 -0.47 -42.31
CA LEU C 139 -26.04 -0.99 -41.33
C LEU C 139 -24.68 -1.36 -41.94
N SER C 140 -24.64 -1.83 -43.18
CA SER C 140 -23.36 -2.24 -43.74
C SER C 140 -22.39 -1.08 -43.89
N LYS C 141 -22.84 0.16 -43.73
CA LYS C 141 -21.93 1.28 -43.84
C LYS C 141 -21.19 1.58 -42.55
N ILE C 142 -21.62 1.00 -41.43
CA ILE C 142 -20.99 1.25 -40.14
C ILE C 142 -19.69 0.44 -40.08
N THR C 143 -18.56 1.14 -40.03
CA THR C 143 -17.23 0.54 -40.07
C THR C 143 -16.60 0.36 -38.69
N HIS C 144 -17.04 1.14 -37.71
CA HIS C 144 -16.44 1.12 -36.39
C HIS C 144 -17.54 1.19 -35.36
N LEU C 145 -17.29 0.57 -34.21
CA LEU C 145 -18.15 0.64 -33.04
C LEU C 145 -17.30 0.95 -31.82
N ILE C 146 -17.70 1.96 -31.04
CA ILE C 146 -17.09 2.26 -29.74
C ILE C 146 -18.19 2.15 -28.69
N PHE C 147 -18.04 1.23 -27.75
CA PHE C 147 -19.01 1.02 -26.67
C PHE C 147 -18.35 1.45 -25.37
N SER C 148 -18.98 2.38 -24.66
CA SER C 148 -18.51 2.77 -23.36
C SER C 148 -19.60 2.46 -22.34
N ALA C 149 -19.24 1.68 -21.31
CA ALA C 149 -20.14 1.25 -20.26
C ALA C 149 -19.45 1.28 -18.91
N MET C 150 -20.05 2.00 -17.96
CA MET C 150 -19.53 2.06 -16.60
C MET C 150 -19.55 0.68 -15.97
N SER C 151 -20.61 -0.10 -16.21
CA SER C 151 -20.78 -1.36 -15.52
C SER C 151 -21.26 -2.41 -16.49
N GLY C 152 -20.97 -3.67 -16.13
CA GLY C 152 -21.33 -4.84 -16.93
C GLY C 152 -20.15 -5.58 -17.51
N VAL C 153 -18.98 -5.50 -16.87
CA VAL C 153 -17.76 -6.12 -17.39
C VAL C 153 -17.99 -7.59 -17.69
N ASP C 154 -17.72 -8.00 -18.94
CA ASP C 154 -17.95 -9.38 -19.35
C ASP C 154 -17.12 -9.63 -20.59
N ILE C 155 -16.80 -10.90 -20.83
CA ILE C 155 -16.07 -11.27 -22.03
C ILE C 155 -16.86 -12.35 -22.73
N PRO C 156 -17.21 -12.16 -24.02
CA PRO C 156 -17.08 -10.94 -24.81
C PRO C 156 -17.90 -9.80 -24.23
N GLY C 157 -17.54 -8.57 -24.61
CA GLY C 157 -18.14 -7.39 -24.01
C GLY C 157 -19.43 -7.01 -24.67
N ALA C 158 -19.99 -5.89 -24.17
CA ALA C 158 -21.21 -5.30 -24.73
C ALA C 158 -21.02 -4.83 -26.16
N ASP C 159 -19.79 -4.47 -26.53
CA ASP C 159 -19.55 -4.14 -27.93
C ASP C 159 -19.92 -5.32 -28.81
N PHE C 160 -19.38 -6.51 -28.48
CA PHE C 160 -19.67 -7.73 -29.23
C PHE C 160 -21.14 -8.10 -29.17
N ARG C 161 -21.73 -8.11 -27.96
CA ARG C 161 -23.16 -8.41 -27.86
C ARG C 161 -23.97 -7.48 -28.75
N LEU C 162 -23.63 -6.19 -28.75
CA LEU C 162 -24.40 -5.22 -29.52
C LEU C 162 -24.29 -5.50 -31.02
N MET C 163 -23.06 -5.81 -31.48
CA MET C 163 -22.82 -6.11 -32.90
C MET C 163 -23.77 -7.18 -33.39
N ASN C 164 -24.01 -8.19 -32.57
CA ASN C 164 -24.93 -9.24 -32.97
C ASN C 164 -26.37 -8.77 -32.86
N LEU C 165 -26.72 -8.02 -31.80
CA LEU C 165 -28.09 -7.54 -31.69
C LEU C 165 -28.51 -6.71 -32.89
N LEU C 166 -27.61 -5.87 -33.38
CA LEU C 166 -27.92 -4.97 -34.47
C LEU C 166 -27.71 -5.61 -35.83
N GLY C 167 -26.94 -6.68 -35.90
CA GLY C 167 -26.57 -7.23 -37.19
C GLY C 167 -25.54 -6.40 -37.92
N LEU C 168 -24.53 -5.88 -37.21
CA LEU C 168 -23.45 -5.18 -37.88
C LEU C 168 -22.58 -6.19 -38.59
N GLU C 169 -21.78 -5.71 -39.54
CA GLU C 169 -20.84 -6.59 -40.22
C GLU C 169 -19.88 -7.23 -39.23
N PRO C 170 -19.56 -8.52 -39.38
CA PRO C 170 -18.52 -9.12 -38.55
C PRO C 170 -17.16 -8.47 -38.71
N SER C 171 -16.96 -7.70 -39.78
CA SER C 171 -15.71 -6.99 -39.99
C SER C 171 -15.66 -5.62 -39.29
N VAL C 172 -16.72 -5.24 -38.57
CA VAL C 172 -16.73 -3.97 -37.88
C VAL C 172 -15.65 -3.93 -36.82
N ASN C 173 -14.96 -2.80 -36.77
CA ASN C 173 -13.84 -2.60 -35.88
C ASN C 173 -14.41 -2.11 -34.56
N ARG C 174 -14.10 -2.83 -33.49
CA ARG C 174 -14.72 -2.62 -32.19
C ARG C 174 -13.71 -2.10 -31.18
N LEU C 175 -14.21 -1.25 -30.29
CA LEU C 175 -13.44 -0.73 -29.16
C LEU C 175 -14.41 -0.70 -27.98
N MET C 176 -14.05 -1.39 -26.90
CA MET C 176 -14.93 -1.57 -25.74
C MET C 176 -14.23 -1.06 -24.49
N ILE C 177 -14.86 -0.09 -23.81
CA ILE C 177 -14.25 0.58 -22.67
C ILE C 177 -15.16 0.45 -21.45
N TYR C 178 -14.78 -0.41 -20.49
CA TYR C 178 -15.56 -0.64 -19.29
C TYR C 178 -15.00 0.19 -18.13
N THR C 179 -15.91 0.70 -17.28
CA THR C 179 -15.61 1.16 -15.92
C THR C 179 -14.53 2.25 -15.90
N GLN C 180 -14.88 3.44 -16.47
CA GLN C 180 -13.84 4.47 -16.44
C GLN C 180 -14.26 5.80 -15.81
N GLY C 181 -15.51 6.23 -15.96
CA GLY C 181 -15.98 7.44 -15.31
C GLY C 181 -16.68 8.38 -16.27
N CYS C 182 -17.09 9.54 -15.73
CA CYS C 182 -17.92 10.46 -16.51
C CYS C 182 -17.12 11.29 -17.53
N TYR C 183 -15.79 11.27 -17.49
CA TYR C 183 -15.00 11.95 -18.52
C TYR C 183 -15.05 11.25 -19.87
N MET C 184 -15.70 10.08 -19.93
CA MET C 184 -15.70 9.29 -21.15
C MET C 184 -16.47 9.93 -22.30
N GLY C 185 -17.46 10.77 -22.02
CA GLY C 185 -18.20 11.38 -23.11
C GLY C 185 -17.28 12.14 -24.06
N GLY C 186 -16.53 13.11 -23.52
CA GLY C 186 -15.55 13.80 -24.33
C GLY C 186 -14.38 12.92 -24.74
N ALA C 187 -14.04 11.92 -23.90
CA ALA C 187 -12.88 11.07 -24.20
C ALA C 187 -13.15 10.19 -25.40
N ALA C 188 -14.29 9.47 -25.40
CA ALA C 188 -14.61 8.61 -26.52
C ALA C 188 -14.85 9.41 -27.77
N MET C 189 -15.33 10.64 -27.61
CA MET C 189 -15.53 11.51 -28.75
C MET C 189 -14.19 11.83 -29.42
N ARG C 190 -13.12 11.98 -28.63
CA ARG C 190 -11.79 12.18 -29.21
C ARG C 190 -11.40 10.96 -30.06
N HIS C 191 -11.66 9.76 -29.57
CA HIS C 191 -11.29 8.56 -30.30
C HIS C 191 -12.11 8.45 -31.59
N ALA C 192 -13.41 8.75 -31.53
CA ALA C 192 -14.22 8.71 -32.74
C ALA C 192 -13.70 9.71 -33.78
N LYS C 193 -13.30 10.90 -33.33
CA LYS C 193 -12.78 11.90 -34.26
C LYS C 193 -11.56 11.37 -35.01
N ASP C 194 -10.62 10.76 -34.27
CA ASP C 194 -9.42 10.21 -34.89
C ASP C 194 -9.75 9.12 -35.90
N ILE C 195 -10.66 8.21 -35.55
CA ILE C 195 -11.05 7.14 -36.48
C ILE C 195 -11.69 7.74 -37.71
N ALA C 196 -12.71 8.58 -37.52
CA ALA C 196 -13.48 9.10 -38.63
C ALA C 196 -12.62 9.86 -39.62
N GLU C 197 -11.66 10.64 -39.11
CA GLU C 197 -10.82 11.49 -39.95
C GLU C 197 -9.65 10.76 -40.57
N ASN C 198 -9.14 9.72 -39.92
CA ASN C 198 -8.01 9.00 -40.49
C ASN C 198 -8.45 7.95 -41.49
N ASN C 199 -9.75 7.70 -41.64
CA ASN C 199 -10.21 6.59 -42.48
C ASN C 199 -11.35 7.02 -43.38
N ALA C 200 -11.02 7.39 -44.62
CA ALA C 200 -12.06 7.80 -45.56
C ALA C 200 -13.12 6.71 -45.64
N GLY C 201 -14.39 7.12 -45.58
CA GLY C 201 -15.49 6.18 -45.58
C GLY C 201 -15.89 5.67 -44.21
N ALA C 202 -15.02 5.81 -43.20
CA ALA C 202 -15.36 5.33 -41.87
C ALA C 202 -16.60 6.03 -41.36
N ARG C 203 -17.48 5.24 -40.74
CA ARG C 203 -18.65 5.77 -40.04
C ARG C 203 -18.72 5.08 -38.70
N VAL C 204 -18.57 5.85 -37.62
CA VAL C 204 -18.34 5.29 -36.29
C VAL C 204 -19.66 5.29 -35.55
N LEU C 205 -20.06 4.12 -35.07
CA LEU C 205 -21.21 3.99 -34.18
C LEU C 205 -20.67 4.06 -32.76
N LEU C 206 -21.10 5.07 -32.03
CA LEU C 206 -20.57 5.39 -30.72
C LEU C 206 -21.70 5.31 -29.71
N VAL C 207 -21.57 4.41 -28.74
CA VAL C 207 -22.65 4.12 -27.79
C VAL C 207 -22.16 4.31 -26.36
N PHE C 208 -22.92 5.06 -25.58
CA PHE C 208 -22.69 5.21 -24.16
C PHE C 208 -23.89 4.63 -23.45
N CYS C 209 -23.65 3.74 -22.49
CA CYS C 209 -24.71 3.24 -21.63
C CYS C 209 -24.14 3.10 -20.22
N ASP C 210 -24.59 3.94 -19.29
CA ASP C 210 -24.17 3.88 -17.90
C ASP C 210 -25.40 3.50 -17.08
N LEU C 211 -25.42 2.27 -16.57
CA LEU C 211 -26.42 1.78 -15.63
C LEU C 211 -25.83 1.76 -14.23
N MET C 212 -26.52 2.42 -13.31
CA MET C 212 -25.99 2.70 -11.99
C MET C 212 -26.29 1.60 -10.98
N ASP C 213 -26.75 0.43 -11.44
CA ASP C 213 -27.09 -0.67 -10.52
C ASP C 213 -25.92 -1.03 -9.61
N MET C 214 -24.68 -0.92 -10.09
CA MET C 214 -23.54 -1.25 -9.24
C MET C 214 -23.36 -0.25 -8.11
N TYR C 215 -23.96 0.93 -8.23
CA TYR C 215 -23.82 1.98 -7.25
C TYR C 215 -25.00 2.05 -6.28
N PHE C 216 -26.00 1.18 -6.44
CA PHE C 216 -27.11 1.10 -5.50
C PHE C 216 -26.65 0.40 -4.23
N HIS C 217 -26.81 1.06 -3.09
CA HIS C 217 -26.49 0.49 -1.78
C HIS C 217 -27.51 1.01 -0.75
N ALA C 218 -27.56 0.34 0.40
CA ALA C 218 -28.33 0.84 1.54
C ALA C 218 -27.87 2.24 1.91
N PRO C 219 -28.79 3.12 2.34
CA PRO C 219 -28.41 4.52 2.64
C PRO C 219 -27.40 4.61 3.77
N GLN C 220 -26.35 5.41 3.56
CA GLN C 220 -25.30 5.65 4.54
C GLN C 220 -25.22 7.12 4.93
N ASN C 221 -24.66 7.37 6.10
CA ASN C 221 -24.42 8.74 6.56
C ASN C 221 -23.10 9.28 5.98
N ARG C 222 -23.09 9.36 4.64
CA ARG C 222 -21.95 9.82 3.83
C ARG C 222 -22.52 10.73 2.76
N VAL C 223 -22.11 12.00 2.71
CA VAL C 223 -22.78 12.91 1.80
C VAL C 223 -22.62 12.44 0.35
N ASP C 224 -21.40 11.98 -0.02
CA ASP C 224 -21.16 11.61 -1.41
C ASP C 224 -22.01 10.41 -1.84
N LEU C 225 -22.11 9.38 -1.00
CA LEU C 225 -22.98 8.25 -1.34
C LEU C 225 -24.43 8.70 -1.46
N LEU C 226 -24.86 9.63 -0.62
CA LEU C 226 -26.22 10.13 -0.71
C LEU C 226 -26.42 10.97 -1.98
N VAL C 227 -25.46 11.83 -2.29
CA VAL C 227 -25.56 12.65 -3.49
C VAL C 227 -25.69 11.75 -4.72
N GLY C 228 -24.87 10.71 -4.83
CA GLY C 228 -25.03 9.82 -5.97
C GLY C 228 -26.42 9.23 -6.02
N GLN C 229 -26.90 8.78 -4.86
CA GLN C 229 -28.22 8.16 -4.74
C GLN C 229 -29.35 9.12 -5.08
N ALA C 230 -29.12 10.43 -4.95
CA ALA C 230 -30.09 11.46 -5.33
C ALA C 230 -30.01 11.86 -6.80
N VAL C 231 -28.84 11.72 -7.44
CA VAL C 231 -28.59 12.38 -8.72
C VAL C 231 -28.42 11.38 -9.87
N PHE C 232 -27.74 10.23 -9.64
CA PHE C 232 -27.45 9.28 -10.71
C PHE C 232 -28.71 8.76 -11.38
N GLY C 233 -28.73 8.84 -12.71
CA GLY C 233 -29.84 8.32 -13.48
C GLY C 233 -29.33 7.35 -14.53
N ASP C 234 -30.28 6.66 -15.16
CA ASP C 234 -29.93 5.65 -16.15
C ASP C 234 -30.37 6.08 -17.54
N GLY C 235 -29.54 5.74 -18.51
CA GLY C 235 -29.83 6.09 -19.89
C GLY C 235 -28.69 5.63 -20.77
N ALA C 236 -28.98 5.61 -22.08
CA ALA C 236 -28.00 5.27 -23.08
C ALA C 236 -28.13 6.24 -24.23
N ALA C 237 -27.01 6.59 -24.82
CA ALA C 237 -26.95 7.52 -25.93
C ALA C 237 -26.07 6.90 -27.01
N ALA C 238 -26.48 7.09 -28.28
CA ALA C 238 -25.78 6.57 -29.44
C ALA C 238 -25.57 7.67 -30.46
N LEU C 239 -24.42 7.65 -31.11
CA LEU C 239 -24.08 8.63 -32.13
C LEU C 239 -23.51 7.94 -33.36
N ILE C 240 -23.68 8.58 -34.51
CA ILE C 240 -22.90 8.29 -35.72
C ILE C 240 -21.98 9.47 -35.96
N VAL C 241 -20.68 9.19 -36.13
CA VAL C 241 -19.65 10.20 -36.36
C VAL C 241 -18.92 9.86 -37.66
N GLY C 242 -18.75 10.86 -38.52
CA GLY C 242 -18.03 10.65 -39.76
C GLY C 242 -17.55 11.94 -40.37
N ALA C 243 -16.50 11.82 -41.19
CA ALA C 243 -15.99 12.96 -41.95
C ALA C 243 -16.56 12.93 -43.36
N ASP C 244 -16.60 14.13 -43.98
CA ASP C 244 -16.96 14.31 -45.39
C ASP C 244 -18.33 13.70 -45.67
N PRO C 245 -19.42 14.26 -45.15
CA PRO C 245 -20.75 13.69 -45.41
C PRO C 245 -21.05 13.61 -46.90
N ASP C 246 -21.71 12.53 -47.28
CA ASP C 246 -22.04 12.26 -48.68
C ASP C 246 -23.31 13.03 -49.04
N ASP C 247 -23.21 13.89 -50.06
CA ASP C 247 -24.37 14.62 -50.57
C ASP C 247 -25.31 13.71 -51.35
N ASP C 248 -24.77 12.71 -52.05
CA ASP C 248 -25.57 11.76 -52.83
C ASP C 248 -26.48 10.92 -51.94
N CYS C 249 -26.41 11.11 -50.63
CA CYS C 249 -27.34 10.45 -49.74
C CYS C 249 -27.80 11.43 -48.66
N THR C 250 -28.72 10.96 -47.86
CA THR C 250 -29.44 11.78 -46.91
C THR C 250 -28.67 12.01 -45.62
N GLU C 251 -27.35 11.81 -45.63
CA GLU C 251 -26.51 12.10 -44.47
C GLU C 251 -26.51 13.61 -44.20
N ARG C 252 -26.72 13.99 -42.93
CA ARG C 252 -26.80 15.42 -42.62
C ARG C 252 -26.16 15.74 -41.27
N PRO C 253 -25.07 16.51 -41.26
CA PRO C 253 -24.35 16.76 -40.01
C PRO C 253 -25.16 17.62 -39.04
N LEU C 254 -24.94 17.37 -37.76
CA LEU C 254 -25.48 18.19 -36.69
C LEU C 254 -24.44 19.08 -36.02
N PHE C 255 -23.26 18.54 -35.76
CA PHE C 255 -22.16 19.27 -35.15
C PHE C 255 -20.84 18.77 -35.72
N GLN C 256 -19.84 19.62 -35.68
CA GLN C 256 -18.50 19.29 -36.13
C GLN C 256 -17.56 19.32 -34.93
N VAL C 257 -16.71 18.31 -34.85
CA VAL C 257 -15.75 18.17 -33.75
C VAL C 257 -14.47 18.83 -34.20
N VAL C 258 -14.14 19.99 -33.63
CA VAL C 258 -13.01 20.75 -34.16
C VAL C 258 -11.71 20.36 -33.46
N SER C 259 -11.72 20.25 -32.13
CA SER C 259 -10.49 19.87 -31.42
C SER C 259 -10.88 19.26 -30.08
N CYS C 260 -10.03 18.35 -29.60
CA CYS C 260 -10.26 17.62 -28.36
C CYS C 260 -9.05 17.71 -27.43
N ALA C 261 -9.31 18.00 -26.16
CA ALA C 261 -8.26 18.11 -25.18
C ALA C 261 -8.65 17.37 -23.90
N GLU C 262 -7.64 16.90 -23.18
CA GLU C 262 -7.88 16.19 -21.94
C GLU C 262 -6.85 16.68 -20.94
N ARG C 263 -7.27 16.82 -19.68
CA ARG C 263 -6.34 17.22 -18.63
C ARG C 263 -6.72 16.59 -17.29
N ALA C 264 -5.73 16.00 -16.64
CA ALA C 264 -5.87 15.59 -15.25
C ALA C 264 -5.41 16.75 -14.37
N VAL C 265 -6.31 17.29 -13.56
CA VAL C 265 -5.97 18.42 -12.67
C VAL C 265 -4.97 17.95 -11.61
N PRO C 266 -3.76 18.52 -11.57
CA PRO C 266 -2.75 18.06 -10.61
C PRO C 266 -3.23 18.22 -9.16
N GLY C 267 -2.83 17.27 -8.32
CA GLY C 267 -3.12 17.33 -6.90
C GLY C 267 -4.49 16.84 -6.49
N THR C 268 -5.25 16.23 -7.40
CA THR C 268 -6.63 15.82 -7.14
C THR C 268 -6.83 14.30 -7.29
N GLN C 269 -5.76 13.49 -7.17
CA GLN C 269 -5.89 12.05 -7.37
C GLN C 269 -7.05 11.46 -6.57
N ASP C 270 -7.21 11.87 -5.32
CA ASP C 270 -8.16 11.26 -4.40
C ASP C 270 -9.55 11.87 -4.48
N TYR C 271 -9.75 12.89 -5.31
CA TYR C 271 -11.04 13.57 -5.34
C TYR C 271 -12.18 12.65 -5.79
N ILE C 272 -11.93 11.78 -6.76
CA ILE C 272 -12.92 10.77 -7.17
C ILE C 272 -12.22 9.43 -7.29
N LYS C 273 -12.66 8.45 -6.49
CA LYS C 273 -12.19 7.07 -6.52
C LYS C 273 -13.39 6.15 -6.49
N ALA C 274 -13.30 5.03 -7.22
CA ALA C 274 -14.32 4.01 -7.16
C ALA C 274 -13.69 2.66 -7.40
N HIS C 275 -14.02 1.69 -6.55
CA HIS C 275 -13.42 0.36 -6.57
C HIS C 275 -14.47 -0.67 -6.89
N LEU C 276 -14.15 -1.59 -7.81
CA LEU C 276 -15.02 -2.70 -8.14
C LEU C 276 -14.83 -3.82 -7.11
N LYS C 277 -15.85 -4.11 -6.33
CA LYS C 277 -15.68 -5.00 -5.20
C LYS C 277 -16.77 -6.07 -5.22
N GLU C 278 -16.66 -7.01 -4.28
CA GLU C 278 -17.66 -8.05 -4.15
C GLU C 278 -19.02 -7.44 -3.80
N MET C 279 -19.03 -6.31 -3.10
CA MET C 279 -20.25 -5.60 -2.77
C MET C 279 -20.77 -4.73 -3.91
N GLY C 280 -20.09 -4.70 -5.05
CA GLY C 280 -20.54 -3.85 -6.13
C GLY C 280 -19.53 -2.75 -6.30
N MET C 281 -19.97 -1.56 -6.71
CA MET C 281 -19.06 -0.45 -6.92
C MET C 281 -19.00 0.39 -5.64
N GLU C 282 -17.79 0.57 -5.12
CA GLU C 282 -17.55 1.31 -3.89
C GLU C 282 -17.03 2.69 -4.27
N LEU C 283 -17.87 3.72 -4.09
CA LEU C 283 -17.60 5.07 -4.57
C LEU C 283 -16.98 5.94 -3.46
N HIS C 284 -16.04 6.81 -3.87
CA HIS C 284 -15.46 7.84 -2.99
C HIS C 284 -15.33 9.14 -3.76
N LEU C 285 -16.11 10.15 -3.37
CA LEU C 285 -16.26 11.38 -4.16
C LEU C 285 -16.15 12.58 -3.23
N SER C 286 -15.11 13.38 -3.40
CA SER C 286 -14.88 14.55 -2.54
C SER C 286 -15.93 15.64 -2.76
N THR C 287 -16.35 16.30 -1.66
CA THR C 287 -17.29 17.38 -1.87
C THR C 287 -16.65 18.60 -2.49
N ASP C 288 -15.32 18.67 -2.49
CA ASP C 288 -14.63 19.81 -3.09
C ASP C 288 -14.54 19.73 -4.61
N VAL C 289 -15.09 18.68 -5.22
CA VAL C 289 -15.07 18.55 -6.67
C VAL C 289 -15.60 19.80 -7.38
N PRO C 290 -16.83 20.29 -7.10
CA PRO C 290 -17.33 21.44 -7.89
C PRO C 290 -16.47 22.68 -7.73
N ARG C 291 -15.96 22.96 -6.53
CA ARG C 291 -15.08 24.11 -6.37
C ARG C 291 -13.83 23.96 -7.22
N MET C 292 -13.24 22.77 -7.19
CA MET C 292 -12.03 22.51 -7.97
C MET C 292 -12.30 22.69 -9.47
N ILE C 293 -13.46 22.25 -9.94
CA ILE C 293 -13.82 22.46 -11.34
C ILE C 293 -13.95 23.96 -11.64
N GLY C 294 -14.66 24.69 -10.79
CA GLY C 294 -14.78 26.12 -11.01
C GLY C 294 -13.43 26.81 -11.04
N LYS C 295 -12.51 26.39 -10.17
CA LYS C 295 -11.22 27.06 -10.12
C LYS C 295 -10.43 26.88 -11.41
N ASN C 296 -10.61 25.74 -12.10
CA ASN C 296 -9.80 25.40 -13.28
C ASN C 296 -10.50 25.63 -14.64
N ILE C 297 -11.83 25.83 -14.66
CA ILE C 297 -12.59 25.78 -15.91
C ILE C 297 -12.21 26.91 -16.88
N GLU C 298 -12.01 28.15 -16.39
CA GLU C 298 -11.73 29.24 -17.32
C GLU C 298 -10.41 29.04 -18.04
N LYS C 299 -9.37 28.59 -17.31
CA LYS C 299 -8.07 28.33 -17.92
C LYS C 299 -8.18 27.23 -18.96
N LEU C 300 -8.98 26.18 -18.68
CA LEU C 300 -9.21 25.12 -19.66
C LEU C 300 -9.92 25.67 -20.89
N LEU C 301 -10.96 26.46 -20.68
CA LEU C 301 -11.68 27.04 -21.80
C LEU C 301 -10.77 27.97 -22.61
N ALA C 302 -10.00 28.81 -21.91
CA ALA C 302 -9.13 29.74 -22.59
C ALA C 302 -8.16 29.02 -23.53
N ASP C 303 -7.47 27.99 -23.03
CA ASP C 303 -6.52 27.23 -23.87
C ASP C 303 -7.21 26.56 -25.04
N ALA C 304 -8.47 26.17 -24.88
CA ALA C 304 -9.14 25.42 -25.93
C ALA C 304 -9.46 26.30 -27.12
N VAL C 305 -10.07 27.47 -26.87
CA VAL C 305 -10.70 28.27 -27.92
C VAL C 305 -9.89 29.48 -28.32
N SER C 306 -8.87 29.86 -27.55
CA SER C 306 -7.99 30.93 -27.99
C SER C 306 -7.38 30.68 -29.37
N PRO C 307 -6.99 29.46 -29.75
CA PRO C 307 -6.51 29.26 -31.12
C PRO C 307 -7.51 29.70 -32.18
N PHE C 308 -8.79 29.86 -31.81
CA PHE C 308 -9.83 30.32 -32.73
C PHE C 308 -10.28 31.76 -32.47
N GLY C 309 -9.48 32.52 -31.73
CA GLY C 309 -9.72 33.94 -31.52
C GLY C 309 -10.89 34.29 -30.62
N ILE C 310 -11.41 33.32 -29.87
CA ILE C 310 -12.59 33.51 -29.03
C ILE C 310 -12.15 33.86 -27.62
N SER C 311 -12.65 35.00 -27.11
CA SER C 311 -12.35 35.46 -25.76
C SER C 311 -13.58 35.84 -24.92
N ASP C 312 -14.77 35.95 -25.51
CA ASP C 312 -16.04 36.18 -24.81
C ASP C 312 -16.69 34.83 -24.56
N TRP C 313 -16.75 34.40 -23.30
CA TRP C 313 -17.28 33.07 -23.05
C TRP C 313 -18.79 32.98 -23.34
N ASN C 314 -19.52 34.10 -23.33
CA ASN C 314 -20.95 34.01 -23.65
C ASN C 314 -21.23 33.94 -25.14
N SER C 315 -20.21 34.00 -26.00
CA SER C 315 -20.40 33.82 -27.44
C SER C 315 -20.42 32.35 -27.87
N LEU C 316 -20.21 31.40 -26.96
CA LEU C 316 -20.28 29.98 -27.25
C LEU C 316 -21.62 29.38 -26.81
N PHE C 317 -21.99 28.27 -27.45
CA PHE C 317 -23.03 27.40 -26.89
C PHE C 317 -22.35 26.33 -26.05
N TYR C 318 -23.07 25.82 -25.05
CA TYR C 318 -22.42 24.97 -24.04
C TYR C 318 -23.10 23.62 -23.90
N ILE C 319 -22.28 22.58 -23.84
CA ILE C 319 -22.72 21.27 -23.35
C ILE C 319 -21.82 20.95 -22.16
N VAL C 320 -22.38 21.00 -20.95
CA VAL C 320 -21.63 20.79 -19.73
C VAL C 320 -22.15 19.54 -19.04
N HIS C 321 -21.27 18.58 -18.82
CA HIS C 321 -21.62 17.37 -18.09
C HIS C 321 -22.28 17.74 -16.77
N PRO C 322 -23.52 17.36 -16.55
CA PRO C 322 -24.22 17.73 -15.32
C PRO C 322 -23.95 16.75 -14.18
N GLY C 323 -22.69 16.70 -13.73
CA GLY C 323 -22.34 15.78 -12.64
C GLY C 323 -23.15 16.06 -11.39
N ALA C 324 -23.29 17.33 -11.03
CA ALA C 324 -24.17 17.78 -9.95
C ALA C 324 -24.51 19.24 -10.21
N VAL C 325 -25.62 19.68 -9.63
CA VAL C 325 -26.01 21.08 -9.82
C VAL C 325 -24.91 22.05 -9.37
N ALA C 326 -24.18 21.72 -8.30
CA ALA C 326 -23.08 22.60 -7.92
C ALA C 326 -22.08 22.80 -9.07
N ILE C 327 -21.83 21.76 -9.88
CA ILE C 327 -20.90 21.90 -11.00
C ILE C 327 -21.43 22.90 -12.03
N LEU C 328 -22.70 22.76 -12.42
CA LEU C 328 -23.25 23.69 -13.38
C LEU C 328 -23.12 25.11 -12.86
N ASP C 329 -23.49 25.32 -11.60
CA ASP C 329 -23.39 26.65 -11.00
C ASP C 329 -21.96 27.15 -10.99
N GLN C 330 -21.01 26.29 -10.60
CA GLN C 330 -19.59 26.71 -10.55
C GLN C 330 -19.09 27.11 -11.93
N VAL C 331 -19.43 26.34 -12.95
CA VAL C 331 -19.04 26.68 -14.31
C VAL C 331 -19.72 27.98 -14.74
N GLU C 332 -21.03 28.09 -14.52
CA GLU C 332 -21.73 29.33 -14.86
C GLU C 332 -21.06 30.52 -14.19
N GLU C 333 -20.70 30.35 -12.91
CA GLU C 333 -20.15 31.47 -12.15
C GLU C 333 -18.76 31.83 -12.60
N ASN C 334 -17.88 30.85 -12.66
CA ASN C 334 -16.47 31.14 -12.95
C ASN C 334 -16.22 31.46 -14.41
N LEU C 335 -17.18 31.24 -15.29
CA LEU C 335 -17.05 31.69 -16.66
C LEU C 335 -17.78 33.00 -16.92
N GLY C 336 -18.53 33.52 -15.95
CA GLY C 336 -19.31 34.73 -16.16
C GLY C 336 -20.40 34.56 -17.22
N LEU C 337 -21.13 33.45 -17.16
CA LEU C 337 -22.14 33.20 -18.18
C LEU C 337 -23.49 33.78 -17.78
N GLY C 338 -24.26 34.20 -18.78
CA GLY C 338 -25.64 34.59 -18.53
C GLY C 338 -26.50 33.46 -18.03
N GLU C 339 -27.58 33.82 -17.32
CA GLU C 339 -28.38 32.84 -16.58
C GLU C 339 -28.96 31.74 -17.47
N ASP C 340 -29.19 32.00 -18.75
CA ASP C 340 -29.81 31.01 -19.61
C ASP C 340 -28.82 30.21 -20.46
N LYS C 341 -27.51 30.47 -20.32
CA LYS C 341 -26.52 29.82 -21.17
C LYS C 341 -26.51 28.29 -21.02
N LEU C 342 -26.71 27.81 -19.79
CA LEU C 342 -26.67 26.39 -19.47
C LEU C 342 -28.06 25.76 -19.43
N ARG C 343 -29.03 26.33 -20.17
CA ARG C 343 -30.39 25.81 -20.13
C ARG C 343 -30.43 24.32 -20.44
N ALA C 344 -29.85 23.93 -21.59
CA ALA C 344 -29.92 22.54 -22.02
C ALA C 344 -29.22 21.62 -21.02
N SER C 345 -28.09 22.05 -20.47
CA SER C 345 -27.40 21.19 -19.50
C SER C 345 -28.24 21.05 -18.25
N ARG C 346 -28.79 22.16 -17.75
CA ARG C 346 -29.68 22.08 -16.59
C ARG C 346 -30.96 21.32 -16.90
N TYR C 347 -31.47 21.46 -18.14
CA TYR C 347 -32.66 20.72 -18.55
C TYR C 347 -32.43 19.22 -18.43
N VAL C 348 -31.33 18.72 -18.99
CA VAL C 348 -31.07 17.29 -18.96
C VAL C 348 -30.91 16.81 -17.53
N LEU C 349 -30.16 17.57 -16.72
CA LEU C 349 -30.03 17.24 -15.30
C LEU C 349 -31.39 17.19 -14.62
N SER C 350 -32.24 18.16 -14.92
CA SER C 350 -33.55 18.19 -14.28
C SER C 350 -34.38 16.99 -14.70
N GLU C 351 -34.44 16.72 -16.00
CA GLU C 351 -35.34 15.71 -16.53
C GLU C 351 -34.78 14.29 -16.45
N TYR C 352 -33.49 14.12 -16.20
CA TYR C 352 -32.89 12.80 -16.29
C TYR C 352 -31.91 12.48 -15.17
N GLY C 353 -31.44 13.46 -14.40
CA GLY C 353 -30.37 13.21 -13.48
C GLY C 353 -29.06 13.10 -14.23
N ASN C 354 -28.04 12.60 -13.52
CA ASN C 354 -26.71 12.40 -14.10
C ASN C 354 -26.63 10.99 -14.64
N MET C 355 -26.68 10.85 -15.97
CA MET C 355 -26.64 9.54 -16.62
C MET C 355 -25.23 9.13 -17.04
N GLY C 356 -24.21 9.53 -16.28
CA GLY C 356 -22.85 9.17 -16.61
C GLY C 356 -22.39 9.82 -17.90
N ALA C 357 -21.56 9.09 -18.66
CA ALA C 357 -21.00 9.65 -19.88
C ALA C 357 -22.05 9.93 -20.93
N ALA C 358 -23.21 9.27 -20.85
CA ALA C 358 -24.28 9.52 -21.80
C ALA C 358 -24.85 10.93 -21.68
N SER C 359 -24.69 11.57 -20.50
CA SER C 359 -25.38 12.81 -20.19
C SER C 359 -25.12 13.89 -21.23
N VAL C 360 -23.84 14.15 -21.53
CA VAL C 360 -23.53 15.24 -22.46
C VAL C 360 -24.22 15.04 -23.80
N PHE C 361 -24.48 13.80 -24.19
CA PHE C 361 -25.08 13.61 -25.51
C PHE C 361 -26.59 13.74 -25.51
N PHE C 362 -27.26 13.48 -24.38
CA PHE C 362 -28.64 13.94 -24.21
C PHE C 362 -28.71 15.46 -24.33
N ILE C 363 -27.71 16.18 -23.79
CA ILE C 363 -27.69 17.64 -23.86
C ILE C 363 -27.53 18.11 -25.29
N LEU C 364 -26.59 17.51 -26.02
CA LEU C 364 -26.39 17.89 -27.41
C LEU C 364 -27.66 17.64 -28.23
N ASP C 365 -28.34 16.51 -27.96
CA ASP C 365 -29.61 16.21 -28.61
C ASP C 365 -30.67 17.25 -28.25
N GLU C 366 -30.79 17.57 -26.96
CA GLU C 366 -31.75 18.58 -26.50
C GLU C 366 -31.48 19.93 -27.16
N MET C 367 -30.21 20.32 -27.23
CA MET C 367 -29.88 21.60 -27.83
C MET C 367 -30.23 21.63 -29.32
N ARG C 368 -29.87 20.57 -30.06
CA ARG C 368 -30.21 20.54 -31.48
C ARG C 368 -31.72 20.61 -31.69
N ASN C 369 -32.52 19.94 -30.83
CA ASN C 369 -33.97 19.98 -31.04
C ASN C 369 -34.52 21.35 -30.66
N LYS C 370 -34.13 21.83 -29.48
CA LYS C 370 -34.64 23.10 -28.97
C LYS C 370 -34.32 24.23 -29.94
N SER C 371 -33.16 24.19 -30.58
CA SER C 371 -32.81 25.22 -31.57
C SER C 371 -33.74 25.18 -32.77
N ALA C 372 -33.98 23.98 -33.33
CA ALA C 372 -34.97 23.84 -34.40
C ALA C 372 -36.34 24.29 -33.93
N GLU C 373 -36.74 23.85 -32.74
CA GLU C 373 -38.04 24.21 -32.18
C GLU C 373 -38.19 25.73 -31.99
N GLU C 374 -37.10 26.43 -31.67
CA GLU C 374 -37.10 27.89 -31.57
C GLU C 374 -36.77 28.57 -32.90
N GLY C 375 -36.58 27.79 -33.96
CA GLY C 375 -36.23 28.39 -35.23
C GLY C 375 -34.89 29.09 -35.26
N LYS C 376 -33.98 28.73 -34.35
CA LYS C 376 -32.65 29.30 -34.38
C LYS C 376 -31.97 28.96 -35.69
N LEU C 377 -30.97 29.76 -36.05
CA LEU C 377 -30.33 29.63 -37.35
C LEU C 377 -29.22 28.59 -37.39
N THR C 378 -28.83 28.03 -36.25
CA THR C 378 -27.86 26.96 -36.18
C THR C 378 -28.29 26.00 -35.11
N THR C 379 -27.74 24.79 -35.14
CA THR C 379 -28.02 23.80 -34.11
C THR C 379 -27.41 24.16 -32.75
N GLY C 380 -26.53 25.15 -32.70
CA GLY C 380 -25.89 25.57 -31.47
C GLY C 380 -26.51 26.84 -30.95
N GLU C 381 -27.82 26.79 -30.77
CA GLU C 381 -28.56 27.90 -30.17
C GLU C 381 -28.33 29.21 -30.93
N GLY C 382 -28.22 29.12 -32.26
CA GLY C 382 -27.98 30.25 -33.12
C GLY C 382 -26.53 30.69 -33.25
N LEU C 383 -25.66 30.26 -32.36
CA LEU C 383 -24.25 30.60 -32.39
C LEU C 383 -23.46 29.54 -33.13
N GLU C 384 -22.25 29.91 -33.54
CA GLU C 384 -21.48 29.07 -34.45
C GLU C 384 -20.53 28.13 -33.71
N TRP C 385 -19.83 28.63 -32.70
CA TRP C 385 -18.85 27.88 -31.92
C TRP C 385 -19.41 27.48 -30.56
N GLY C 386 -18.98 26.32 -30.08
CA GLY C 386 -19.41 25.84 -28.77
C GLY C 386 -18.41 24.88 -28.16
N VAL C 387 -18.64 24.57 -26.89
CA VAL C 387 -17.73 23.70 -26.14
C VAL C 387 -18.53 22.67 -25.37
N LEU C 388 -17.99 21.44 -25.31
CA LEU C 388 -18.53 20.34 -24.52
C LEU C 388 -17.51 19.95 -23.46
N PHE C 389 -17.95 19.83 -22.21
CA PHE C 389 -17.07 19.49 -21.10
C PHE C 389 -17.52 18.18 -20.49
N SER C 390 -16.58 17.27 -20.27
CA SER C 390 -16.78 16.12 -19.40
C SER C 390 -15.89 16.28 -18.18
N PHE C 391 -16.38 15.78 -17.04
CA PHE C 391 -15.61 15.80 -15.80
C PHE C 391 -15.66 14.39 -15.24
N GLY C 392 -14.52 13.90 -14.76
CA GLY C 392 -14.50 12.61 -14.12
C GLY C 392 -13.29 12.41 -13.25
N PRO C 393 -13.03 11.16 -12.86
CA PRO C 393 -11.81 10.87 -12.09
C PRO C 393 -10.61 11.23 -12.97
N GLY C 394 -9.51 11.79 -12.46
CA GLY C 394 -9.35 12.19 -11.08
C GLY C 394 -8.21 13.20 -10.98
N LEU C 395 -8.49 14.47 -11.20
CA LEU C 395 -9.70 14.90 -11.84
C LEU C 395 -9.40 15.04 -13.33
N THR C 396 -10.17 14.39 -14.19
CA THR C 396 -9.93 14.51 -15.62
C THR C 396 -11.00 15.39 -16.22
N VAL C 397 -10.58 16.35 -17.05
CA VAL C 397 -11.49 17.25 -17.74
C VAL C 397 -11.25 17.12 -19.25
N GLU C 398 -12.32 16.87 -19.99
CA GLU C 398 -12.31 16.84 -21.46
C GLU C 398 -12.91 18.13 -22.00
N THR C 399 -12.24 18.72 -22.98
CA THR C 399 -12.76 19.91 -23.64
C THR C 399 -12.85 19.65 -25.13
N VAL C 400 -14.07 19.65 -25.66
CA VAL C 400 -14.29 19.40 -27.08
C VAL C 400 -14.88 20.67 -27.69
N VAL C 401 -14.16 21.27 -28.64
CA VAL C 401 -14.62 22.48 -29.31
C VAL C 401 -15.48 22.07 -30.50
N LEU C 402 -16.69 22.62 -30.57
CA LEU C 402 -17.70 22.21 -31.54
C LEU C 402 -18.03 23.35 -32.49
N LEU C 403 -18.52 22.97 -33.66
CA LEU C 403 -19.13 23.88 -34.60
C LEU C 403 -20.58 23.51 -34.79
N SER C 404 -21.47 24.49 -34.66
CA SER C 404 -22.85 24.13 -34.99
C SER C 404 -22.98 24.04 -36.51
N VAL C 405 -24.14 23.59 -36.94
CA VAL C 405 -24.42 23.47 -38.37
C VAL C 405 -25.63 24.35 -38.62
N PRO C 406 -25.70 25.03 -39.75
CA PRO C 406 -26.86 25.89 -39.99
C PRO C 406 -28.15 25.09 -40.08
N LEU C 407 -29.25 25.76 -39.76
CA LEU C 407 -30.60 25.26 -39.99
C LEU C 407 -31.26 26.22 -40.98
N SER D 16 -18.45 31.50 -42.38
CA SER D 16 -17.61 31.64 -43.59
C SER D 16 -16.12 31.80 -43.34
N PHE D 17 -15.84 32.67 -42.39
CA PHE D 17 -14.48 32.90 -41.97
C PHE D 17 -14.16 32.00 -40.80
N SER D 18 -15.19 31.57 -40.07
CA SER D 18 -15.02 30.55 -39.03
C SER D 18 -14.76 29.18 -39.65
N MET D 19 -15.30 28.91 -40.86
CA MET D 19 -14.95 27.66 -41.54
C MET D 19 -13.52 27.70 -42.06
N GLU D 20 -13.01 28.88 -42.41
CA GLU D 20 -11.59 28.97 -42.77
C GLU D 20 -10.71 28.71 -41.54
N LYS D 21 -11.25 28.94 -40.34
CA LYS D 21 -10.49 28.63 -39.13
C LYS D 21 -10.40 27.12 -38.94
N VAL D 22 -11.52 26.43 -39.09
CA VAL D 22 -11.55 24.99 -38.91
C VAL D 22 -10.63 24.28 -39.89
N LYS D 23 -10.57 24.75 -41.14
CA LYS D 23 -9.71 24.05 -42.08
C LYS D 23 -8.24 24.42 -41.93
N ARG D 24 -7.92 25.54 -41.27
CA ARG D 24 -6.53 25.78 -40.91
C ARG D 24 -6.05 24.83 -39.82
N ILE D 25 -6.93 24.44 -38.91
CA ILE D 25 -6.54 23.47 -37.89
C ILE D 25 -6.35 22.11 -38.50
N LEU D 26 -7.35 21.61 -39.24
CA LEU D 26 -7.23 20.29 -39.84
C LEU D 26 -5.97 20.15 -40.66
N ASP D 27 -5.67 21.14 -41.49
CA ASP D 27 -4.47 21.09 -42.30
C ASP D 27 -3.22 21.00 -41.43
N ALA D 28 -3.25 21.62 -40.24
CA ALA D 28 -2.07 21.62 -39.38
C ALA D 28 -1.81 20.25 -38.75
N GLN D 29 -2.83 19.41 -38.59
CA GLN D 29 -2.65 18.13 -37.92
C GLN D 29 -2.31 16.99 -38.88
N ARG D 30 -2.31 17.23 -40.20
CA ARG D 30 -2.06 16.16 -41.16
C ARG D 30 -0.61 15.64 -41.05
N THR D 31 -0.44 14.35 -41.27
CA THR D 31 0.85 13.67 -41.33
C THR D 31 1.08 13.17 -42.76
N GLU D 32 2.28 12.67 -43.03
CA GLU D 32 2.61 12.18 -44.37
C GLU D 32 2.77 10.67 -44.41
N GLY D 33 3.62 10.13 -43.56
CA GLY D 33 3.90 8.70 -43.54
C GLY D 33 2.91 7.90 -42.70
N PRO D 34 3.14 6.59 -42.62
CA PRO D 34 2.31 5.72 -41.79
C PRO D 34 2.83 5.66 -40.36
N ALA D 35 1.94 5.24 -39.45
CA ALA D 35 2.31 4.94 -38.07
C ALA D 35 3.40 3.89 -38.02
N THR D 36 4.45 4.15 -37.26
CA THR D 36 5.55 3.20 -37.15
C THR D 36 5.83 2.96 -35.67
N VAL D 37 6.31 1.77 -35.33
CA VAL D 37 6.73 1.53 -33.96
C VAL D 37 8.18 1.97 -33.84
N LEU D 38 8.43 2.91 -32.93
CA LEU D 38 9.72 3.52 -32.77
C LEU D 38 10.52 2.91 -31.63
N ALA D 39 9.88 2.13 -30.74
CA ALA D 39 10.56 1.44 -29.65
C ALA D 39 9.64 0.39 -29.05
N ILE D 40 10.25 -0.63 -28.46
CA ILE D 40 9.57 -1.73 -27.78
C ILE D 40 10.36 -2.08 -26.53
N GLY D 41 9.68 -2.17 -25.39
CA GLY D 41 10.32 -2.61 -24.16
C GLY D 41 9.40 -3.55 -23.42
N THR D 42 9.99 -4.53 -22.74
CA THR D 42 9.19 -5.53 -22.05
C THR D 42 9.67 -5.75 -20.61
N ALA D 43 8.77 -6.30 -19.80
CA ALA D 43 9.06 -6.56 -18.40
C ALA D 43 8.16 -7.69 -17.91
N ASN D 44 8.66 -8.40 -16.90
CA ASN D 44 7.98 -9.56 -16.34
C ASN D 44 8.13 -9.56 -14.83
N PRO D 45 7.25 -10.29 -14.12
CA PRO D 45 7.45 -10.53 -12.69
C PRO D 45 8.80 -11.20 -12.44
N PRO D 46 9.31 -11.17 -11.17
CA PRO D 46 10.65 -11.72 -10.89
C PRO D 46 10.69 -13.24 -10.81
N THR D 47 9.64 -13.88 -10.30
CA THR D 47 9.67 -15.32 -10.02
C THR D 47 9.46 -16.13 -11.29
N CYS D 48 10.45 -16.97 -11.61
CA CYS D 48 10.41 -17.86 -12.76
C CYS D 48 10.00 -19.26 -12.33
N PHE D 49 8.94 -19.80 -12.93
CA PHE D 49 8.47 -21.14 -12.65
C PHE D 49 8.76 -22.02 -13.85
N TYR D 50 9.58 -23.06 -13.66
CA TYR D 50 9.83 -24.01 -14.73
C TYR D 50 8.66 -24.99 -14.87
N GLU D 51 8.29 -25.26 -16.13
CA GLU D 51 7.11 -26.07 -16.41
C GLU D 51 7.22 -27.47 -15.82
N ALA D 52 8.46 -27.97 -15.72
CA ALA D 52 8.71 -29.26 -15.08
C ALA D 52 8.25 -29.26 -13.62
N ASP D 53 8.51 -28.18 -12.91
CA ASP D 53 8.24 -28.07 -11.49
C ASP D 53 6.87 -27.50 -11.18
N TYR D 54 6.16 -26.97 -12.18
CA TYR D 54 4.89 -26.33 -11.88
C TYR D 54 3.81 -27.31 -11.41
N PRO D 55 3.64 -28.50 -12.03
CA PRO D 55 2.60 -29.42 -11.52
C PRO D 55 2.76 -29.75 -10.04
N ASP D 56 3.99 -29.93 -9.56
CA ASP D 56 4.22 -30.15 -8.14
C ASP D 56 3.85 -28.92 -7.31
N PHE D 57 4.34 -27.75 -7.70
CA PHE D 57 4.00 -26.51 -7.00
C PHE D 57 2.49 -26.27 -6.98
N TYR D 58 1.85 -26.33 -8.15
CA TYR D 58 0.45 -25.96 -8.27
C TYR D 58 -0.43 -26.86 -7.38
N PHE D 59 -0.24 -28.18 -7.45
CA PHE D 59 -1.11 -29.07 -6.70
C PHE D 59 -0.79 -29.06 -5.20
N ARG D 60 0.45 -28.80 -4.81
CA ARG D 60 0.77 -28.69 -3.39
C ARG D 60 0.14 -27.46 -2.76
N VAL D 61 0.39 -26.30 -3.36
CA VAL D 61 -0.02 -25.04 -2.77
C VAL D 61 -1.53 -24.86 -2.73
N THR D 62 -2.29 -25.64 -3.51
CA THR D 62 -3.75 -25.62 -3.47
C THR D 62 -4.36 -26.76 -2.65
N ASN D 63 -3.55 -27.53 -1.93
CA ASN D 63 -4.02 -28.65 -1.10
C ASN D 63 -4.89 -29.61 -1.90
N CYS D 64 -4.39 -29.96 -3.08
CA CYS D 64 -5.05 -30.89 -4.01
C CYS D 64 -4.16 -32.09 -4.30
N GLU D 65 -3.20 -32.40 -3.42
CA GLU D 65 -2.35 -33.54 -3.67
C GLU D 65 -3.11 -34.85 -3.54
N ASP D 66 -4.23 -34.85 -2.83
CA ASP D 66 -5.12 -36.00 -2.69
C ASP D 66 -5.94 -36.29 -3.94
N LYS D 67 -5.70 -35.60 -5.06
CA LYS D 67 -6.37 -35.88 -6.32
C LYS D 67 -5.28 -36.23 -7.33
N PRO D 68 -4.61 -37.38 -7.16
CA PRO D 68 -3.45 -37.67 -8.01
C PRO D 68 -3.81 -37.96 -9.46
N GLU D 69 -5.03 -38.45 -9.76
CA GLU D 69 -5.36 -38.69 -11.17
C GLU D 69 -5.48 -37.37 -11.92
N LEU D 70 -6.11 -36.37 -11.28
CA LEU D 70 -6.19 -35.03 -11.87
C LEU D 70 -4.80 -34.45 -12.11
N LYS D 71 -3.89 -34.67 -11.15
CA LYS D 71 -2.52 -34.18 -11.31
C LYS D 71 -1.82 -34.83 -12.50
N GLU D 72 -2.05 -36.13 -12.72
CA GLU D 72 -1.51 -36.78 -13.90
C GLU D 72 -2.12 -36.21 -15.17
N LYS D 73 -3.41 -35.90 -15.14
CA LYS D 73 -4.04 -35.24 -16.28
C LYS D 73 -3.38 -33.89 -16.52
N PHE D 74 -3.09 -33.15 -15.46
CA PHE D 74 -2.45 -31.85 -15.59
C PHE D 74 -1.03 -31.98 -16.10
N LYS D 75 -0.29 -32.99 -15.63
CA LYS D 75 1.08 -33.20 -16.08
C LYS D 75 1.13 -33.43 -17.58
N ARG D 76 0.19 -34.20 -18.13
CA ARG D 76 0.21 -34.46 -19.57
C ARG D 76 -0.06 -33.19 -20.37
N ILE D 77 -0.97 -32.34 -19.89
CA ILE D 77 -1.25 -31.06 -20.54
C ILE D 77 -0.01 -30.16 -20.50
N SER D 78 0.63 -30.07 -19.33
CA SER D 78 1.85 -29.26 -19.22
C SER D 78 2.95 -29.76 -20.14
N GLU D 79 3.12 -31.07 -20.24
CA GLU D 79 4.24 -31.58 -21.02
C GLU D 79 4.02 -31.36 -22.51
N ARG D 80 2.76 -31.37 -22.95
CA ARG D 80 2.38 -31.11 -24.35
C ARG D 80 2.25 -29.62 -24.68
N SER D 81 2.42 -28.73 -23.70
CA SER D 81 2.08 -27.32 -23.86
C SER D 81 3.12 -26.52 -24.63
N ALA D 82 4.33 -27.05 -24.77
CA ALA D 82 5.44 -26.34 -25.41
C ALA D 82 5.83 -25.08 -24.66
N VAL D 83 5.48 -24.97 -23.39
CA VAL D 83 5.96 -23.89 -22.54
C VAL D 83 7.09 -24.47 -21.70
N LYS D 84 8.25 -23.81 -21.73
CA LYS D 84 9.39 -24.24 -20.92
C LYS D 84 9.39 -23.57 -19.57
N LYS D 85 9.11 -22.27 -19.53
CA LYS D 85 9.02 -21.53 -18.28
C LYS D 85 8.10 -20.32 -18.49
N ARG D 86 7.65 -19.76 -17.36
CA ARG D 86 6.80 -18.59 -17.33
C ARG D 86 7.27 -17.73 -16.17
N TYR D 87 7.05 -16.41 -16.26
CA TYR D 87 7.19 -15.54 -15.10
C TYR D 87 5.80 -15.24 -14.58
N LEU D 88 5.55 -15.57 -13.31
CA LEU D 88 4.23 -15.49 -12.70
C LEU D 88 4.25 -14.58 -11.48
N HIS D 89 3.20 -13.77 -11.34
CA HIS D 89 3.02 -12.92 -10.19
C HIS D 89 2.49 -13.69 -8.98
N VAL D 90 1.65 -14.69 -9.20
CA VAL D 90 1.16 -15.52 -8.11
C VAL D 90 2.31 -16.36 -7.57
N THR D 91 2.70 -16.11 -6.31
CA THR D 91 3.74 -16.83 -5.61
C THR D 91 3.10 -17.59 -4.44
N GLU D 92 3.90 -18.43 -3.79
CA GLU D 92 3.39 -19.13 -2.61
C GLU D 92 3.08 -18.15 -1.50
N GLU D 93 3.89 -17.10 -1.33
CA GLU D 93 3.61 -16.11 -0.29
C GLU D 93 2.26 -15.44 -0.50
N ILE D 94 1.95 -15.05 -1.74
CA ILE D 94 0.66 -14.39 -2.02
C ILE D 94 -0.52 -15.32 -1.72
N LEU D 95 -0.41 -16.59 -2.09
CA LEU D 95 -1.51 -17.53 -1.84
C LEU D 95 -1.69 -17.80 -0.34
N LYS D 96 -0.60 -17.77 0.43
CA LYS D 96 -0.74 -17.88 1.88
C LYS D 96 -1.41 -16.64 2.46
N GLU D 97 -1.08 -15.46 1.95
CA GLU D 97 -1.71 -14.22 2.42
C GLU D 97 -3.16 -14.07 1.94
N ASN D 98 -3.55 -14.78 0.88
CA ASN D 98 -4.92 -14.72 0.36
C ASN D 98 -5.43 -16.13 0.11
N PRO D 99 -5.70 -16.89 1.18
CA PRO D 99 -6.06 -18.30 1.01
C PRO D 99 -7.33 -18.57 0.19
N ASN D 100 -8.27 -17.63 0.13
CA ASN D 100 -9.49 -17.86 -0.65
C ASN D 100 -9.21 -17.96 -2.16
N MET D 101 -8.05 -17.49 -2.63
CA MET D 101 -7.66 -17.74 -4.00
C MET D 101 -7.51 -19.23 -4.28
N CYS D 102 -7.29 -20.04 -3.26
CA CYS D 102 -7.11 -21.47 -3.42
C CYS D 102 -8.36 -22.31 -3.19
N SER D 103 -9.46 -21.71 -2.72
CA SER D 103 -10.71 -22.45 -2.52
C SER D 103 -11.65 -22.15 -3.68
N TYR D 104 -11.95 -23.19 -4.46
CA TYR D 104 -12.71 -22.96 -5.68
C TYR D 104 -14.10 -22.41 -5.35
N ARG D 105 -14.43 -21.31 -6.02
CA ARG D 105 -15.65 -20.52 -5.93
C ARG D 105 -15.75 -19.74 -4.62
N ALA D 106 -14.76 -19.86 -3.72
CA ALA D 106 -14.75 -19.04 -2.51
C ALA D 106 -14.53 -17.58 -2.88
N PRO D 107 -15.15 -16.65 -2.15
CA PRO D 107 -15.01 -15.21 -2.46
C PRO D 107 -13.57 -14.70 -2.32
N SER D 108 -13.04 -14.15 -3.40
CA SER D 108 -11.67 -13.66 -3.39
C SER D 108 -11.44 -12.44 -4.31
N LEU D 109 -12.50 -11.86 -4.89
CA LEU D 109 -12.35 -10.78 -5.86
C LEU D 109 -11.74 -9.53 -5.23
N ASP D 110 -12.14 -9.19 -4.00
CA ASP D 110 -11.55 -8.03 -3.34
C ASP D 110 -10.05 -8.22 -3.15
N ALA D 111 -9.64 -9.39 -2.66
CA ALA D 111 -8.23 -9.68 -2.42
C ALA D 111 -7.44 -9.63 -3.71
N ARG D 112 -7.94 -10.28 -4.76
CA ARG D 112 -7.21 -10.30 -6.02
C ARG D 112 -6.99 -8.88 -6.53
N HIS D 113 -8.05 -8.06 -6.50
CA HIS D 113 -7.96 -6.68 -6.98
C HIS D 113 -6.96 -5.87 -6.14
N ALA D 114 -6.98 -6.03 -4.82
CA ALA D 114 -6.00 -5.35 -4.00
C ALA D 114 -4.58 -5.68 -4.44
N ILE D 115 -4.35 -6.94 -4.83
CA ILE D 115 -3.04 -7.36 -5.27
C ILE D 115 -2.66 -6.71 -6.61
N LEU D 116 -3.66 -6.48 -7.48
CA LEU D 116 -3.40 -6.07 -8.86
C LEU D 116 -3.35 -4.56 -9.06
N VAL D 117 -4.20 -3.81 -8.35
CA VAL D 117 -4.39 -2.37 -8.57
C VAL D 117 -3.09 -1.59 -8.54
N GLU D 118 -2.14 -2.01 -7.70
CA GLU D 118 -0.82 -1.37 -7.66
C GLU D 118 0.22 -2.09 -8.51
N GLU D 119 0.12 -3.42 -8.67
CA GLU D 119 1.17 -4.14 -9.39
C GLU D 119 1.07 -3.96 -10.90
N VAL D 120 -0.14 -3.91 -11.43
CA VAL D 120 -0.35 -3.78 -12.87
C VAL D 120 0.32 -2.52 -13.41
N PRO D 121 0.04 -1.31 -12.89
CA PRO D 121 0.74 -0.13 -13.42
C PRO D 121 2.22 -0.17 -13.18
N LYS D 122 2.65 -0.82 -12.09
CA LYS D 122 4.06 -0.86 -11.74
C LYS D 122 4.83 -1.65 -12.80
N LEU D 123 4.31 -2.81 -13.18
CA LEU D 123 4.96 -3.59 -14.22
C LEU D 123 4.90 -2.88 -15.57
N GLY D 124 3.81 -2.17 -15.86
CA GLY D 124 3.78 -1.33 -17.05
C GLY D 124 4.93 -0.33 -17.07
N LYS D 125 5.18 0.33 -15.94
CA LYS D 125 6.29 1.26 -15.84
C LYS D 125 7.62 0.58 -16.19
N GLU D 126 7.84 -0.65 -15.71
CA GLU D 126 9.12 -1.32 -15.97
C GLU D 126 9.33 -1.49 -17.47
N ALA D 127 8.27 -1.92 -18.18
CA ALA D 127 8.35 -2.01 -19.64
C ALA D 127 8.42 -0.63 -20.28
N ALA D 128 7.56 0.28 -19.82
CA ALA D 128 7.49 1.63 -20.39
C ALA D 128 8.83 2.34 -20.32
N LEU D 129 9.53 2.23 -19.18
CA LEU D 129 10.81 2.92 -19.07
C LEU D 129 11.80 2.41 -20.12
N LYS D 130 11.83 1.09 -20.33
CA LYS D 130 12.75 0.52 -21.31
C LYS D 130 12.45 1.06 -22.71
N ALA D 131 11.16 1.09 -23.09
CA ALA D 131 10.80 1.60 -24.40
C ALA D 131 11.21 3.06 -24.56
N ILE D 132 10.93 3.88 -23.54
CA ILE D 132 11.28 5.31 -23.58
C ILE D 132 12.80 5.49 -23.65
N LYS D 133 13.57 4.68 -22.91
CA LYS D 133 15.03 4.76 -23.00
C LYS D 133 15.48 4.56 -24.45
N GLU D 134 15.06 3.45 -25.08
CA GLU D 134 15.37 3.21 -26.49
C GLU D 134 14.90 4.36 -27.38
N TRP D 135 13.66 4.81 -27.18
CA TRP D 135 13.14 5.92 -27.97
C TRP D 135 14.07 7.14 -27.84
N GLY D 136 14.46 7.47 -26.61
CA GLY D 136 15.45 8.51 -26.42
C GLY D 136 14.95 9.93 -26.48
N GLN D 137 13.65 10.16 -26.53
CA GLN D 137 13.09 11.51 -26.53
C GLN D 137 12.62 11.87 -25.13
N PRO D 138 12.36 13.15 -24.88
CA PRO D 138 11.87 13.54 -23.56
C PRO D 138 10.42 13.10 -23.33
N LEU D 139 10.12 12.77 -22.06
CA LEU D 139 8.77 12.37 -21.64
C LEU D 139 7.70 13.37 -22.09
N SER D 140 8.03 14.66 -22.08
CA SER D 140 7.07 15.67 -22.48
C SER D 140 6.69 15.56 -23.95
N LYS D 141 7.42 14.78 -24.75
CA LYS D 141 7.03 14.64 -26.15
C LYS D 141 5.91 13.62 -26.36
N ILE D 142 5.59 12.81 -25.34
CA ILE D 142 4.52 11.82 -25.41
C ILE D 142 3.21 12.55 -25.28
N THR D 143 2.38 12.46 -26.32
CA THR D 143 1.09 13.12 -26.39
C THR D 143 -0.09 12.21 -26.04
N HIS D 144 0.06 10.89 -26.17
CA HIS D 144 -1.02 9.92 -26.00
C HIS D 144 -0.53 8.71 -25.23
N LEU D 145 -1.42 8.13 -24.43
CA LEU D 145 -1.17 6.91 -23.67
C LEU D 145 -2.35 5.94 -23.81
N ILE D 146 -2.07 4.69 -24.20
CA ILE D 146 -3.07 3.64 -24.26
C ILE D 146 -2.65 2.53 -23.32
N PHE D 147 -3.47 2.24 -22.31
CA PHE D 147 -3.19 1.16 -21.36
C PHE D 147 -4.22 0.07 -21.59
N SER D 148 -3.76 -1.16 -21.85
CA SER D 148 -4.65 -2.30 -21.97
C SER D 148 -4.25 -3.34 -20.93
N ALA D 149 -5.22 -3.76 -20.11
CA ALA D 149 -4.97 -4.68 -19.02
C ALA D 149 -6.14 -5.64 -18.86
N MET D 150 -5.82 -6.94 -18.80
CA MET D 150 -6.86 -7.94 -18.60
C MET D 150 -7.51 -7.78 -17.23
N SER D 151 -6.70 -7.48 -16.20
CA SER D 151 -7.17 -7.55 -14.83
C SER D 151 -6.70 -6.33 -14.04
N GLY D 152 -7.48 -5.96 -13.02
CA GLY D 152 -7.08 -4.83 -12.20
C GLY D 152 -8.00 -3.62 -12.31
N VAL D 153 -9.28 -3.88 -12.63
CA VAL D 153 -10.24 -2.80 -12.85
C VAL D 153 -10.30 -1.87 -11.63
N ASP D 154 -10.10 -0.58 -11.89
CA ASP D 154 -10.09 0.40 -10.81
C ASP D 154 -10.33 1.81 -11.35
N ILE D 155 -10.86 2.65 -10.49
CA ILE D 155 -11.10 4.02 -10.86
C ILE D 155 -10.43 4.94 -9.89
N PRO D 156 -9.51 5.80 -10.38
CA PRO D 156 -8.96 5.85 -11.75
C PRO D 156 -8.20 4.60 -12.17
N GLY D 157 -8.03 4.42 -13.47
CA GLY D 157 -7.44 3.21 -13.98
C GLY D 157 -5.93 3.25 -14.03
N ALA D 158 -5.37 2.12 -14.48
CA ALA D 158 -3.92 1.95 -14.57
C ALA D 158 -3.27 2.99 -15.48
N ASP D 159 -4.03 3.52 -16.45
CA ASP D 159 -3.53 4.65 -17.24
C ASP D 159 -3.16 5.83 -16.36
N PHE D 160 -4.06 6.17 -15.44
CA PHE D 160 -3.84 7.31 -14.55
C PHE D 160 -2.62 7.07 -13.66
N ARG D 161 -2.56 5.89 -13.04
CA ARG D 161 -1.43 5.53 -12.18
C ARG D 161 -0.12 5.60 -12.94
N LEU D 162 -0.08 5.06 -14.16
CA LEU D 162 1.16 5.07 -14.94
C LEU D 162 1.57 6.49 -15.30
N MET D 163 0.60 7.33 -15.66
CA MET D 163 0.93 8.73 -15.98
C MET D 163 1.66 9.39 -14.83
N ASN D 164 1.20 9.15 -13.59
CA ASN D 164 1.86 9.76 -12.44
C ASN D 164 3.16 9.04 -12.10
N LEU D 165 3.18 7.71 -12.22
CA LEU D 165 4.42 6.97 -11.98
C LEU D 165 5.53 7.47 -12.88
N LEU D 166 5.19 7.78 -14.15
CA LEU D 166 6.16 8.19 -15.16
C LEU D 166 6.44 9.67 -15.18
N GLY D 167 5.53 10.50 -14.66
CA GLY D 167 5.71 11.93 -14.83
C GLY D 167 5.42 12.44 -16.24
N LEU D 168 4.36 11.93 -16.87
CA LEU D 168 3.92 12.45 -18.15
C LEU D 168 3.22 13.78 -17.93
N GLU D 169 3.06 14.54 -19.03
CA GLU D 169 2.28 15.77 -18.96
C GLU D 169 0.85 15.47 -18.49
N PRO D 170 0.30 16.32 -17.64
CA PRO D 170 -1.12 16.15 -17.27
C PRO D 170 -2.04 16.24 -18.48
N SER D 171 -1.58 16.84 -19.58
CA SER D 171 -2.38 16.96 -20.79
C SER D 171 -2.30 15.74 -21.70
N VAL D 172 -1.62 14.68 -21.29
CA VAL D 172 -1.54 13.50 -22.14
C VAL D 172 -2.94 12.95 -22.35
N ASN D 173 -3.23 12.57 -23.59
CA ASN D 173 -4.54 12.01 -23.92
C ASN D 173 -4.51 10.52 -23.62
N ARG D 174 -5.45 10.06 -22.78
CA ARG D 174 -5.39 8.72 -22.22
C ARG D 174 -6.56 7.87 -22.71
N LEU D 175 -6.28 6.59 -22.87
CA LEU D 175 -7.30 5.61 -23.20
C LEU D 175 -6.97 4.34 -22.43
N MET D 176 -7.94 3.83 -21.68
CA MET D 176 -7.74 2.71 -20.77
C MET D 176 -8.76 1.61 -21.07
N ILE D 177 -8.28 0.41 -21.40
CA ILE D 177 -9.12 -0.71 -21.82
C ILE D 177 -8.88 -1.89 -20.88
N TYR D 178 -9.87 -2.20 -20.05
CA TYR D 178 -9.80 -3.31 -19.10
C TYR D 178 -10.53 -4.53 -19.63
N THR D 179 -9.97 -5.72 -19.37
CA THR D 179 -10.69 -7.00 -19.40
C THR D 179 -11.34 -7.26 -20.77
N GLN D 180 -10.50 -7.46 -21.78
CA GLN D 180 -11.12 -7.77 -23.08
C GLN D 180 -10.63 -9.07 -23.71
N GLY D 181 -9.36 -9.42 -23.54
CA GLY D 181 -8.89 -10.69 -24.07
C GLY D 181 -7.63 -10.52 -24.89
N CYS D 182 -7.20 -11.63 -25.51
CA CYS D 182 -5.93 -11.70 -26.21
C CYS D 182 -5.97 -11.01 -27.58
N TYR D 183 -7.14 -10.63 -28.09
CA TYR D 183 -7.17 -9.89 -29.34
C TYR D 183 -6.74 -8.43 -29.19
N MET D 184 -6.55 -7.95 -27.95
CA MET D 184 -6.29 -6.53 -27.74
C MET D 184 -4.96 -6.07 -28.31
N GLY D 185 -4.00 -6.97 -28.48
CA GLY D 185 -2.74 -6.59 -29.11
C GLY D 185 -2.96 -5.99 -30.48
N GLY D 186 -3.66 -6.71 -31.36
CA GLY D 186 -3.95 -6.17 -32.68
C GLY D 186 -4.94 -5.03 -32.68
N ALA D 187 -5.92 -5.04 -31.77
CA ALA D 187 -6.94 -4.00 -31.77
C ALA D 187 -6.38 -2.68 -31.27
N ALA D 188 -5.66 -2.71 -30.14
CA ALA D 188 -5.10 -1.47 -29.62
C ALA D 188 -4.06 -0.91 -30.56
N MET D 189 -3.38 -1.78 -31.30
CA MET D 189 -2.46 -1.31 -32.33
C MET D 189 -3.20 -0.51 -33.40
N ARG D 190 -4.40 -0.96 -33.76
CA ARG D 190 -5.21 -0.21 -34.71
C ARG D 190 -5.52 1.19 -34.19
N HIS D 191 -5.90 1.31 -32.91
CA HIS D 191 -6.27 2.64 -32.40
C HIS D 191 -5.07 3.56 -32.33
N ALA D 192 -3.93 3.02 -31.90
CA ALA D 192 -2.72 3.81 -31.91
C ALA D 192 -2.39 4.31 -33.31
N LYS D 193 -2.61 3.46 -34.34
CA LYS D 193 -2.39 3.89 -35.71
C LYS D 193 -3.27 5.10 -36.08
N ASP D 194 -4.57 5.05 -35.76
CA ASP D 194 -5.43 6.17 -36.08
C ASP D 194 -4.96 7.44 -35.39
N ILE D 195 -4.64 7.34 -34.09
CA ILE D 195 -4.16 8.49 -33.33
C ILE D 195 -2.92 9.09 -33.98
N ALA D 196 -1.91 8.25 -34.17
CA ALA D 196 -0.61 8.72 -34.61
C ALA D 196 -0.69 9.39 -35.98
N GLU D 197 -1.49 8.81 -36.88
CA GLU D 197 -1.59 9.30 -38.26
C GLU D 197 -2.51 10.52 -38.41
N ASN D 198 -3.55 10.63 -37.56
CA ASN D 198 -4.46 11.76 -37.67
C ASN D 198 -3.95 13.01 -36.96
N ASN D 199 -2.86 12.92 -36.19
CA ASN D 199 -2.39 14.02 -35.35
C ASN D 199 -0.90 14.27 -35.47
N ALA D 200 -0.52 15.25 -36.30
CA ALA D 200 0.89 15.60 -36.44
C ALA D 200 1.49 15.89 -35.08
N GLY D 201 2.68 15.35 -34.82
CA GLY D 201 3.34 15.48 -33.55
C GLY D 201 3.00 14.39 -32.56
N ALA D 202 1.91 13.67 -32.76
CA ALA D 202 1.54 12.65 -31.80
C ALA D 202 2.62 11.60 -31.69
N ARG D 203 2.91 11.21 -30.44
CA ARG D 203 3.72 10.04 -30.11
C ARG D 203 2.96 9.31 -29.03
N VAL D 204 2.57 8.07 -29.31
CA VAL D 204 1.69 7.27 -28.46
C VAL D 204 2.55 6.34 -27.63
N LEU D 205 2.35 6.34 -26.32
CA LEU D 205 2.91 5.32 -25.46
C LEU D 205 1.86 4.24 -25.36
N LEU D 206 2.19 3.04 -25.84
CA LEU D 206 1.22 1.95 -25.90
C LEU D 206 1.68 0.87 -24.94
N VAL D 207 0.85 0.56 -23.93
CA VAL D 207 1.23 -0.33 -22.83
C VAL D 207 0.24 -1.49 -22.73
N PHE D 208 0.78 -2.71 -22.67
CA PHE D 208 -0.01 -3.91 -22.38
C PHE D 208 0.51 -4.56 -21.13
N CYS D 209 -0.38 -4.81 -20.17
CA CYS D 209 0.00 -5.56 -18.98
C CYS D 209 -1.15 -6.48 -18.59
N ASP D 210 -0.94 -7.78 -18.78
CA ASP D 210 -1.92 -8.78 -18.40
C ASP D 210 -1.27 -9.67 -17.35
N LEU D 211 -1.73 -9.51 -16.12
CA LEU D 211 -1.35 -10.35 -14.99
C LEU D 211 -2.48 -11.36 -14.76
N MET D 212 -2.12 -12.64 -14.76
CA MET D 212 -3.09 -13.71 -14.79
C MET D 212 -3.56 -14.17 -13.40
N ASP D 213 -3.33 -13.37 -12.36
CA ASP D 213 -3.78 -13.73 -11.01
C ASP D 213 -5.28 -14.01 -10.96
N MET D 214 -6.09 -13.32 -11.75
CA MET D 214 -7.54 -13.49 -11.68
C MET D 214 -8.03 -14.83 -12.20
N TYR D 215 -7.21 -15.56 -12.96
CA TYR D 215 -7.56 -16.84 -13.55
C TYR D 215 -7.00 -18.01 -12.78
N PHE D 216 -6.25 -17.74 -11.70
CA PHE D 216 -5.71 -18.78 -10.82
C PHE D 216 -6.82 -19.37 -9.97
N HIS D 217 -6.98 -20.69 -10.05
CA HIS D 217 -7.95 -21.38 -9.22
C HIS D 217 -7.42 -22.75 -8.84
N ALA D 218 -8.04 -23.33 -7.82
CA ALA D 218 -7.76 -24.73 -7.51
C ALA D 218 -8.07 -25.60 -8.73
N PRO D 219 -7.27 -26.63 -8.99
CA PRO D 219 -7.44 -27.42 -10.22
C PRO D 219 -8.81 -28.07 -10.31
N GLN D 220 -9.41 -27.97 -11.48
CA GLN D 220 -10.69 -28.60 -11.76
C GLN D 220 -10.50 -29.64 -12.85
N ASN D 221 -11.43 -30.59 -12.89
CA ASN D 221 -11.46 -31.60 -13.95
C ASN D 221 -12.10 -30.97 -15.18
N ARG D 222 -11.40 -29.95 -15.71
CA ARG D 222 -11.84 -29.18 -16.87
C ARG D 222 -10.63 -28.97 -17.77
N VAL D 223 -10.67 -29.47 -19.01
CA VAL D 223 -9.49 -29.41 -19.87
C VAL D 223 -9.08 -27.97 -20.13
N ASP D 224 -10.06 -27.11 -20.40
CA ASP D 224 -9.75 -25.72 -20.73
C ASP D 224 -9.07 -25.01 -19.58
N LEU D 225 -9.61 -25.14 -18.35
CA LEU D 225 -9.02 -24.48 -17.18
C LEU D 225 -7.60 -24.98 -16.89
N LEU D 226 -7.32 -26.27 -17.09
CA LEU D 226 -5.99 -26.80 -16.82
C LEU D 226 -4.95 -26.26 -17.82
N VAL D 227 -5.32 -26.22 -19.11
CA VAL D 227 -4.46 -25.64 -20.13
C VAL D 227 -4.09 -24.22 -19.76
N GLY D 228 -5.09 -23.43 -19.35
CA GLY D 228 -4.80 -22.05 -18.96
C GLY D 228 -3.82 -21.99 -17.81
N GLN D 229 -4.04 -22.84 -16.81
CA GLN D 229 -3.17 -22.90 -15.65
C GLN D 229 -1.76 -23.35 -16.03
N ALA D 230 -1.62 -24.08 -17.14
CA ALA D 230 -0.32 -24.51 -17.61
C ALA D 230 0.37 -23.48 -18.51
N VAL D 231 -0.40 -22.64 -19.20
CA VAL D 231 0.10 -21.87 -20.33
C VAL D 231 0.14 -20.37 -20.05
N PHE D 232 -0.86 -19.81 -19.38
CA PHE D 232 -0.89 -18.36 -19.15
C PHE D 232 0.33 -17.92 -18.35
N GLY D 233 1.03 -16.89 -18.86
CA GLY D 233 2.13 -16.30 -18.15
C GLY D 233 1.91 -14.81 -17.98
N ASP D 234 2.76 -14.18 -17.18
CA ASP D 234 2.64 -12.75 -16.87
C ASP D 234 3.78 -11.99 -17.53
N GLY D 235 3.45 -10.77 -18.00
CA GLY D 235 4.43 -9.91 -18.65
C GLY D 235 3.79 -8.61 -19.08
N ALA D 236 4.65 -7.63 -19.37
CA ALA D 236 4.22 -6.33 -19.86
C ALA D 236 5.08 -5.93 -21.06
N ALA D 237 4.44 -5.32 -22.05
CA ALA D 237 5.12 -4.89 -23.26
C ALA D 237 4.71 -3.46 -23.53
N ALA D 238 5.68 -2.62 -23.81
CA ALA D 238 5.42 -1.20 -24.01
C ALA D 238 6.00 -0.81 -25.34
N LEU D 239 5.28 0.04 -26.06
CA LEU D 239 5.66 0.54 -27.36
C LEU D 239 5.46 2.04 -27.43
N ILE D 240 6.29 2.68 -28.24
CA ILE D 240 6.04 4.04 -28.69
C ILE D 240 5.73 4.02 -30.17
N VAL D 241 4.60 4.61 -30.55
CA VAL D 241 4.12 4.62 -31.93
C VAL D 241 3.86 6.04 -32.37
N GLY D 242 4.40 6.40 -33.52
CA GLY D 242 4.19 7.72 -34.09
C GLY D 242 4.40 7.66 -35.58
N ALA D 243 3.83 8.66 -36.28
CA ALA D 243 4.11 8.84 -37.70
C ALA D 243 5.20 9.88 -37.89
N ASP D 244 5.82 9.83 -39.09
CA ASP D 244 6.79 10.81 -39.57
C ASP D 244 7.91 10.93 -38.57
N PRO D 245 8.80 9.93 -38.47
CA PRO D 245 9.94 10.05 -37.54
C PRO D 245 10.78 11.28 -37.85
N ASP D 246 11.36 11.85 -36.80
CA ASP D 246 12.25 12.99 -36.90
C ASP D 246 13.67 12.48 -37.14
N ASP D 247 14.29 12.94 -38.24
CA ASP D 247 15.71 12.61 -38.47
C ASP D 247 16.62 13.37 -37.52
N ASP D 248 16.27 14.62 -37.20
CA ASP D 248 17.09 15.52 -36.39
C ASP D 248 17.28 15.04 -34.96
N CYS D 249 16.64 13.92 -34.60
CA CYS D 249 16.86 13.32 -33.31
C CYS D 249 16.95 11.81 -33.50
N THR D 250 17.24 11.11 -32.41
CA THR D 250 17.58 9.70 -32.53
C THR D 250 16.36 8.81 -32.68
N GLU D 251 15.24 9.36 -33.12
CA GLU D 251 14.07 8.55 -33.41
C GLU D 251 14.35 7.58 -34.55
N ARG D 252 14.13 6.29 -34.32
CA ARG D 252 14.44 5.35 -35.40
C ARG D 252 13.37 4.25 -35.46
N PRO D 253 12.66 4.14 -36.59
CA PRO D 253 11.53 3.20 -36.68
C PRO D 253 11.99 1.74 -36.70
N LEU D 254 11.12 0.86 -36.18
CA LEU D 254 11.30 -0.58 -36.21
C LEU D 254 10.37 -1.31 -37.17
N PHE D 255 9.09 -0.95 -37.20
CA PHE D 255 8.10 -1.52 -38.09
C PHE D 255 7.11 -0.44 -38.46
N GLN D 256 6.46 -0.59 -39.60
CA GLN D 256 5.43 0.34 -40.05
C GLN D 256 4.11 -0.38 -40.08
N VAL D 257 3.08 0.26 -39.54
CA VAL D 257 1.76 -0.34 -39.43
C VAL D 257 1.00 0.09 -40.67
N VAL D 258 0.84 -0.84 -41.61
CA VAL D 258 0.29 -0.51 -42.91
C VAL D 258 -1.23 -0.59 -42.91
N SER D 259 -1.79 -1.68 -42.40
CA SER D 259 -3.25 -1.79 -42.40
C SER D 259 -3.72 -2.73 -41.30
N CYS D 260 -4.91 -2.43 -40.78
CA CYS D 260 -5.49 -3.13 -39.63
C CYS D 260 -6.89 -3.59 -39.98
N ALA D 261 -7.17 -4.85 -39.66
CA ALA D 261 -8.49 -5.43 -39.89
C ALA D 261 -8.85 -6.25 -38.67
N GLU D 262 -10.15 -6.38 -38.45
CA GLU D 262 -10.67 -7.13 -37.30
C GLU D 262 -11.85 -7.95 -37.78
N ARG D 263 -11.99 -9.16 -37.26
CA ARG D 263 -13.17 -9.92 -37.62
C ARG D 263 -13.61 -10.81 -36.48
N ALA D 264 -14.92 -10.79 -36.23
CA ALA D 264 -15.59 -11.78 -35.38
C ALA D 264 -16.06 -12.93 -36.26
N VAL D 265 -15.51 -14.12 -36.06
CA VAL D 265 -15.84 -15.30 -36.87
C VAL D 265 -17.28 -15.71 -36.56
N PRO D 266 -18.16 -15.73 -37.56
CA PRO D 266 -19.58 -16.05 -37.29
C PRO D 266 -19.74 -17.42 -36.64
N GLY D 267 -20.69 -17.50 -35.71
CA GLY D 267 -21.05 -18.75 -35.07
C GLY D 267 -20.15 -19.24 -33.96
N THR D 268 -19.21 -18.42 -33.48
CA THR D 268 -18.28 -18.87 -32.45
C THR D 268 -18.44 -18.08 -31.15
N GLN D 269 -19.63 -17.50 -30.93
CA GLN D 269 -19.85 -16.66 -29.75
C GLN D 269 -19.40 -17.35 -28.46
N ASP D 270 -19.66 -18.65 -28.36
CA ASP D 270 -19.44 -19.37 -27.11
C ASP D 270 -18.05 -19.99 -27.00
N TYR D 271 -17.19 -19.85 -28.01
CA TYR D 271 -15.90 -20.53 -27.95
C TYR D 271 -15.07 -19.99 -26.79
N ILE D 272 -15.06 -18.67 -26.60
CA ILE D 272 -14.33 -18.07 -25.48
C ILE D 272 -15.26 -17.12 -24.73
N LYS D 273 -15.54 -17.45 -23.49
CA LYS D 273 -16.35 -16.63 -22.60
C LYS D 273 -15.57 -16.52 -21.32
N ALA D 274 -15.61 -15.35 -20.69
CA ALA D 274 -15.00 -15.19 -19.38
C ALA D 274 -15.83 -14.18 -18.60
N HIS D 275 -16.17 -14.51 -17.36
CA HIS D 275 -17.05 -13.70 -16.54
C HIS D 275 -16.28 -13.23 -15.32
N LEU D 276 -16.42 -11.93 -14.99
CA LEU D 276 -15.85 -11.38 -13.77
C LEU D 276 -16.82 -11.64 -12.61
N LYS D 277 -16.40 -12.44 -11.64
CA LYS D 277 -17.29 -12.90 -10.58
C LYS D 277 -16.64 -12.72 -9.22
N GLU D 278 -17.40 -13.06 -8.18
CA GLU D 278 -16.92 -12.88 -6.81
C GLU D 278 -15.72 -13.76 -6.54
N MET D 279 -15.66 -14.92 -7.18
CA MET D 279 -14.53 -15.85 -7.06
C MET D 279 -13.37 -15.47 -7.98
N GLY D 280 -13.50 -14.40 -8.76
CA GLY D 280 -12.48 -14.01 -9.70
C GLY D 280 -12.99 -14.12 -11.12
N MET D 281 -12.10 -14.45 -12.06
CA MET D 281 -12.46 -14.60 -13.46
C MET D 281 -12.80 -16.06 -13.74
N GLU D 282 -13.99 -16.29 -14.28
CA GLU D 282 -14.51 -17.62 -14.56
C GLU D 282 -14.43 -17.90 -16.06
N LEU D 283 -13.46 -18.73 -16.47
CA LEU D 283 -13.13 -18.93 -17.89
C LEU D 283 -13.83 -20.15 -18.48
N HIS D 284 -14.21 -20.05 -19.75
CA HIS D 284 -14.76 -21.15 -20.53
C HIS D 284 -14.09 -21.07 -21.89
N LEU D 285 -13.33 -22.10 -22.25
CA LEU D 285 -12.50 -22.02 -23.45
C LEU D 285 -12.68 -23.31 -24.24
N SER D 286 -13.28 -23.19 -25.42
CA SER D 286 -13.54 -24.37 -26.24
C SER D 286 -12.26 -24.97 -26.79
N THR D 287 -12.21 -26.31 -26.80
CA THR D 287 -11.08 -26.99 -27.42
C THR D 287 -11.13 -26.89 -28.93
N ASP D 288 -12.27 -26.47 -29.49
CA ASP D 288 -12.35 -26.29 -30.92
C ASP D 288 -11.71 -24.98 -31.40
N VAL D 289 -11.20 -24.14 -30.49
CA VAL D 289 -10.61 -22.87 -30.91
C VAL D 289 -9.50 -23.04 -31.94
N PRO D 290 -8.46 -23.86 -31.70
CA PRO D 290 -7.39 -23.96 -32.71
C PRO D 290 -7.89 -24.44 -34.08
N ARG D 291 -8.81 -25.42 -34.13
CA ARG D 291 -9.33 -25.84 -35.43
C ARG D 291 -10.12 -24.74 -36.11
N MET D 292 -10.95 -24.02 -35.35
CA MET D 292 -11.66 -22.90 -35.94
C MET D 292 -10.69 -21.87 -36.51
N ILE D 293 -9.63 -21.57 -35.78
CA ILE D 293 -8.63 -20.64 -36.28
C ILE D 293 -7.99 -21.17 -37.56
N GLY D 294 -7.50 -22.40 -37.54
CA GLY D 294 -6.90 -22.97 -38.75
C GLY D 294 -7.85 -22.96 -39.93
N LYS D 295 -9.14 -23.15 -39.68
CA LYS D 295 -10.11 -23.19 -40.78
C LYS D 295 -10.26 -21.84 -41.48
N ASN D 296 -10.09 -20.73 -40.75
CA ASN D 296 -10.33 -19.36 -41.22
C ASN D 296 -9.06 -18.57 -41.56
N ILE D 297 -7.88 -19.04 -41.13
CA ILE D 297 -6.69 -18.18 -41.15
C ILE D 297 -6.32 -17.71 -42.57
N GLU D 298 -6.41 -18.60 -43.57
CA GLU D 298 -5.97 -18.25 -44.93
C GLU D 298 -6.86 -17.20 -45.56
N LYS D 299 -8.18 -17.32 -45.38
CA LYS D 299 -9.06 -16.33 -45.97
C LYS D 299 -8.78 -14.94 -45.38
N LEU D 300 -8.59 -14.86 -44.06
CA LEU D 300 -8.26 -13.59 -43.43
C LEU D 300 -6.92 -13.06 -43.91
N LEU D 301 -5.93 -13.93 -44.04
CA LEU D 301 -4.64 -13.50 -44.54
C LEU D 301 -4.78 -12.97 -45.97
N ALA D 302 -5.50 -13.71 -46.82
CA ALA D 302 -5.68 -13.29 -48.21
C ALA D 302 -6.35 -11.92 -48.29
N ASP D 303 -7.41 -11.72 -47.53
CA ASP D 303 -8.08 -10.42 -47.55
C ASP D 303 -7.16 -9.31 -47.09
N ALA D 304 -6.22 -9.60 -46.19
CA ALA D 304 -5.39 -8.54 -45.65
C ALA D 304 -4.34 -8.09 -46.66
N VAL D 305 -3.66 -9.05 -47.31
CA VAL D 305 -2.45 -8.72 -48.08
C VAL D 305 -2.69 -8.73 -49.58
N SER D 306 -3.80 -9.28 -50.06
CA SER D 306 -4.06 -9.21 -51.50
C SER D 306 -4.00 -7.80 -52.05
N PRO D 307 -4.49 -6.74 -51.38
CA PRO D 307 -4.33 -5.39 -51.93
C PRO D 307 -2.88 -5.00 -52.20
N PHE D 308 -1.91 -5.73 -51.67
CA PHE D 308 -0.50 -5.46 -51.92
C PHE D 308 0.16 -6.49 -52.84
N GLY D 309 -0.64 -7.28 -53.57
CA GLY D 309 -0.11 -8.24 -54.53
C GLY D 309 0.55 -9.47 -53.96
N ILE D 310 0.28 -9.81 -52.69
CA ILE D 310 0.93 -10.92 -52.03
C ILE D 310 0.05 -12.15 -52.10
N SER D 311 0.62 -13.23 -52.63
CA SER D 311 -0.05 -14.51 -52.70
C SER D 311 0.78 -15.67 -52.16
N ASP D 312 2.07 -15.47 -51.93
CA ASP D 312 2.93 -16.50 -51.34
C ASP D 312 3.06 -16.23 -49.85
N TRP D 313 2.40 -17.08 -49.06
CA TRP D 313 2.36 -16.85 -47.61
C TRP D 313 3.74 -17.00 -46.98
N ASN D 314 4.66 -17.73 -47.59
CA ASN D 314 5.99 -17.83 -47.00
C ASN D 314 6.85 -16.61 -47.29
N SER D 315 6.36 -15.66 -48.10
CA SER D 315 7.04 -14.40 -48.38
C SER D 315 6.81 -13.31 -47.32
N LEU D 316 6.02 -13.59 -46.28
CA LEU D 316 5.78 -12.69 -45.15
C LEU D 316 6.62 -13.12 -43.94
N PHE D 317 6.89 -12.18 -43.05
CA PHE D 317 7.29 -12.57 -41.69
C PHE D 317 6.04 -12.58 -40.80
N TYR D 318 6.10 -13.38 -39.74
CA TYR D 318 4.90 -13.67 -38.95
C TYR D 318 5.05 -13.32 -37.47
N ILE D 319 4.05 -12.62 -36.96
CA ILE D 319 3.86 -12.45 -35.52
C ILE D 319 2.49 -13.08 -35.21
N VAL D 320 2.50 -14.24 -34.56
CA VAL D 320 1.28 -14.98 -34.30
C VAL D 320 1.07 -15.06 -32.80
N HIS D 321 -0.07 -14.54 -32.35
CA HIS D 321 -0.40 -14.66 -30.94
C HIS D 321 -0.37 -16.11 -30.50
N PRO D 322 0.48 -16.47 -29.58
CA PRO D 322 0.64 -17.88 -29.18
C PRO D 322 -0.39 -18.30 -28.13
N GLY D 323 -1.67 -18.28 -28.51
CA GLY D 323 -2.71 -18.62 -27.54
C GLY D 323 -2.48 -20.00 -26.92
N ALA D 324 -2.10 -20.96 -27.77
CA ALA D 324 -1.69 -22.29 -27.35
C ALA D 324 -0.78 -22.81 -28.46
N VAL D 325 0.09 -23.77 -28.13
CA VAL D 325 0.92 -24.34 -29.20
C VAL D 325 0.03 -24.94 -30.30
N ALA D 326 -1.16 -25.46 -29.97
CA ALA D 326 -2.07 -25.95 -31.01
C ALA D 326 -2.40 -24.86 -32.03
N ILE D 327 -2.55 -23.62 -31.56
CA ILE D 327 -2.88 -22.50 -32.43
C ILE D 327 -1.74 -22.24 -33.42
N LEU D 328 -0.52 -22.23 -32.92
CA LEU D 328 0.61 -22.04 -33.83
C LEU D 328 0.63 -23.14 -34.88
N ASP D 329 0.45 -24.41 -34.45
CA ASP D 329 0.48 -25.53 -35.37
C ASP D 329 -0.61 -25.40 -36.42
N GLN D 330 -1.80 -25.01 -35.98
CA GLN D 330 -2.91 -24.82 -36.91
C GLN D 330 -2.61 -23.76 -37.94
N VAL D 331 -2.01 -22.65 -37.50
CA VAL D 331 -1.65 -21.59 -38.43
C VAL D 331 -0.57 -22.07 -39.39
N GLU D 332 0.49 -22.68 -38.84
CA GLU D 332 1.56 -23.23 -39.67
C GLU D 332 1.03 -24.18 -40.71
N GLU D 333 0.10 -25.05 -40.31
CA GLU D 333 -0.39 -26.07 -41.24
C GLU D 333 -1.26 -25.46 -42.31
N ASN D 334 -2.29 -24.71 -41.92
CA ASN D 334 -3.27 -24.23 -42.89
C ASN D 334 -2.77 -23.08 -43.75
N LEU D 335 -1.63 -22.46 -43.43
CA LEU D 335 -1.05 -21.54 -44.40
C LEU D 335 0.08 -22.18 -45.17
N GLY D 336 0.45 -23.41 -44.83
CA GLY D 336 1.53 -24.06 -45.53
C GLY D 336 2.86 -23.37 -45.35
N LEU D 337 3.20 -23.05 -44.10
CA LEU D 337 4.46 -22.36 -43.86
C LEU D 337 5.62 -23.35 -43.69
N GLY D 338 6.80 -22.91 -44.14
CA GLY D 338 8.00 -23.68 -43.87
C GLY D 338 8.26 -23.79 -42.39
N GLU D 339 8.94 -24.86 -41.99
CA GLU D 339 8.98 -25.26 -40.59
C GLU D 339 9.49 -24.15 -39.65
N ASP D 340 10.32 -23.22 -40.15
CA ASP D 340 10.97 -22.22 -39.30
C ASP D 340 10.28 -20.85 -39.30
N LYS D 341 9.13 -20.73 -39.97
CA LYS D 341 8.46 -19.43 -40.14
C LYS D 341 7.99 -18.83 -38.82
N LEU D 342 7.49 -19.65 -37.89
CA LEU D 342 6.96 -19.17 -36.63
C LEU D 342 7.98 -19.29 -35.49
N ARG D 343 9.27 -19.26 -35.82
CA ARG D 343 10.32 -19.42 -34.81
C ARG D 343 10.14 -18.44 -33.65
N ALA D 344 10.02 -17.14 -33.97
CA ALA D 344 9.92 -16.12 -32.93
C ALA D 344 8.70 -16.33 -32.04
N SER D 345 7.55 -16.70 -32.64
CA SER D 345 6.36 -16.92 -31.84
C SER D 345 6.50 -18.15 -30.94
N ARG D 346 7.00 -19.26 -31.47
CA ARG D 346 7.22 -20.42 -30.62
C ARG D 346 8.28 -20.13 -29.55
N TYR D 347 9.25 -19.28 -29.86
CA TYR D 347 10.22 -18.90 -28.85
C TYR D 347 9.54 -18.21 -27.66
N VAL D 348 8.71 -17.21 -27.93
CA VAL D 348 8.09 -16.45 -26.84
C VAL D 348 7.15 -17.35 -26.03
N LEU D 349 6.36 -18.20 -26.70
CA LEU D 349 5.53 -19.15 -25.96
C LEU D 349 6.40 -20.01 -25.05
N SER D 350 7.54 -20.48 -25.57
CA SER D 350 8.41 -21.37 -24.81
C SER D 350 8.98 -20.70 -23.56
N GLU D 351 9.57 -19.49 -23.72
CA GLU D 351 10.27 -18.82 -22.62
C GLU D 351 9.33 -18.02 -21.71
N TYR D 352 8.08 -17.81 -22.12
CA TYR D 352 7.21 -16.92 -21.36
C TYR D 352 5.80 -17.42 -21.17
N GLY D 353 5.34 -18.42 -21.94
CA GLY D 353 3.93 -18.76 -21.91
C GLY D 353 3.09 -17.76 -22.70
N ASN D 354 1.79 -17.84 -22.47
CA ASN D 354 0.83 -16.94 -23.13
C ASN D 354 0.60 -15.76 -22.19
N MET D 355 1.21 -14.62 -22.53
CA MET D 355 1.07 -13.42 -21.71
C MET D 355 -0.04 -12.50 -22.16
N GLY D 356 -1.12 -13.05 -22.72
CA GLY D 356 -2.24 -12.23 -23.16
C GLY D 356 -1.83 -11.33 -24.32
N ALA D 357 -2.39 -10.11 -24.33
CA ALA D 357 -2.16 -9.18 -25.43
C ALA D 357 -0.70 -8.78 -25.54
N ALA D 358 0.07 -8.89 -24.44
CA ALA D 358 1.49 -8.53 -24.47
C ALA D 358 2.31 -9.46 -25.36
N SER D 359 1.84 -10.70 -25.58
CA SER D 359 2.67 -11.72 -26.22
C SER D 359 3.19 -11.27 -27.58
N VAL D 360 2.28 -10.83 -28.48
CA VAL D 360 2.66 -10.49 -29.85
C VAL D 360 3.79 -9.46 -29.88
N PHE D 361 3.87 -8.63 -28.85
CA PHE D 361 4.93 -7.63 -28.85
C PHE D 361 6.23 -8.15 -28.27
N PHE D 362 6.19 -9.14 -27.35
CA PHE D 362 7.41 -9.87 -27.01
C PHE D 362 8.00 -10.53 -28.27
N ILE D 363 7.14 -11.08 -29.12
CA ILE D 363 7.57 -11.73 -30.35
C ILE D 363 8.21 -10.70 -31.29
N LEU D 364 7.54 -9.56 -31.46
CA LEU D 364 8.06 -8.52 -32.33
C LEU D 364 9.44 -8.05 -31.87
N ASP D 365 9.61 -7.87 -30.56
CA ASP D 365 10.89 -7.50 -29.98
C ASP D 365 11.91 -8.60 -30.25
N GLU D 366 11.51 -9.86 -30.06
CA GLU D 366 12.40 -10.98 -30.36
C GLU D 366 12.83 -10.93 -31.81
N MET D 367 11.85 -10.73 -32.71
CA MET D 367 12.12 -10.78 -34.13
C MET D 367 13.06 -9.65 -34.54
N ARG D 368 12.80 -8.44 -34.04
CA ARG D 368 13.69 -7.32 -34.36
C ARG D 368 15.10 -7.61 -33.87
N ASN D 369 15.24 -8.27 -32.70
CA ASN D 369 16.54 -8.57 -32.12
C ASN D 369 17.23 -9.73 -32.82
N LYS D 370 16.52 -10.85 -33.00
CA LYS D 370 17.11 -12.02 -33.65
C LYS D 370 17.55 -11.67 -35.06
N SER D 371 16.79 -10.81 -35.75
CA SER D 371 17.16 -10.40 -37.10
C SER D 371 18.49 -9.67 -37.10
N ALA D 372 18.64 -8.72 -36.19
CA ALA D 372 19.92 -8.02 -36.03
C ALA D 372 21.04 -9.00 -35.68
N GLU D 373 20.78 -9.89 -34.73
CA GLU D 373 21.78 -10.86 -34.28
C GLU D 373 22.25 -11.77 -35.40
N GLU D 374 21.34 -12.13 -36.31
CA GLU D 374 21.62 -12.99 -37.46
C GLU D 374 22.06 -12.19 -38.68
N GLY D 375 22.25 -10.88 -38.54
CA GLY D 375 22.69 -10.08 -39.66
C GLY D 375 21.70 -10.01 -40.81
N LYS D 376 20.41 -10.20 -40.54
CA LYS D 376 19.43 -10.00 -41.60
C LYS D 376 19.42 -8.54 -42.03
N LEU D 377 18.93 -8.30 -43.24
CA LEU D 377 18.91 -6.94 -43.77
C LEU D 377 17.66 -6.14 -43.38
N THR D 378 16.67 -6.75 -42.71
CA THR D 378 15.48 -6.02 -42.25
C THR D 378 15.12 -6.48 -40.85
N THR D 379 14.25 -5.70 -40.18
CA THR D 379 13.76 -6.13 -38.88
C THR D 379 12.77 -7.28 -38.98
N GLY D 380 12.27 -7.58 -40.17
CA GLY D 380 11.35 -8.69 -40.34
C GLY D 380 11.98 -9.92 -40.96
N GLU D 381 13.07 -10.39 -40.37
CA GLU D 381 13.73 -11.62 -40.80
C GLU D 381 14.12 -11.55 -42.28
N GLY D 382 14.58 -10.38 -42.71
CA GLY D 382 15.01 -10.17 -44.08
C GLY D 382 13.89 -9.91 -45.05
N LEU D 383 12.65 -10.15 -44.66
CA LEU D 383 11.53 -9.90 -45.54
C LEU D 383 11.01 -8.50 -45.32
N GLU D 384 10.21 -8.07 -46.27
CA GLU D 384 9.78 -6.68 -46.37
C GLU D 384 8.39 -6.48 -45.79
N TRP D 385 7.47 -7.39 -46.13
CA TRP D 385 6.09 -7.39 -45.66
C TRP D 385 5.89 -8.48 -44.61
N GLY D 386 4.98 -8.22 -43.67
CA GLY D 386 4.66 -9.18 -42.63
C GLY D 386 3.24 -8.97 -42.13
N VAL D 387 2.78 -9.91 -41.32
CA VAL D 387 1.43 -9.86 -40.76
C VAL D 387 1.50 -10.21 -39.28
N LEU D 388 0.67 -9.55 -38.49
CA LEU D 388 0.53 -9.81 -37.05
C LEU D 388 -0.88 -10.32 -36.78
N PHE D 389 -0.99 -11.44 -36.07
CA PHE D 389 -2.28 -12.03 -35.76
C PHE D 389 -2.52 -12.03 -34.24
N SER D 390 -3.67 -11.50 -33.82
CA SER D 390 -4.18 -11.70 -32.49
C SER D 390 -5.50 -12.43 -32.59
N PHE D 391 -5.76 -13.30 -31.61
CA PHE D 391 -6.98 -14.07 -31.52
C PHE D 391 -7.52 -13.90 -30.11
N GLY D 392 -8.82 -13.73 -29.98
CA GLY D 392 -9.43 -13.69 -28.68
C GLY D 392 -10.88 -14.03 -28.83
N PRO D 393 -11.66 -13.75 -27.80
CA PRO D 393 -13.12 -13.90 -27.77
C PRO D 393 -13.75 -13.00 -28.84
N GLY D 394 -14.76 -13.45 -29.56
CA GLY D 394 -15.29 -14.78 -29.46
C GLY D 394 -16.09 -15.01 -30.73
N LEU D 395 -15.42 -15.44 -31.80
CA LEU D 395 -13.98 -15.41 -31.91
C LEU D 395 -13.58 -14.14 -32.66
N THR D 396 -12.68 -13.34 -32.09
CA THR D 396 -12.20 -12.12 -32.74
C THR D 396 -10.76 -12.33 -33.22
N VAL D 397 -10.50 -11.96 -34.47
CA VAL D 397 -9.18 -12.06 -35.07
C VAL D 397 -8.76 -10.67 -35.57
N GLU D 398 -7.59 -10.23 -35.14
CA GLU D 398 -6.98 -9.00 -35.62
C GLU D 398 -5.91 -9.37 -36.64
N THR D 399 -5.92 -8.69 -37.78
CA THR D 399 -4.91 -8.90 -38.80
C THR D 399 -4.26 -7.55 -39.07
N VAL D 400 -2.97 -7.45 -38.76
CA VAL D 400 -2.22 -6.20 -38.91
C VAL D 400 -1.10 -6.45 -39.92
N VAL D 401 -1.12 -5.71 -41.02
CA VAL D 401 -0.08 -5.83 -42.02
C VAL D 401 1.05 -4.88 -41.62
N LEU D 402 2.27 -5.39 -41.64
CA LEU D 402 3.43 -4.62 -41.24
C LEU D 402 4.42 -4.56 -42.41
N LEU D 403 5.24 -3.50 -42.37
CA LEU D 403 6.43 -3.33 -43.20
C LEU D 403 7.63 -3.35 -42.29
N SER D 404 8.64 -4.12 -42.66
CA SER D 404 9.86 -4.13 -41.88
C SER D 404 10.69 -2.89 -42.20
N VAL D 405 11.78 -2.71 -41.47
CA VAL D 405 12.70 -1.60 -41.70
C VAL D 405 14.08 -2.18 -42.00
N PRO D 406 14.83 -1.64 -42.95
CA PRO D 406 16.17 -2.17 -43.24
C PRO D 406 17.13 -2.01 -42.06
N LEU D 407 18.11 -2.92 -42.00
CA LEU D 407 19.16 -2.87 -40.99
C LEU D 407 20.55 -2.73 -41.64
N SER E 16 9.16 -68.54 41.54
CA SER E 16 8.14 -68.68 40.50
C SER E 16 8.72 -68.29 39.15
N PHE E 17 8.28 -69.01 38.14
CA PHE E 17 8.70 -68.74 36.77
C PHE E 17 7.73 -67.85 36.00
N SER E 18 6.48 -67.75 36.49
CA SER E 18 5.53 -66.82 35.88
C SER E 18 5.92 -65.38 36.16
N MET E 19 6.47 -65.07 37.33
CA MET E 19 7.01 -63.73 37.55
C MET E 19 8.29 -63.52 36.73
N GLU E 20 9.00 -64.60 36.43
CA GLU E 20 10.22 -64.49 35.63
C GLU E 20 9.91 -64.07 34.20
N LYS E 21 8.70 -64.41 33.72
CA LYS E 21 8.19 -64.00 32.41
C LYS E 21 7.73 -62.53 32.41
N VAL E 22 6.98 -62.12 33.43
CA VAL E 22 6.51 -60.74 33.53
C VAL E 22 7.67 -59.76 33.52
N LYS E 23 8.76 -60.14 34.17
CA LYS E 23 9.86 -59.22 34.25
C LYS E 23 10.63 -59.15 32.95
N ARG E 24 10.51 -60.17 32.09
CA ARG E 24 11.11 -60.11 30.77
C ARG E 24 10.35 -59.15 29.84
N ILE E 25 9.02 -59.09 29.96
CA ILE E 25 8.21 -58.23 29.09
C ILE E 25 8.39 -56.76 29.47
N LEU E 26 8.28 -56.47 30.77
CA LEU E 26 8.53 -55.11 31.25
C LEU E 26 9.90 -54.59 30.81
N ASP E 27 10.94 -55.42 30.97
CA ASP E 27 12.27 -55.02 30.55
C ASP E 27 12.31 -54.70 29.04
N ALA E 28 11.51 -55.43 28.24
CA ALA E 28 11.52 -55.25 26.79
C ALA E 28 10.85 -53.95 26.37
N GLN E 29 9.93 -53.44 27.17
CA GLN E 29 9.14 -52.26 26.83
C GLN E 29 9.77 -50.96 27.30
N ARG E 30 10.87 -51.03 28.05
CA ARG E 30 11.48 -49.84 28.61
C ARG E 30 12.02 -48.96 27.49
N THR E 31 11.97 -47.64 27.72
CA THR E 31 12.56 -46.64 26.84
C THR E 31 13.70 -45.91 27.55
N GLU E 32 14.45 -45.12 26.77
CA GLU E 32 15.57 -44.34 27.30
C GLU E 32 15.31 -42.84 27.30
N GLY E 33 14.92 -42.26 26.16
CA GLY E 33 14.74 -40.84 26.04
C GLY E 33 13.37 -40.40 26.50
N PRO E 34 13.13 -39.09 26.40
CA PRO E 34 11.81 -38.52 26.69
C PRO E 34 10.92 -38.56 25.45
N ALA E 35 9.61 -38.47 25.69
CA ALA E 35 8.67 -38.31 24.59
C ALA E 35 9.03 -37.07 23.80
N THR E 36 9.09 -37.20 22.47
CA THR E 36 9.42 -36.08 21.61
C THR E 36 8.38 -35.98 20.48
N VAL E 37 8.15 -34.76 20.00
CA VAL E 37 7.28 -34.58 18.85
C VAL E 37 8.14 -34.69 17.60
N LEU E 38 7.75 -35.59 16.71
CA LEU E 38 8.52 -35.91 15.52
C LEU E 38 8.00 -35.22 14.26
N ALA E 39 6.77 -34.68 14.28
CA ALA E 39 6.20 -33.95 13.15
C ALA E 39 4.91 -33.28 13.60
N ILE E 40 4.54 -32.23 12.87
CA ILE E 40 3.31 -31.47 13.13
C ILE E 40 2.65 -31.17 11.80
N GLY E 41 1.37 -31.46 11.71
CA GLY E 41 0.59 -31.10 10.54
C GLY E 41 -0.71 -30.46 10.96
N THR E 42 -1.11 -29.45 10.19
CA THR E 42 -2.30 -28.68 10.50
C THR E 42 -3.16 -28.54 9.26
N ALA E 43 -4.44 -28.23 9.49
CA ALA E 43 -5.37 -28.09 8.39
C ALA E 43 -6.53 -27.21 8.84
N ASN E 44 -7.17 -26.57 7.87
CA ASN E 44 -8.26 -25.66 8.12
C ASN E 44 -9.35 -25.88 7.08
N PRO E 45 -10.60 -25.52 7.40
CA PRO E 45 -11.64 -25.46 6.38
C PRO E 45 -11.26 -24.51 5.26
N PRO E 46 -11.88 -24.62 4.07
CA PRO E 46 -11.41 -23.83 2.92
C PRO E 46 -11.77 -22.35 2.97
N THR E 47 -12.91 -21.99 3.52
CA THR E 47 -13.41 -20.63 3.47
C THR E 47 -12.77 -19.75 4.54
N CYS E 48 -12.12 -18.66 4.13
CA CYS E 48 -11.50 -17.70 5.03
C CYS E 48 -12.42 -16.51 5.27
N PHE E 49 -12.74 -16.24 6.54
CA PHE E 49 -13.60 -15.12 6.91
C PHE E 49 -12.76 -14.05 7.58
N TYR E 50 -12.64 -12.90 6.93
CA TYR E 50 -11.88 -11.80 7.50
C TYR E 50 -12.68 -11.04 8.55
N GLU E 51 -12.00 -10.70 9.65
CA GLU E 51 -12.64 -10.09 10.81
C GLU E 51 -13.31 -8.76 10.48
N ALA E 52 -12.76 -8.02 9.50
CA ALA E 52 -13.42 -6.80 9.00
C ALA E 52 -14.80 -7.11 8.44
N ASP E 53 -14.92 -8.23 7.71
CA ASP E 53 -16.13 -8.55 6.98
C ASP E 53 -17.11 -9.41 7.78
N TYR E 54 -16.68 -9.99 8.93
CA TYR E 54 -17.55 -10.93 9.64
C TYR E 54 -18.79 -10.27 10.25
N PRO E 55 -18.70 -9.12 10.94
CA PRO E 55 -19.92 -8.53 11.51
C PRO E 55 -21.02 -8.34 10.49
N ASP E 56 -20.65 -7.93 9.26
CA ASP E 56 -21.63 -7.83 8.17
C ASP E 56 -22.19 -9.21 7.81
N PHE E 57 -21.31 -10.19 7.58
CA PHE E 57 -21.75 -11.56 7.29
C PHE E 57 -22.62 -12.12 8.42
N TYR E 58 -22.13 -12.01 9.66
CA TYR E 58 -22.77 -12.66 10.79
C TYR E 58 -24.21 -12.19 10.95
N PHE E 59 -24.42 -10.88 11.01
CA PHE E 59 -25.76 -10.37 11.30
C PHE E 59 -26.70 -10.52 10.12
N ARG E 60 -26.19 -10.46 8.89
CA ARG E 60 -27.05 -10.62 7.72
C ARG E 60 -27.59 -12.05 7.62
N VAL E 61 -26.69 -13.02 7.70
CA VAL E 61 -27.05 -14.42 7.50
C VAL E 61 -27.93 -14.95 8.64
N THR E 62 -27.95 -14.28 9.81
CA THR E 62 -28.83 -14.64 10.91
C THR E 62 -30.09 -13.78 10.97
N ASN E 63 -30.34 -12.98 9.93
CA ASN E 63 -31.51 -12.10 9.81
C ASN E 63 -31.65 -11.19 11.02
N CYS E 64 -30.54 -10.61 11.45
CA CYS E 64 -30.51 -9.74 12.62
C CYS E 64 -30.06 -8.33 12.27
N GLU E 65 -30.23 -7.91 11.01
CA GLU E 65 -29.83 -6.55 10.65
C GLU E 65 -30.74 -5.49 11.24
N ASP E 66 -31.94 -5.87 11.67
CA ASP E 66 -32.81 -4.96 12.42
C ASP E 66 -32.35 -4.75 13.91
N LYS E 67 -31.16 -5.20 14.34
CA LYS E 67 -30.65 -4.97 15.69
C LYS E 67 -29.33 -4.21 15.62
N PRO E 68 -29.36 -2.95 15.19
CA PRO E 68 -28.10 -2.25 14.91
C PRO E 68 -27.26 -1.93 16.15
N GLU E 69 -27.86 -1.75 17.32
CA GLU E 69 -27.04 -1.49 18.52
C GLU E 69 -26.26 -2.73 18.91
N LEU E 70 -26.90 -3.91 18.77
CA LEU E 70 -26.20 -5.16 18.99
C LEU E 70 -25.09 -5.38 17.95
N LYS E 71 -25.34 -5.01 16.71
CA LYS E 71 -24.30 -5.16 15.71
C LYS E 71 -23.09 -4.32 16.06
N GLU E 72 -23.32 -3.10 16.54
CA GLU E 72 -22.23 -2.21 16.91
C GLU E 72 -21.44 -2.77 18.10
N LYS E 73 -22.15 -3.34 19.06
CA LYS E 73 -21.46 -3.93 20.20
C LYS E 73 -20.57 -5.08 19.73
N PHE E 74 -21.09 -5.90 18.80
CA PHE E 74 -20.29 -7.00 18.25
C PHE E 74 -19.09 -6.45 17.47
N LYS E 75 -19.27 -5.36 16.71
CA LYS E 75 -18.17 -4.76 15.95
C LYS E 75 -17.03 -4.30 16.85
N ARG E 76 -17.35 -3.65 17.97
CA ARG E 76 -16.30 -3.16 18.85
C ARG E 76 -15.54 -4.33 19.48
N ILE E 77 -16.27 -5.42 19.80
CA ILE E 77 -15.63 -6.65 20.29
C ILE E 77 -14.71 -7.23 19.23
N SER E 78 -15.19 -7.31 17.97
CA SER E 78 -14.37 -7.84 16.89
C SER E 78 -13.10 -7.02 16.68
N GLU E 79 -13.21 -5.69 16.72
CA GLU E 79 -12.04 -4.88 16.40
C GLU E 79 -11.00 -4.96 17.52
N ARG E 80 -11.44 -5.09 18.77
CA ARG E 80 -10.47 -5.25 19.86
C ARG E 80 -9.93 -6.68 19.98
N SER E 81 -10.43 -7.62 19.16
CA SER E 81 -10.22 -9.05 19.38
C SER E 81 -8.82 -9.53 19.03
N ALA E 82 -8.07 -8.73 18.25
CA ALA E 82 -6.75 -9.05 17.72
C ALA E 82 -6.78 -10.24 16.76
N VAL E 83 -7.95 -10.56 16.21
CA VAL E 83 -8.10 -11.59 15.20
C VAL E 83 -8.28 -10.91 13.83
N LYS E 84 -7.42 -11.26 12.87
CA LYS E 84 -7.50 -10.70 11.51
C LYS E 84 -8.38 -11.56 10.60
N LYS E 85 -8.21 -12.88 10.63
CA LYS E 85 -9.02 -13.78 9.82
C LYS E 85 -9.17 -15.13 10.52
N ARG E 86 -10.19 -15.87 10.10
CA ARG E 86 -10.46 -17.19 10.64
C ARG E 86 -10.88 -18.08 9.48
N TYR E 87 -10.63 -19.37 9.61
CA TYR E 87 -11.20 -20.35 8.70
C TYR E 87 -12.38 -20.98 9.41
N LEU E 88 -13.57 -20.91 8.80
CA LEU E 88 -14.80 -21.39 9.41
C LEU E 88 -15.47 -22.44 8.52
N HIS E 89 -15.98 -23.51 9.16
CA HIS E 89 -16.71 -24.54 8.44
C HIS E 89 -18.14 -24.10 8.13
N VAL E 90 -18.76 -23.35 9.05
CA VAL E 90 -20.10 -22.83 8.84
C VAL E 90 -20.08 -21.78 7.74
N THR E 91 -20.73 -22.08 6.62
CA THR E 91 -20.82 -21.22 5.46
C THR E 91 -22.26 -20.74 5.33
N GLU E 92 -22.47 -19.80 4.40
CA GLU E 92 -23.83 -19.33 4.14
C GLU E 92 -24.72 -20.44 3.61
N GLU E 93 -24.17 -21.30 2.76
CA GLU E 93 -24.93 -22.45 2.26
C GLU E 93 -25.40 -23.35 3.40
N ILE E 94 -24.50 -23.67 4.34
CA ILE E 94 -24.88 -24.57 5.43
C ILE E 94 -26.03 -23.99 6.24
N LEU E 95 -26.00 -22.68 6.48
CA LEU E 95 -27.10 -22.05 7.24
C LEU E 95 -28.40 -22.05 6.44
N LYS E 96 -28.34 -21.97 5.12
CA LYS E 96 -29.55 -22.07 4.31
C LYS E 96 -30.12 -23.48 4.32
N GLU E 97 -29.26 -24.50 4.29
CA GLU E 97 -29.71 -25.89 4.38
C GLU E 97 -30.21 -26.26 5.78
N ASN E 98 -29.75 -25.55 6.82
CA ASN E 98 -30.10 -25.83 8.21
C ASN E 98 -30.48 -24.53 8.89
N PRO E 99 -31.60 -23.91 8.51
CA PRO E 99 -31.94 -22.59 9.09
C PRO E 99 -32.11 -22.58 10.59
N ASN E 100 -32.43 -23.71 11.22
CA ASN E 100 -32.62 -23.74 12.68
C ASN E 100 -31.34 -23.37 13.45
N MET E 101 -30.18 -23.42 12.81
CA MET E 101 -28.97 -22.90 13.43
C MET E 101 -29.04 -21.39 13.68
N CYS E 102 -29.85 -20.67 12.90
CA CYS E 102 -29.95 -19.21 13.01
C CYS E 102 -31.10 -18.72 13.87
N SER E 103 -31.99 -19.61 14.34
CA SER E 103 -33.07 -19.23 15.24
C SER E 103 -32.69 -19.63 16.67
N TYR E 104 -32.52 -18.65 17.55
CA TYR E 104 -31.93 -18.93 18.86
C TYR E 104 -32.79 -19.89 19.67
N ARG E 105 -32.13 -20.93 20.21
CA ARG E 105 -32.64 -22.03 21.04
C ARG E 105 -33.56 -23.00 20.30
N ALA E 106 -33.83 -22.79 19.01
CA ALA E 106 -34.60 -23.76 18.23
C ALA E 106 -33.82 -25.06 18.11
N PRO E 107 -34.52 -26.20 18.08
CA PRO E 107 -33.83 -27.50 17.97
C PRO E 107 -33.05 -27.64 16.68
N SER E 108 -31.74 -27.84 16.82
CA SER E 108 -30.87 -27.96 15.65
C SER E 108 -29.71 -28.94 15.89
N LEU E 109 -29.71 -29.68 17.01
CA LEU E 109 -28.58 -30.54 17.38
C LEU E 109 -28.40 -31.67 16.36
N ASP E 110 -29.51 -32.22 15.86
CA ASP E 110 -29.40 -33.26 14.84
C ASP E 110 -28.74 -32.73 13.57
N ALA E 111 -29.18 -31.56 13.10
CA ALA E 111 -28.63 -30.97 11.88
C ALA E 111 -27.14 -30.67 12.02
N ARG E 112 -26.73 -30.11 13.16
CA ARG E 112 -25.32 -29.80 13.37
C ARG E 112 -24.47 -31.06 13.42
N HIS E 113 -24.90 -32.06 14.20
CA HIS E 113 -24.13 -33.29 14.34
C HIS E 113 -23.99 -34.02 13.01
N ALA E 114 -25.06 -34.07 12.21
CA ALA E 114 -24.98 -34.66 10.88
C ALA E 114 -23.88 -34.00 10.05
N ILE E 115 -23.72 -32.69 10.19
CA ILE E 115 -22.68 -31.97 9.46
C ILE E 115 -21.29 -32.36 9.99
N LEU E 116 -21.16 -32.57 11.31
CA LEU E 116 -19.85 -32.74 11.94
C LEU E 116 -19.36 -34.19 11.93
N VAL E 117 -20.28 -35.15 12.08
CA VAL E 117 -19.93 -36.56 12.22
C VAL E 117 -18.99 -37.04 11.11
N GLU E 118 -19.13 -36.49 9.91
CA GLU E 118 -18.23 -36.83 8.81
C GLU E 118 -17.10 -35.82 8.62
N GLU E 119 -17.30 -34.54 8.96
CA GLU E 119 -16.27 -33.54 8.70
C GLU E 119 -15.14 -33.61 9.72
N VAL E 120 -15.46 -33.90 10.98
CA VAL E 120 -14.45 -33.95 12.03
C VAL E 120 -13.36 -34.96 11.65
N PRO E 121 -13.67 -36.22 11.34
CA PRO E 121 -12.58 -37.13 10.91
C PRO E 121 -11.93 -36.69 9.60
N LYS E 122 -12.69 -36.02 8.72
CA LYS E 122 -12.16 -35.65 7.41
C LYS E 122 -11.08 -34.59 7.53
N LEU E 123 -11.34 -33.54 8.31
CA LEU E 123 -10.34 -32.51 8.55
C LEU E 123 -9.17 -33.04 9.38
N GLY E 124 -9.44 -33.91 10.36
CA GLY E 124 -8.35 -34.60 11.04
C GLY E 124 -7.46 -35.39 10.10
N LYS E 125 -8.08 -36.13 9.17
CA LYS E 125 -7.33 -36.88 8.17
C LYS E 125 -6.38 -35.99 7.39
N GLU E 126 -6.82 -34.78 7.01
CA GLU E 126 -5.97 -33.86 6.26
C GLU E 126 -4.74 -33.46 7.07
N ALA E 127 -4.93 -33.13 8.35
CA ALA E 127 -3.78 -32.80 9.20
C ALA E 127 -2.89 -34.02 9.40
N ALA E 128 -3.52 -35.17 9.69
CA ALA E 128 -2.77 -36.40 9.94
C ALA E 128 -1.91 -36.75 8.74
N LEU E 129 -2.45 -36.64 7.52
CA LEU E 129 -1.68 -36.94 6.32
C LEU E 129 -0.46 -36.05 6.20
N LYS E 130 -0.61 -34.74 6.46
CA LYS E 130 0.54 -33.85 6.40
C LYS E 130 1.59 -34.25 7.44
N ALA E 131 1.15 -34.52 8.66
CA ALA E 131 2.10 -34.91 9.68
C ALA E 131 2.81 -36.21 9.32
N ILE E 132 2.05 -37.19 8.84
CA ILE E 132 2.65 -38.49 8.53
C ILE E 132 3.69 -38.35 7.42
N LYS E 133 3.42 -37.51 6.42
CA LYS E 133 4.38 -37.25 5.35
C LYS E 133 5.71 -36.72 5.89
N GLU E 134 5.65 -35.66 6.72
CA GLU E 134 6.86 -35.14 7.36
C GLU E 134 7.58 -36.24 8.16
N TRP E 135 6.81 -37.01 8.93
CA TRP E 135 7.38 -38.12 9.68
C TRP E 135 8.13 -39.07 8.74
N GLY E 136 7.51 -39.41 7.60
CA GLY E 136 8.14 -40.16 6.53
C GLY E 136 8.23 -41.64 6.74
N GLN E 137 7.58 -42.19 7.77
CA GLN E 137 7.57 -43.61 8.08
C GLN E 137 6.28 -44.26 7.59
N PRO E 138 6.25 -45.59 7.55
CA PRO E 138 5.04 -46.30 7.14
C PRO E 138 3.95 -46.23 8.21
N LEU E 139 2.69 -46.19 7.73
CA LEU E 139 1.51 -46.15 8.59
C LEU E 139 1.48 -47.31 9.59
N SER E 140 1.99 -48.49 9.21
CA SER E 140 2.00 -49.61 10.13
C SER E 140 2.90 -49.38 11.34
N LYS E 141 3.73 -48.34 11.31
CA LYS E 141 4.58 -48.00 12.44
C LYS E 141 3.86 -47.21 13.50
N ILE E 142 2.66 -46.72 13.20
CA ILE E 142 1.81 -46.00 14.16
C ILE E 142 1.13 -47.02 15.06
N THR E 143 1.44 -46.98 16.36
CA THR E 143 0.90 -47.94 17.34
C THR E 143 -0.28 -47.43 18.15
N HIS E 144 -0.45 -46.11 18.24
CA HIS E 144 -1.45 -45.48 19.10
C HIS E 144 -2.10 -44.31 18.37
N LEU E 145 -3.38 -44.07 18.66
CA LEU E 145 -4.10 -42.90 18.13
C LEU E 145 -4.87 -42.22 19.25
N ILE E 146 -4.64 -40.93 19.44
CA ILE E 146 -5.43 -40.11 20.37
C ILE E 146 -6.11 -39.04 19.56
N PHE E 147 -7.45 -39.07 19.54
CA PHE E 147 -8.25 -38.09 18.83
C PHE E 147 -9.01 -37.27 19.85
N SER E 148 -8.76 -35.95 19.85
CA SER E 148 -9.46 -35.02 20.71
C SER E 148 -10.25 -34.06 19.83
N ALA E 149 -11.57 -34.00 20.05
CA ALA E 149 -12.49 -33.20 19.24
C ALA E 149 -13.55 -32.58 20.14
N MET E 150 -13.70 -31.25 20.05
CA MET E 150 -14.67 -30.54 20.88
C MET E 150 -16.10 -30.96 20.57
N SER E 151 -16.43 -31.14 19.29
CA SER E 151 -17.79 -31.37 18.87
C SER E 151 -17.84 -32.51 17.86
N GLY E 152 -18.99 -33.18 17.78
CA GLY E 152 -19.16 -34.28 16.85
C GLY E 152 -19.34 -35.65 17.49
N VAL E 153 -19.89 -35.69 18.71
CA VAL E 153 -20.04 -36.94 19.45
C VAL E 153 -20.75 -37.98 18.60
N ASP E 154 -20.13 -39.16 18.49
CA ASP E 154 -20.69 -40.23 17.67
C ASP E 154 -20.07 -41.54 18.12
N ILE E 155 -20.79 -42.63 17.86
CA ILE E 155 -20.32 -43.98 18.14
C ILE E 155 -20.39 -44.81 16.87
N PRO E 156 -19.26 -45.36 16.41
CA PRO E 156 -17.87 -45.16 16.83
C PRO E 156 -17.40 -43.72 16.63
N GLY E 157 -16.32 -43.32 17.32
CA GLY E 157 -15.86 -41.95 17.28
C GLY E 157 -14.96 -41.62 16.10
N ALA E 158 -14.48 -40.38 16.11
CA ALA E 158 -13.55 -39.97 15.06
C ALA E 158 -12.27 -40.81 15.08
N ASP E 159 -11.90 -41.34 16.25
CA ASP E 159 -10.75 -42.23 16.34
C ASP E 159 -10.91 -43.45 15.45
N PHE E 160 -12.08 -44.10 15.51
CA PHE E 160 -12.31 -45.23 14.61
C PHE E 160 -12.40 -44.79 13.15
N ARG E 161 -13.17 -43.73 12.87
CA ARG E 161 -13.31 -43.24 11.49
C ARG E 161 -11.95 -42.88 10.90
N LEU E 162 -11.12 -42.15 11.65
CA LEU E 162 -9.83 -41.73 11.14
C LEU E 162 -8.92 -42.92 10.88
N MET E 163 -8.96 -43.93 11.75
CA MET E 163 -8.17 -45.13 11.53
C MET E 163 -8.47 -45.75 10.18
N ASN E 164 -9.76 -45.85 9.83
CA ASN E 164 -10.12 -46.49 8.57
C ASN E 164 -9.83 -45.57 7.40
N LEU E 165 -10.06 -44.26 7.56
CA LEU E 165 -9.72 -43.30 6.50
C LEU E 165 -8.24 -43.36 6.14
N LEU E 166 -7.36 -43.52 7.15
CA LEU E 166 -5.92 -43.55 6.90
C LEU E 166 -5.41 -44.93 6.52
N GLY E 167 -6.17 -45.99 6.82
CA GLY E 167 -5.65 -47.33 6.64
C GLY E 167 -4.63 -47.68 7.71
N LEU E 168 -4.85 -47.25 8.95
CA LEU E 168 -4.00 -47.68 10.04
C LEU E 168 -4.28 -49.14 10.38
N GLU E 169 -3.31 -49.77 11.08
CA GLU E 169 -3.51 -51.15 11.50
C GLU E 169 -4.74 -51.28 12.39
N PRO E 170 -5.53 -52.34 12.20
CA PRO E 170 -6.69 -52.58 13.09
C PRO E 170 -6.31 -52.78 14.54
N SER E 171 -5.05 -53.13 14.81
CA SER E 171 -4.54 -53.32 16.16
C SER E 171 -4.10 -52.03 16.83
N VAL E 172 -4.27 -50.87 16.16
CA VAL E 172 -3.85 -49.63 16.77
C VAL E 172 -4.64 -49.39 18.07
N ASN E 173 -3.92 -48.93 19.09
CA ASN E 173 -4.53 -48.68 20.38
C ASN E 173 -5.13 -47.27 20.34
N ARG E 174 -6.43 -47.17 20.60
CA ARG E 174 -7.14 -45.92 20.38
C ARG E 174 -7.64 -45.29 21.66
N LEU E 175 -7.61 -43.97 21.66
CA LEU E 175 -8.16 -43.15 22.73
C LEU E 175 -8.84 -41.96 22.08
N MET E 176 -10.14 -41.79 22.38
CA MET E 176 -11.02 -40.78 21.78
C MET E 176 -11.64 -39.95 22.92
N ILE E 177 -11.45 -38.64 22.87
CA ILE E 177 -11.89 -37.71 23.91
C ILE E 177 -12.81 -36.67 23.28
N TYR E 178 -14.11 -36.72 23.60
CA TYR E 178 -15.06 -35.77 23.06
C TYR E 178 -15.36 -34.67 24.07
N THR E 179 -15.50 -33.44 23.57
CA THR E 179 -16.20 -32.34 24.23
C THR E 179 -15.65 -32.07 25.64
N GLN E 180 -14.40 -31.60 25.70
CA GLN E 180 -13.84 -31.29 27.02
C GLN E 180 -13.31 -29.87 27.17
N GLY E 181 -12.77 -29.25 26.13
CA GLY E 181 -12.38 -27.87 26.31
C GLY E 181 -11.00 -27.58 25.79
N CYS E 182 -10.56 -26.35 26.02
CA CYS E 182 -9.32 -25.86 25.43
C CYS E 182 -8.08 -26.33 26.18
N TYR E 183 -8.22 -26.90 27.38
CA TYR E 183 -7.04 -27.44 28.07
C TYR E 183 -6.57 -28.77 27.48
N MET E 184 -7.31 -29.35 26.54
CA MET E 184 -6.98 -30.66 26.02
C MET E 184 -5.65 -30.70 25.27
N GLY E 185 -5.13 -29.56 24.83
CA GLY E 185 -3.82 -29.58 24.22
C GLY E 185 -2.73 -30.13 25.14
N GLY E 186 -2.54 -29.50 26.30
CA GLY E 186 -1.58 -30.00 27.26
C GLY E 186 -2.02 -31.30 27.92
N ALA E 187 -3.32 -31.51 28.08
CA ALA E 187 -3.79 -32.72 28.75
C ALA E 187 -3.54 -33.94 27.88
N ALA E 188 -3.90 -33.86 26.59
CA ALA E 188 -3.67 -34.95 25.67
C ALA E 188 -2.19 -35.15 25.41
N MET E 189 -1.41 -34.08 25.49
CA MET E 189 0.03 -34.21 25.35
C MET E 189 0.62 -34.99 26.51
N ARG E 190 0.11 -34.76 27.73
CA ARG E 190 0.56 -35.58 28.85
C ARG E 190 0.30 -37.05 28.60
N HIS E 191 -0.87 -37.38 28.05
CA HIS E 191 -1.18 -38.79 27.77
C HIS E 191 -0.31 -39.36 26.67
N ALA E 192 -0.04 -38.59 25.62
CA ALA E 192 0.90 -39.06 24.60
C ALA E 192 2.27 -39.32 25.20
N LYS E 193 2.72 -38.46 26.12
CA LYS E 193 4.01 -38.67 26.76
C LYS E 193 4.05 -40.01 27.49
N ASP E 194 3.04 -40.28 28.33
CA ASP E 194 3.03 -41.52 29.12
C ASP E 194 3.06 -42.76 28.23
N ILE E 195 2.33 -42.74 27.13
CA ILE E 195 2.33 -43.88 26.21
C ILE E 195 3.71 -44.10 25.59
N ALA E 196 4.27 -43.05 24.98
CA ALA E 196 5.53 -43.19 24.25
C ALA E 196 6.64 -43.69 25.15
N GLU E 197 6.67 -43.21 26.39
CA GLU E 197 7.74 -43.55 27.31
C GLU E 197 7.53 -44.90 27.99
N ASN E 198 6.29 -45.33 28.21
CA ASN E 198 6.10 -46.64 28.83
C ASN E 198 6.14 -47.78 27.81
N ASN E 199 6.20 -47.50 26.51
CA ASN E 199 6.07 -48.54 25.49
C ASN E 199 7.13 -48.35 24.41
N ALA E 200 8.23 -49.09 24.52
CA ALA E 200 9.28 -49.05 23.51
C ALA E 200 8.75 -49.44 22.14
N GLY E 201 9.08 -48.65 21.13
CA GLY E 201 8.56 -48.83 19.80
C GLY E 201 7.29 -48.07 19.52
N ALA E 202 6.57 -47.64 20.57
CA ALA E 202 5.33 -46.90 20.38
C ALA E 202 5.57 -45.63 19.58
N ARG E 203 4.65 -45.35 18.65
CA ARG E 203 4.57 -44.09 17.94
C ARG E 203 3.10 -43.66 17.95
N VAL E 204 2.83 -42.53 18.57
CA VAL E 204 1.47 -42.07 18.81
C VAL E 204 1.08 -41.05 17.76
N LEU E 205 -0.05 -41.26 17.11
CA LEU E 205 -0.67 -40.26 16.25
C LEU E 205 -1.69 -39.48 17.08
N LEU E 206 -1.45 -38.19 17.27
CA LEU E 206 -2.25 -37.34 18.13
C LEU E 206 -2.94 -36.28 17.29
N VAL E 207 -4.28 -36.27 17.30
CA VAL E 207 -5.07 -35.43 16.41
C VAL E 207 -6.01 -34.55 17.24
N PHE E 208 -6.01 -33.26 16.96
CA PHE E 208 -6.95 -32.31 17.55
C PHE E 208 -7.81 -31.72 16.44
N CYS E 209 -9.13 -31.80 16.58
CA CYS E 209 -10.02 -31.22 15.60
C CYS E 209 -11.17 -30.52 16.31
N ASP E 210 -11.15 -29.19 16.26
CA ASP E 210 -12.20 -28.39 16.90
C ASP E 210 -12.93 -27.60 15.83
N LEU E 211 -14.13 -28.05 15.50
CA LEU E 211 -15.04 -27.31 14.64
C LEU E 211 -16.10 -26.67 15.52
N MET E 212 -16.23 -25.35 15.39
CA MET E 212 -17.05 -24.55 16.28
C MET E 212 -18.50 -24.43 15.81
N ASP E 213 -18.95 -25.28 14.88
CA ASP E 213 -20.35 -25.24 14.40
C ASP E 213 -21.37 -25.30 15.54
N MET E 214 -21.09 -26.07 16.60
CA MET E 214 -22.09 -26.22 17.66
C MET E 214 -22.30 -24.94 18.45
N TYR E 215 -21.38 -23.97 18.35
CA TYR E 215 -21.48 -22.74 19.11
C TYR E 215 -22.04 -21.60 18.28
N PHE E 216 -22.30 -21.83 17.00
CA PHE E 216 -22.89 -20.79 16.17
C PHE E 216 -24.36 -20.61 16.53
N HIS E 217 -24.70 -19.40 16.95
CA HIS E 217 -26.06 -19.06 17.29
C HIS E 217 -26.33 -17.66 16.81
N ALA E 218 -27.61 -17.31 16.69
CA ALA E 218 -27.98 -15.93 16.40
C ALA E 218 -27.43 -15.01 17.48
N PRO E 219 -27.01 -13.79 17.13
CA PRO E 219 -26.38 -12.89 18.11
C PRO E 219 -27.30 -12.55 19.27
N GLN E 220 -26.74 -12.61 20.47
CA GLN E 220 -27.40 -12.26 21.72
C GLN E 220 -26.66 -11.11 22.37
N ASN E 221 -27.34 -10.41 23.28
CA ASN E 221 -26.69 -9.35 24.06
C ASN E 221 -25.99 -9.99 25.28
N ARG E 222 -24.99 -10.81 24.96
CA ARG E 222 -24.16 -11.51 25.95
C ARG E 222 -22.71 -11.34 25.51
N VAL E 223 -21.89 -10.71 26.36
CA VAL E 223 -20.52 -10.40 25.96
C VAL E 223 -19.76 -11.67 25.60
N ASP E 224 -19.92 -12.73 26.41
CA ASP E 224 -19.16 -13.96 26.18
C ASP E 224 -19.55 -14.62 24.86
N LEU E 225 -20.85 -14.77 24.57
CA LEU E 225 -21.24 -15.41 23.33
C LEU E 225 -20.74 -14.64 22.11
N LEU E 226 -20.73 -13.30 22.19
CA LEU E 226 -20.25 -12.47 21.09
C LEU E 226 -18.74 -12.59 20.94
N VAL E 227 -18.01 -12.56 22.06
CA VAL E 227 -16.56 -12.80 22.03
C VAL E 227 -16.28 -14.16 21.41
N GLY E 228 -17.00 -15.18 21.84
CA GLY E 228 -16.84 -16.49 21.23
C GLY E 228 -17.16 -16.45 19.75
N GLN E 229 -18.26 -15.77 19.39
CA GLN E 229 -18.64 -15.66 17.99
C GLN E 229 -17.63 -14.86 17.20
N ALA E 230 -16.87 -13.98 17.86
CA ALA E 230 -15.84 -13.18 17.18
C ALA E 230 -14.49 -13.88 17.09
N VAL E 231 -14.16 -14.77 18.03
CA VAL E 231 -12.80 -15.26 18.18
C VAL E 231 -12.66 -16.74 17.81
N PHE E 232 -13.67 -17.58 18.09
CA PHE E 232 -13.56 -19.00 17.79
C PHE E 232 -13.37 -19.26 16.29
N GLY E 233 -12.31 -20.00 15.96
CA GLY E 233 -12.05 -20.44 14.60
C GLY E 233 -11.91 -21.95 14.52
N ASP E 234 -11.86 -22.47 13.30
CA ASP E 234 -11.81 -23.92 13.07
C ASP E 234 -10.46 -24.34 12.50
N GLY E 235 -10.04 -25.54 12.90
CA GLY E 235 -8.77 -26.09 12.47
C GLY E 235 -8.54 -27.46 13.10
N ALA E 236 -7.56 -28.17 12.54
CA ALA E 236 -7.14 -29.48 13.01
C ALA E 236 -5.63 -29.52 13.06
N ALA E 237 -5.08 -30.21 14.06
CA ALA E 237 -3.65 -30.33 14.28
C ALA E 237 -3.28 -31.78 14.52
N ALA E 238 -2.17 -32.20 13.95
CA ALA E 238 -1.71 -33.57 14.05
C ALA E 238 -0.26 -33.60 14.49
N LEU E 239 0.07 -34.52 15.38
CA LEU E 239 1.43 -34.68 15.86
C LEU E 239 1.77 -36.17 15.90
N ILE E 240 3.03 -36.48 15.67
CA ILE E 240 3.58 -37.81 15.97
C ILE E 240 4.48 -37.69 17.18
N VAL E 241 4.25 -38.53 18.18
CA VAL E 241 4.97 -38.53 19.44
C VAL E 241 5.58 -39.90 19.66
N GLY E 242 6.87 -39.92 19.97
CA GLY E 242 7.57 -41.16 20.22
C GLY E 242 8.78 -40.90 21.08
N ALA E 243 9.23 -41.97 21.74
CA ALA E 243 10.49 -41.95 22.45
C ALA E 243 11.59 -42.56 21.59
N ASP E 244 12.84 -42.15 21.86
CA ASP E 244 14.02 -42.76 21.27
C ASP E 244 13.92 -42.73 19.74
N PRO E 245 14.12 -41.58 19.12
CA PRO E 245 14.11 -41.55 17.65
C PRO E 245 15.16 -42.49 17.07
N ASP E 246 14.81 -43.12 15.97
CA ASP E 246 15.71 -44.00 15.24
C ASP E 246 16.53 -43.16 14.26
N ASP E 247 17.87 -43.29 14.34
CA ASP E 247 18.75 -42.61 13.39
C ASP E 247 18.71 -43.25 11.99
N ASP E 248 18.49 -44.57 11.93
CA ASP E 248 18.48 -45.41 10.73
C ASP E 248 17.40 -45.03 9.73
N CYS E 249 16.53 -44.09 10.10
CA CYS E 249 15.49 -43.56 9.24
C CYS E 249 15.40 -42.05 9.44
N THR E 250 14.54 -41.41 8.65
CA THR E 250 14.46 -39.96 8.61
C THR E 250 13.64 -39.37 9.76
N GLU E 251 13.46 -40.12 10.85
CA GLU E 251 12.87 -39.54 12.05
C GLU E 251 13.79 -38.46 12.58
N ARG E 252 13.25 -37.25 12.75
CA ARG E 252 14.02 -36.18 13.35
C ARG E 252 13.11 -35.42 14.31
N PRO E 253 13.55 -35.21 15.55
CA PRO E 253 12.69 -34.62 16.57
C PRO E 253 12.63 -33.11 16.44
N LEU E 254 11.47 -32.55 16.81
CA LEU E 254 11.27 -31.12 16.87
C LEU E 254 11.25 -30.55 18.28
N PHE E 255 10.63 -31.23 19.24
CA PHE E 255 10.59 -30.80 20.64
C PHE E 255 10.59 -32.02 21.53
N GLN E 256 11.06 -31.83 22.76
CA GLN E 256 11.05 -32.89 23.75
C GLN E 256 10.10 -32.48 24.86
N VAL E 257 9.25 -33.41 25.30
CA VAL E 257 8.28 -33.17 26.34
C VAL E 257 8.89 -33.64 27.64
N VAL E 258 9.29 -32.67 28.47
CA VAL E 258 10.04 -32.94 29.69
C VAL E 258 9.12 -33.16 30.89
N SER E 259 8.11 -32.31 31.08
CA SER E 259 7.21 -32.54 32.22
C SER E 259 5.83 -31.95 31.95
N CYS E 260 4.82 -32.60 32.52
CA CYS E 260 3.41 -32.23 32.34
C CYS E 260 2.74 -32.08 33.71
N ALA E 261 2.05 -30.96 33.89
CA ALA E 261 1.36 -30.68 35.13
C ALA E 261 -0.01 -30.12 34.80
N GLU E 262 -0.95 -30.35 35.70
CA GLU E 262 -2.32 -29.93 35.50
C GLU E 262 -2.83 -29.37 36.82
N ARG E 263 -3.61 -28.30 36.75
CA ARG E 263 -4.16 -27.71 37.98
C ARG E 263 -5.54 -27.14 37.76
N ALA E 264 -6.45 -27.47 38.69
CA ALA E 264 -7.74 -26.82 38.80
C ALA E 264 -7.62 -25.64 39.75
N VAL E 265 -7.81 -24.43 39.23
CA VAL E 265 -7.71 -23.21 40.05
C VAL E 265 -8.84 -23.20 41.09
N PRO E 266 -8.50 -23.20 42.38
CA PRO E 266 -9.55 -23.26 43.40
C PRO E 266 -10.51 -22.09 43.28
N GLY E 267 -11.81 -22.40 43.38
CA GLY E 267 -12.82 -21.37 43.37
C GLY E 267 -13.26 -20.86 42.02
N THR E 268 -12.91 -21.53 40.92
CA THR E 268 -13.26 -21.01 39.61
C THR E 268 -14.18 -21.96 38.87
N GLN E 269 -14.91 -22.83 39.60
CA GLN E 269 -15.72 -23.87 38.98
C GLN E 269 -16.62 -23.29 37.91
N ASP E 270 -17.20 -22.12 38.18
CA ASP E 270 -18.24 -21.55 37.33
C ASP E 270 -17.68 -20.62 36.23
N TYR E 271 -16.36 -20.42 36.17
CA TYR E 271 -15.80 -19.48 35.20
C TYR E 271 -16.03 -19.93 33.76
N ILE E 272 -15.93 -21.23 33.47
CA ILE E 272 -16.21 -21.72 32.13
C ILE E 272 -17.09 -22.95 32.23
N LYS E 273 -18.31 -22.86 31.67
CA LYS E 273 -19.28 -23.95 31.60
C LYS E 273 -19.87 -24.02 30.20
N ALA E 274 -20.14 -25.23 29.72
CA ALA E 274 -20.79 -25.42 28.44
C ALA E 274 -21.64 -26.69 28.51
N HIS E 275 -22.90 -26.58 28.08
CA HIS E 275 -23.86 -27.67 28.18
C HIS E 275 -24.30 -28.11 26.80
N LEU E 276 -24.33 -29.42 26.58
CA LEU E 276 -24.82 -29.96 25.33
C LEU E 276 -26.34 -30.09 25.43
N LYS E 277 -27.05 -29.35 24.56
CA LYS E 277 -28.51 -29.22 24.61
C LYS E 277 -29.08 -29.43 23.22
N GLU E 278 -30.41 -29.40 23.14
CA GLU E 278 -31.08 -29.59 21.86
C GLU E 278 -30.75 -28.47 20.87
N MET E 279 -30.50 -27.26 21.39
CA MET E 279 -30.13 -26.14 20.56
C MET E 279 -28.66 -26.12 20.14
N GLY E 280 -27.87 -27.11 20.57
CA GLY E 280 -26.46 -27.15 20.29
C GLY E 280 -25.64 -27.03 21.56
N MET E 281 -24.49 -26.37 21.45
CA MET E 281 -23.61 -26.16 22.59
C MET E 281 -23.95 -24.83 23.25
N GLU E 282 -24.27 -24.87 24.55
CA GLU E 282 -24.66 -23.68 25.30
C GLU E 282 -23.50 -23.25 26.18
N LEU E 283 -22.82 -22.18 25.79
CA LEU E 283 -21.59 -21.71 26.42
C LEU E 283 -21.86 -20.63 27.46
N HIS E 284 -21.09 -20.66 28.54
CA HIS E 284 -21.11 -19.62 29.57
C HIS E 284 -19.67 -19.33 30.00
N LEU E 285 -19.22 -18.10 29.81
CA LEU E 285 -17.82 -17.78 29.98
C LEU E 285 -17.70 -16.49 30.77
N SER E 286 -17.12 -16.57 31.97
CA SER E 286 -16.91 -15.38 32.80
C SER E 286 -15.94 -14.43 32.13
N THR E 287 -16.24 -13.12 32.22
CA THR E 287 -15.28 -12.13 31.73
C THR E 287 -14.04 -12.05 32.62
N ASP E 288 -14.10 -12.62 33.81
CA ASP E 288 -12.96 -12.59 34.70
C ASP E 288 -11.89 -13.64 34.39
N VAL E 289 -12.05 -14.44 33.33
CA VAL E 289 -11.05 -15.46 33.03
C VAL E 289 -9.65 -14.89 32.84
N PRO E 290 -9.41 -13.90 31.96
CA PRO E 290 -8.01 -13.46 31.73
C PRO E 290 -7.33 -12.92 32.98
N ARG E 291 -8.05 -12.15 33.81
CA ARG E 291 -7.45 -11.66 35.04
C ARG E 291 -7.08 -12.80 35.96
N MET E 292 -7.96 -13.78 36.11
CA MET E 292 -7.68 -14.92 36.98
C MET E 292 -6.44 -15.68 36.52
N ILE E 293 -6.32 -15.89 35.20
CA ILE E 293 -5.12 -16.53 34.65
C ILE E 293 -3.89 -15.69 34.96
N GLY E 294 -3.98 -14.38 34.72
CA GLY E 294 -2.83 -13.53 35.00
C GLY E 294 -2.38 -13.62 36.44
N LYS E 295 -3.35 -13.74 37.37
CA LYS E 295 -3.05 -13.76 38.81
C LYS E 295 -2.28 -15.01 39.23
N ASN E 296 -2.50 -16.13 38.54
CA ASN E 296 -1.95 -17.44 38.89
C ASN E 296 -0.78 -17.88 38.00
N ILE E 297 -0.50 -17.20 36.89
CA ILE E 297 0.37 -17.78 35.87
C ILE E 297 1.80 -17.97 36.37
N GLU E 298 2.36 -16.98 37.10
CA GLU E 298 3.75 -17.04 37.55
C GLU E 298 3.97 -18.20 38.50
N LYS E 299 3.03 -18.41 39.44
CA LYS E 299 3.14 -19.52 40.37
C LYS E 299 3.14 -20.86 39.64
N LEU E 300 2.27 -21.00 38.64
CA LEU E 300 2.24 -22.22 37.83
C LEU E 300 3.53 -22.39 37.05
N LEU E 301 4.01 -21.29 36.45
CA LEU E 301 5.27 -21.36 35.72
C LEU E 301 6.42 -21.68 36.65
N ALA E 302 6.46 -21.02 37.81
CA ALA E 302 7.53 -21.21 38.77
C ALA E 302 7.61 -22.67 39.24
N ASP E 303 6.46 -23.27 39.55
CA ASP E 303 6.47 -24.66 40.00
C ASP E 303 7.01 -25.60 38.92
N ALA E 304 6.78 -25.26 37.65
CA ALA E 304 7.14 -26.12 36.54
C ALA E 304 8.64 -26.12 36.23
N VAL E 305 9.28 -24.94 36.25
CA VAL E 305 10.64 -24.80 35.75
C VAL E 305 11.67 -24.62 36.86
N SER E 306 11.25 -24.35 38.09
CA SER E 306 12.22 -24.32 39.19
C SER E 306 13.02 -25.60 39.30
N PRO E 307 12.46 -26.80 39.11
CA PRO E 307 13.30 -28.01 39.13
C PRO E 307 14.41 -28.02 38.08
N PHE E 308 14.37 -27.16 37.06
CA PHE E 308 15.46 -27.07 36.09
C PHE E 308 16.28 -25.80 36.26
N GLY E 309 16.14 -25.14 37.41
CA GLY E 309 16.93 -23.97 37.74
C GLY E 309 16.57 -22.72 36.97
N ILE E 310 15.39 -22.67 36.36
CA ILE E 310 15.01 -21.53 35.56
C ILE E 310 14.24 -20.55 36.45
N SER E 311 14.71 -19.30 36.47
CA SER E 311 14.05 -18.23 37.20
C SER E 311 13.86 -16.97 36.38
N ASP E 312 14.51 -16.84 35.24
CA ASP E 312 14.32 -15.70 34.35
C ASP E 312 13.28 -16.11 33.31
N TRP E 313 12.09 -15.50 33.38
CA TRP E 313 11.01 -15.94 32.49
C TRP E 313 11.30 -15.62 31.03
N ASN E 314 12.11 -14.59 30.75
CA ASN E 314 12.39 -14.30 29.35
C ASN E 314 13.39 -15.25 28.71
N SER E 315 13.95 -16.20 29.47
CA SER E 315 14.84 -17.20 28.89
C SER E 315 14.10 -18.39 28.27
N LEU E 316 12.78 -18.45 28.39
CA LEU E 316 12.00 -19.51 27.79
C LEU E 316 11.41 -19.03 26.46
N PHE E 317 11.11 -19.97 25.59
CA PHE E 317 10.19 -19.70 24.49
C PHE E 317 8.80 -20.12 24.96
N TYR E 318 7.78 -19.51 24.37
CA TYR E 318 6.42 -19.64 24.89
C TYR E 318 5.48 -20.15 23.81
N ILE E 319 4.68 -21.13 24.20
CA ILE E 319 3.48 -21.50 23.46
C ILE E 319 2.31 -21.28 24.40
N VAL E 320 1.56 -20.20 24.16
CA VAL E 320 0.46 -19.80 25.04
C VAL E 320 -0.84 -19.92 24.24
N HIS E 321 -1.76 -20.74 24.74
CA HIS E 321 -3.07 -20.93 24.16
C HIS E 321 -3.78 -19.58 23.96
N PRO E 322 -4.10 -19.23 22.79
CA PRO E 322 -4.69 -17.91 22.51
C PRO E 322 -6.21 -17.91 22.68
N GLY E 323 -6.68 -18.18 23.89
CA GLY E 323 -8.12 -18.18 24.15
C GLY E 323 -8.74 -16.84 23.80
N ALA E 324 -8.07 -15.74 24.19
CA ALA E 324 -8.40 -14.39 23.78
C ALA E 324 -7.14 -13.56 23.94
N VAL E 325 -7.07 -12.42 23.22
CA VAL E 325 -5.90 -11.56 23.32
C VAL E 325 -5.68 -11.07 24.77
N ALA E 326 -6.76 -10.88 25.52
CA ALA E 326 -6.63 -10.51 26.93
C ALA E 326 -5.84 -11.54 27.71
N ILE E 327 -6.01 -12.83 27.37
CA ILE E 327 -5.24 -13.86 28.05
C ILE E 327 -3.77 -13.69 27.75
N LEU E 328 -3.44 -13.45 26.47
CA LEU E 328 -2.05 -13.23 26.09
C LEU E 328 -1.46 -12.00 26.78
N ASP E 329 -2.22 -10.90 26.84
CA ASP E 329 -1.71 -9.71 27.53
C ASP E 329 -1.46 -10.00 29.00
N GLN E 330 -2.40 -10.69 29.65
CA GLN E 330 -2.26 -10.98 31.08
C GLN E 330 -1.01 -11.80 31.37
N VAL E 331 -0.74 -12.80 30.53
CA VAL E 331 0.46 -13.62 30.69
C VAL E 331 1.72 -12.79 30.46
N GLU E 332 1.74 -12.02 29.36
CA GLU E 332 2.88 -11.15 29.08
C GLU E 332 3.18 -10.21 30.25
N GLU E 333 2.14 -9.60 30.83
CA GLU E 333 2.33 -8.61 31.88
C GLU E 333 2.76 -9.25 33.20
N ASN E 334 2.03 -10.28 33.64
CA ASN E 334 2.27 -10.84 34.97
C ASN E 334 3.53 -11.69 35.03
N LEU E 335 4.11 -12.03 33.87
CA LEU E 335 5.41 -12.68 33.79
C LEU E 335 6.53 -11.70 33.47
N GLY E 336 6.20 -10.46 33.13
CA GLY E 336 7.22 -9.50 32.75
C GLY E 336 7.95 -9.89 31.48
N LEU E 337 7.21 -10.30 30.46
CA LEU E 337 7.85 -10.72 29.22
C LEU E 337 8.14 -9.55 28.30
N GLY E 338 9.26 -9.64 27.58
CA GLY E 338 9.56 -8.66 26.54
C GLY E 338 8.52 -8.68 25.44
N GLU E 339 8.38 -7.54 24.78
CA GLU E 339 7.20 -7.34 23.95
C GLU E 339 7.07 -8.41 22.86
N ASP E 340 8.19 -8.99 22.41
CA ASP E 340 8.14 -9.95 21.31
C ASP E 340 8.12 -11.40 21.77
N LYS E 341 8.03 -11.66 23.06
CA LYS E 341 8.10 -13.02 23.54
C LYS E 341 6.96 -13.89 22.99
N LEU E 342 5.76 -13.32 22.88
CA LEU E 342 4.56 -14.04 22.46
C LEU E 342 4.22 -13.85 20.98
N ARG E 343 5.20 -13.54 20.13
CA ARG E 343 4.93 -13.34 18.71
C ARG E 343 4.14 -14.52 18.13
N ALA E 344 4.61 -15.74 18.37
CA ALA E 344 4.00 -16.91 17.76
C ALA E 344 2.55 -17.07 18.20
N SER E 345 2.27 -16.83 19.49
CA SER E 345 0.91 -16.97 19.99
C SER E 345 0.00 -15.90 19.39
N ARG E 346 0.47 -14.65 19.35
CA ARG E 346 -0.31 -13.59 18.72
C ARG E 346 -0.49 -13.84 17.22
N TYR E 347 0.50 -14.46 16.57
CA TYR E 347 0.36 -14.79 15.15
C TYR E 347 -0.79 -15.76 14.89
N VAL E 348 -0.82 -16.90 15.62
CA VAL E 348 -1.85 -17.90 15.37
C VAL E 348 -3.22 -17.34 15.70
N LEU E 349 -3.35 -16.61 16.81
CA LEU E 349 -4.61 -15.92 17.12
C LEU E 349 -5.01 -14.98 15.98
N SER E 350 -4.05 -14.22 15.45
CA SER E 350 -4.33 -13.24 14.40
C SER E 350 -4.78 -13.91 13.12
N GLU E 351 -4.01 -14.91 12.64
CA GLU E 351 -4.30 -15.51 11.34
C GLU E 351 -5.34 -16.62 11.39
N TYR E 352 -5.70 -17.11 12.58
CA TYR E 352 -6.56 -18.29 12.69
C TYR E 352 -7.67 -18.21 13.72
N GLY E 353 -7.61 -17.27 14.69
CA GLY E 353 -8.54 -17.27 15.80
C GLY E 353 -8.21 -18.34 16.82
N ASN E 354 -9.14 -18.58 17.74
CA ASN E 354 -8.98 -19.61 18.76
C ASN E 354 -9.59 -20.90 18.25
N MET E 355 -8.73 -21.84 17.86
CA MET E 355 -9.20 -23.13 17.37
C MET E 355 -9.26 -24.19 18.47
N GLY E 356 -9.51 -23.78 19.71
CA GLY E 356 -9.60 -24.74 20.79
C GLY E 356 -8.27 -25.40 21.07
N ALA E 357 -8.34 -26.70 21.35
CA ALA E 357 -7.15 -27.45 21.75
C ALA E 357 -6.10 -27.49 20.66
N ALA E 358 -6.51 -27.36 19.40
CA ALA E 358 -5.56 -27.39 18.29
C ALA E 358 -4.61 -26.19 18.27
N SER E 359 -5.02 -25.07 18.88
CA SER E 359 -4.31 -23.80 18.72
C SER E 359 -2.85 -23.90 19.09
N VAL E 360 -2.55 -24.39 20.29
CA VAL E 360 -1.16 -24.40 20.79
C VAL E 360 -0.23 -25.09 19.82
N PHE E 361 -0.73 -26.05 19.03
CA PHE E 361 0.09 -26.81 18.08
C PHE E 361 0.23 -26.14 16.73
N PHE E 362 -0.76 -25.33 16.32
CA PHE E 362 -0.48 -24.38 15.24
C PHE E 362 0.63 -23.43 15.66
N ILE E 363 0.64 -23.01 16.93
CA ILE E 363 1.67 -22.11 17.43
C ILE E 363 3.03 -22.80 17.41
N LEU E 364 3.10 -24.01 17.93
CA LEU E 364 4.34 -24.77 17.93
C LEU E 364 4.84 -24.97 16.50
N ASP E 365 3.93 -25.29 15.59
CA ASP E 365 4.31 -25.43 14.19
C ASP E 365 4.84 -24.12 13.64
N GLU E 366 4.17 -23.01 13.92
CA GLU E 366 4.63 -21.71 13.46
C GLU E 366 6.01 -21.39 14.02
N MET E 367 6.25 -21.74 15.29
CA MET E 367 7.50 -21.40 15.95
C MET E 367 8.68 -22.15 15.33
N ARG E 368 8.54 -23.45 15.10
CA ARG E 368 9.62 -24.19 14.45
C ARG E 368 9.90 -23.62 13.06
N ASN E 369 8.85 -23.23 12.32
CA ASN E 369 9.06 -22.73 10.97
C ASN E 369 9.66 -21.34 11.02
N LYS E 370 9.18 -20.48 11.92
CA LYS E 370 9.77 -19.15 12.05
C LYS E 370 11.23 -19.23 12.49
N SER E 371 11.57 -20.18 13.36
CA SER E 371 12.95 -20.29 13.78
C SER E 371 13.88 -20.60 12.60
N ALA E 372 13.52 -21.61 11.81
CA ALA E 372 14.30 -21.98 10.64
C ALA E 372 14.40 -20.85 9.63
N GLU E 373 13.28 -20.22 9.30
CA GLU E 373 13.27 -19.13 8.33
C GLU E 373 14.19 -17.98 8.74
N GLU E 374 14.33 -17.74 10.04
CA GLU E 374 15.24 -16.72 10.57
C GLU E 374 16.63 -17.26 10.91
N GLY E 375 16.89 -18.54 10.65
CA GLY E 375 18.19 -19.10 10.94
C GLY E 375 18.54 -19.19 12.40
N LYS E 376 17.56 -19.22 13.30
CA LYS E 376 17.86 -19.45 14.72
C LYS E 376 18.50 -20.83 14.88
N LEU E 377 19.19 -21.03 15.99
CA LEU E 377 19.91 -22.28 16.19
C LEU E 377 19.08 -23.38 16.83
N THR E 378 17.83 -23.12 17.21
CA THR E 378 16.93 -24.14 17.75
C THR E 378 15.53 -23.91 17.21
N THR E 379 14.68 -24.93 17.39
CA THR E 379 13.26 -24.85 17.08
C THR E 379 12.49 -23.97 18.05
N GLY E 380 13.06 -23.62 19.19
CA GLY E 380 12.39 -22.75 20.13
C GLY E 380 12.94 -21.34 20.11
N GLU E 381 12.93 -20.71 18.92
CA GLU E 381 13.37 -19.32 18.75
C GLU E 381 14.82 -19.11 19.23
N GLY E 382 15.69 -20.11 19.05
CA GLY E 382 17.05 -20.03 19.52
C GLY E 382 17.25 -20.40 20.97
N LEU E 383 16.19 -20.53 21.76
CA LEU E 383 16.31 -20.90 23.16
C LEU E 383 16.15 -22.41 23.34
N GLU E 384 16.57 -22.88 24.50
CA GLU E 384 16.71 -24.30 24.76
C GLU E 384 15.53 -24.82 25.56
N TRP E 385 15.11 -24.08 26.60
CA TRP E 385 13.94 -24.42 27.41
C TRP E 385 12.73 -23.58 27.04
N GLY E 386 11.55 -24.20 27.17
CA GLY E 386 10.30 -23.49 26.90
C GLY E 386 9.14 -24.10 27.65
N VAL E 387 8.01 -23.39 27.63
CA VAL E 387 6.80 -23.83 28.33
C VAL E 387 5.57 -23.66 27.44
N LEU E 388 4.66 -24.63 27.52
CA LEU E 388 3.39 -24.61 26.82
C LEU E 388 2.26 -24.55 27.85
N PHE E 389 1.34 -23.61 27.66
CA PHE E 389 0.20 -23.39 28.54
C PHE E 389 -1.10 -23.61 27.76
N SER E 390 -1.99 -24.44 28.33
CA SER E 390 -3.38 -24.57 27.90
C SER E 390 -4.28 -24.09 29.03
N PHE E 391 -5.41 -23.46 28.69
CA PHE E 391 -6.40 -22.99 29.65
C PHE E 391 -7.76 -23.47 29.19
N GLY E 392 -8.55 -23.97 30.15
CA GLY E 392 -9.92 -24.36 29.88
C GLY E 392 -10.77 -24.45 31.13
N PRO E 393 -11.91 -25.11 31.02
CA PRO E 393 -12.77 -25.38 32.16
C PRO E 393 -12.05 -26.22 33.22
N GLY E 394 -12.13 -25.94 34.51
CA GLY E 394 -12.83 -24.80 35.07
C GLY E 394 -12.33 -24.53 36.48
N LEU E 395 -11.28 -23.73 36.62
CA LEU E 395 -10.40 -23.38 35.54
C LEU E 395 -9.24 -24.37 35.56
N THR E 396 -8.97 -24.98 34.41
CA THR E 396 -7.86 -25.91 34.28
C THR E 396 -6.73 -25.27 33.47
N VAL E 397 -5.50 -25.37 33.99
CA VAL E 397 -4.30 -24.89 33.32
C VAL E 397 -3.30 -26.05 33.19
N GLU E 398 -2.81 -26.28 31.98
CA GLU E 398 -1.76 -27.26 31.70
C GLU E 398 -0.42 -26.54 31.56
N THR E 399 0.61 -27.04 32.23
CA THR E 399 1.96 -26.49 32.10
C THR E 399 2.89 -27.60 31.65
N VAL E 400 3.37 -27.49 30.40
CA VAL E 400 4.19 -28.50 29.76
C VAL E 400 5.55 -27.90 29.51
N VAL E 401 6.58 -28.46 30.15
CA VAL E 401 7.94 -27.97 30.00
C VAL E 401 8.57 -28.62 28.77
N LEU E 402 9.15 -27.81 27.89
CA LEU E 402 9.67 -28.29 26.62
C LEU E 402 11.17 -28.01 26.45
N LEU E 403 11.82 -28.86 25.66
CA LEU E 403 13.18 -28.66 25.19
C LEU E 403 13.15 -28.51 23.69
N SER E 404 13.83 -27.49 23.17
CA SER E 404 13.90 -27.32 21.73
C SER E 404 14.89 -28.31 21.12
N VAL E 405 14.99 -28.28 19.80
CA VAL E 405 15.93 -29.12 19.05
C VAL E 405 16.84 -28.20 18.24
N PRO E 406 18.14 -28.50 18.14
CA PRO E 406 19.04 -27.65 17.36
C PRO E 406 18.68 -27.65 15.87
N LEU E 407 19.05 -26.57 15.20
CA LEU E 407 18.95 -26.49 13.74
C LEU E 407 20.33 -26.19 13.11
N SER F 16 23.28 -30.01 26.77
CA SER F 16 24.41 -30.83 27.23
C SER F 16 24.26 -31.05 28.72
N PHE F 17 24.17 -29.94 29.44
CA PHE F 17 23.82 -29.93 30.85
C PHE F 17 22.32 -29.76 31.02
N SER F 18 21.66 -29.25 29.98
CA SER F 18 20.21 -29.25 29.92
C SER F 18 19.71 -30.69 29.83
N MET F 19 20.44 -31.53 29.08
CA MET F 19 20.05 -32.92 28.86
C MET F 19 20.22 -33.77 30.12
N GLU F 20 21.20 -33.45 30.96
CA GLU F 20 21.35 -34.19 32.21
C GLU F 20 20.21 -33.88 33.17
N LYS F 21 19.62 -32.69 33.06
CA LYS F 21 18.47 -32.34 33.88
C LYS F 21 17.30 -33.19 33.46
N VAL F 22 17.11 -33.30 32.13
CA VAL F 22 16.07 -34.13 31.56
C VAL F 22 16.26 -35.60 31.95
N LYS F 23 17.51 -36.05 32.03
CA LYS F 23 17.81 -37.44 32.35
C LYS F 23 17.66 -37.72 33.84
N ARG F 24 17.80 -36.71 34.69
CA ARG F 24 17.56 -36.87 36.10
C ARG F 24 16.06 -37.01 36.38
N ILE F 25 15.22 -36.33 35.58
CA ILE F 25 13.77 -36.45 35.74
C ILE F 25 13.32 -37.84 35.32
N LEU F 26 13.73 -38.27 34.12
CA LEU F 26 13.37 -39.59 33.64
C LEU F 26 13.77 -40.67 34.63
N ASP F 27 15.02 -40.62 35.08
CA ASP F 27 15.50 -41.62 36.02
C ASP F 27 14.64 -41.64 37.28
N ALA F 28 14.20 -40.45 37.73
CA ALA F 28 13.42 -40.38 38.96
C ALA F 28 12.01 -40.95 38.79
N GLN F 29 11.48 -40.91 37.57
CA GLN F 29 10.10 -41.34 37.33
C GLN F 29 9.98 -42.83 36.99
N ARG F 30 11.10 -43.54 36.87
CA ARG F 30 11.07 -44.95 36.49
C ARG F 30 10.44 -45.81 37.59
N THR F 31 9.70 -46.84 37.15
CA THR F 31 9.12 -47.87 38.02
C THR F 31 9.74 -49.23 37.73
N GLU F 32 9.41 -50.20 38.59
CA GLU F 32 9.92 -51.56 38.43
C GLU F 32 8.82 -52.57 38.10
N GLY F 33 7.78 -52.64 38.94
CA GLY F 33 6.77 -53.66 38.77
C GLY F 33 5.72 -53.27 37.75
N PRO F 34 4.76 -54.17 37.55
CA PRO F 34 3.65 -53.85 36.66
C PRO F 34 2.55 -53.07 37.38
N ALA F 35 1.74 -52.39 36.57
CA ALA F 35 0.52 -51.81 37.09
C ALA F 35 -0.33 -52.92 37.68
N THR F 36 -0.81 -52.72 38.91
CA THR F 36 -1.66 -53.69 39.60
C THR F 36 -2.88 -52.96 40.14
N VAL F 37 -4.02 -53.65 40.21
CA VAL F 37 -5.22 -53.01 40.76
C VAL F 37 -5.18 -53.23 42.27
N LEU F 38 -5.25 -52.15 43.01
CA LEU F 38 -5.05 -52.18 44.45
C LEU F 38 -6.35 -52.19 45.25
N ALA F 39 -7.49 -51.91 44.60
CA ALA F 39 -8.78 -51.96 45.26
C ALA F 39 -9.87 -51.88 44.19
N ILE F 40 -11.04 -52.39 44.53
CA ILE F 40 -12.20 -52.33 43.64
C ILE F 40 -13.42 -52.01 44.50
N GLY F 41 -14.19 -51.01 44.08
CA GLY F 41 -15.45 -50.68 44.72
C GLY F 41 -16.52 -50.45 43.68
N THR F 42 -17.75 -50.89 43.99
CA THR F 42 -18.87 -50.76 43.05
C THR F 42 -20.09 -50.16 43.76
N ALA F 43 -20.99 -49.61 42.95
CA ALA F 43 -22.22 -48.99 43.45
C ALA F 43 -23.27 -49.02 42.36
N ASN F 44 -24.54 -49.02 42.78
CA ASN F 44 -25.68 -49.11 41.86
C ASN F 44 -26.78 -48.15 42.31
N PRO F 45 -27.67 -47.76 41.38
CA PRO F 45 -28.87 -47.00 41.78
C PRO F 45 -29.69 -47.78 42.80
N PRO F 46 -30.55 -47.10 43.57
CA PRO F 46 -31.27 -47.80 44.65
C PRO F 46 -32.40 -48.69 44.16
N THR F 47 -33.07 -48.35 43.06
CA THR F 47 -34.25 -49.09 42.61
C THR F 47 -33.83 -50.39 41.92
N CYS F 48 -34.34 -51.52 42.41
CA CYS F 48 -34.10 -52.83 41.82
C CYS F 48 -35.29 -53.27 40.97
N PHE F 49 -35.06 -53.58 39.70
CA PHE F 49 -36.10 -54.06 38.79
C PHE F 49 -35.88 -55.54 38.50
N TYR F 50 -36.82 -56.38 38.92
CA TYR F 50 -36.75 -57.80 38.62
C TYR F 50 -37.22 -58.08 37.19
N GLU F 51 -36.49 -58.97 36.51
CA GLU F 51 -36.75 -59.27 35.09
C GLU F 51 -38.14 -59.85 34.87
N ALA F 52 -38.66 -60.58 35.85
CA ALA F 52 -40.03 -61.08 35.76
C ALA F 52 -41.03 -59.95 35.64
N ASP F 53 -40.82 -58.84 36.37
CA ASP F 53 -41.76 -57.74 36.45
C ASP F 53 -41.52 -56.63 35.43
N TYR F 54 -40.35 -56.61 34.75
CA TYR F 54 -40.01 -55.48 33.90
C TYR F 54 -40.91 -55.33 32.68
N PRO F 55 -41.27 -56.40 31.95
CA PRO F 55 -42.20 -56.20 30.83
C PRO F 55 -43.50 -55.54 31.26
N ASP F 56 -44.02 -55.89 32.44
CA ASP F 56 -45.22 -55.24 32.96
C ASP F 56 -44.96 -53.77 33.28
N PHE F 57 -43.90 -53.48 34.03
CA PHE F 57 -43.55 -52.09 34.33
C PHE F 57 -43.28 -51.30 33.05
N TYR F 58 -42.49 -51.87 32.14
CA TYR F 58 -42.03 -51.14 30.97
C TYR F 58 -43.19 -50.70 30.08
N PHE F 59 -44.07 -51.63 29.70
CA PHE F 59 -45.14 -51.30 28.76
C PHE F 59 -46.24 -50.47 29.42
N ARG F 60 -46.43 -50.60 30.73
CA ARG F 60 -47.40 -49.76 31.41
C ARG F 60 -46.95 -48.31 31.44
N VAL F 61 -45.73 -48.06 31.93
CA VAL F 61 -45.24 -46.71 32.14
C VAL F 61 -44.96 -45.97 30.82
N THR F 62 -44.86 -46.69 29.69
CA THR F 62 -44.75 -46.07 28.37
C THR F 62 -46.07 -46.01 27.61
N ASN F 63 -47.18 -46.37 28.28
CA ASN F 63 -48.54 -46.32 27.70
C ASN F 63 -48.62 -47.10 26.39
N CYS F 64 -48.05 -48.30 26.36
CA CYS F 64 -48.07 -49.16 25.19
C CYS F 64 -48.78 -50.50 25.46
N GLU F 65 -49.64 -50.54 26.48
CA GLU F 65 -50.34 -51.78 26.78
C GLU F 65 -51.31 -52.17 25.66
N ASP F 66 -51.66 -51.23 24.77
CA ASP F 66 -52.43 -51.53 23.55
C ASP F 66 -51.60 -52.19 22.44
N LYS F 67 -50.36 -52.61 22.71
CA LYS F 67 -49.54 -53.34 21.74
C LYS F 67 -49.17 -54.69 22.34
N PRO F 68 -50.14 -55.59 22.50
CA PRO F 68 -49.86 -56.84 23.26
C PRO F 68 -48.96 -57.83 22.52
N GLU F 69 -48.96 -57.84 21.18
CA GLU F 69 -48.08 -58.77 20.47
C GLU F 69 -46.62 -58.38 20.65
N LEU F 70 -46.32 -57.08 20.58
CA LEU F 70 -44.97 -56.61 20.82
C LEU F 70 -44.55 -56.91 22.27
N LYS F 71 -45.47 -56.78 23.22
CA LYS F 71 -45.14 -57.09 24.61
C LYS F 71 -44.75 -58.56 24.78
N GLU F 72 -45.44 -59.46 24.07
CA GLU F 72 -45.07 -60.87 24.13
C GLU F 72 -43.70 -61.11 23.51
N LYS F 73 -43.37 -60.40 22.42
CA LYS F 73 -42.04 -60.52 21.85
C LYS F 73 -40.96 -60.07 22.83
N PHE F 74 -41.24 -58.98 23.57
CA PHE F 74 -40.30 -58.50 24.57
C PHE F 74 -40.17 -59.47 25.73
N LYS F 75 -41.29 -60.08 26.16
CA LYS F 75 -41.21 -61.04 27.26
C LYS F 75 -40.32 -62.23 26.91
N ARG F 76 -40.42 -62.74 25.68
CA ARG F 76 -39.60 -63.88 25.30
C ARG F 76 -38.11 -63.51 25.28
N ILE F 77 -37.80 -62.28 24.85
CA ILE F 77 -36.42 -61.80 24.91
C ILE F 77 -35.96 -61.66 26.37
N SER F 78 -36.81 -61.07 27.22
CA SER F 78 -36.46 -60.92 28.64
C SER F 78 -36.22 -62.27 29.32
N GLU F 79 -37.04 -63.28 29.01
CA GLU F 79 -36.88 -64.56 29.67
C GLU F 79 -35.63 -65.30 29.17
N ARG F 80 -35.30 -65.18 27.88
CA ARG F 80 -34.10 -65.80 27.31
C ARG F 80 -32.83 -65.02 27.58
N SER F 81 -32.93 -63.87 28.26
CA SER F 81 -31.83 -62.93 28.41
C SER F 81 -30.80 -63.36 29.44
N ALA F 82 -31.16 -64.30 30.32
CA ALA F 82 -30.33 -64.74 31.45
C ALA F 82 -30.08 -63.62 32.45
N VAL F 83 -30.94 -62.61 32.47
CA VAL F 83 -30.88 -61.55 33.46
C VAL F 83 -31.93 -61.82 34.53
N LYS F 84 -31.51 -61.84 35.80
CA LYS F 84 -32.49 -62.03 36.85
C LYS F 84 -33.02 -60.68 37.36
N LYS F 85 -32.13 -59.73 37.60
CA LYS F 85 -32.53 -58.41 38.07
C LYS F 85 -31.52 -57.36 37.61
N ARG F 86 -31.94 -56.09 37.67
CA ARG F 86 -31.10 -54.96 37.30
C ARG F 86 -31.38 -53.83 38.28
N TYR F 87 -30.38 -52.98 38.50
CA TYR F 87 -30.58 -51.71 39.18
C TYR F 87 -30.66 -50.60 38.12
N LEU F 88 -31.78 -49.87 38.10
CA LEU F 88 -32.01 -48.86 37.08
C LEU F 88 -32.26 -47.50 37.71
N HIS F 89 -31.67 -46.46 37.10
CA HIS F 89 -31.88 -45.09 37.53
C HIS F 89 -33.22 -44.54 37.05
N VAL F 90 -33.63 -44.93 35.84
CA VAL F 90 -34.93 -44.52 35.31
C VAL F 90 -36.02 -45.17 36.15
N THR F 91 -36.79 -44.34 36.86
CA THR F 91 -37.89 -44.75 37.72
C THR F 91 -39.20 -44.24 37.14
N GLU F 92 -40.32 -44.70 37.73
CA GLU F 92 -41.63 -44.21 37.30
C GLU F 92 -41.80 -42.72 37.59
N GLU F 93 -41.29 -42.25 38.73
CA GLU F 93 -41.34 -40.83 39.05
C GLU F 93 -40.61 -40.00 37.99
N ILE F 94 -39.41 -40.46 37.58
CA ILE F 94 -38.61 -39.73 36.59
C ILE F 94 -39.33 -39.64 35.25
N LEU F 95 -39.96 -40.73 34.80
CA LEU F 95 -40.68 -40.70 33.53
C LEU F 95 -41.93 -39.82 33.60
N LYS F 96 -42.58 -39.75 34.76
CA LYS F 96 -43.72 -38.84 34.91
C LYS F 96 -43.26 -37.38 34.87
N GLU F 97 -42.13 -37.06 35.49
CA GLU F 97 -41.60 -35.70 35.45
C GLU F 97 -41.05 -35.33 34.08
N ASN F 98 -40.70 -36.31 33.26
CA ASN F 98 -40.18 -36.10 31.91
C ASN F 98 -40.90 -37.00 30.94
N PRO F 99 -42.18 -36.73 30.66
CA PRO F 99 -42.98 -37.64 29.81
C PRO F 99 -42.45 -37.80 28.38
N ASN F 100 -41.66 -36.85 27.85
CA ASN F 100 -41.14 -36.98 26.49
C ASN F 100 -40.20 -38.18 26.30
N MET F 101 -39.63 -38.70 27.38
CA MET F 101 -38.80 -39.92 27.30
C MET F 101 -39.60 -41.15 26.86
N CYS F 102 -40.92 -41.16 27.06
CA CYS F 102 -41.76 -42.28 26.70
C CYS F 102 -42.41 -42.13 25.32
N SER F 103 -42.28 -40.96 24.68
CA SER F 103 -42.79 -40.70 23.35
C SER F 103 -41.64 -40.83 22.36
N TYR F 104 -41.73 -41.80 21.47
CA TYR F 104 -40.60 -42.14 20.61
C TYR F 104 -40.24 -41.02 19.64
N ARG F 105 -38.96 -40.65 19.62
CA ARG F 105 -38.33 -39.60 18.82
C ARG F 105 -38.71 -38.18 19.23
N ALA F 106 -39.52 -38.00 20.27
CA ALA F 106 -39.79 -36.67 20.78
C ALA F 106 -38.53 -36.06 21.39
N PRO F 107 -38.36 -34.75 21.26
CA PRO F 107 -37.20 -34.09 21.88
C PRO F 107 -37.25 -34.22 23.39
N SER F 108 -36.21 -34.86 23.95
CA SER F 108 -36.12 -35.08 25.39
C SER F 108 -34.69 -35.02 25.88
N LEU F 109 -33.74 -34.63 25.01
CA LEU F 109 -32.32 -34.66 25.34
C LEU F 109 -32.01 -33.72 26.51
N ASP F 110 -32.62 -32.53 26.50
CA ASP F 110 -32.41 -31.57 27.57
C ASP F 110 -32.84 -32.15 28.90
N ALA F 111 -34.00 -32.82 28.91
CA ALA F 111 -34.53 -33.44 30.13
C ALA F 111 -33.59 -34.52 30.66
N ARG F 112 -33.13 -35.41 29.77
CA ARG F 112 -32.27 -36.50 30.21
C ARG F 112 -30.96 -35.99 30.82
N HIS F 113 -30.31 -35.02 30.15
CA HIS F 113 -29.00 -34.56 30.61
C HIS F 113 -29.05 -33.90 31.99
N ALA F 114 -30.07 -33.08 32.26
CA ALA F 114 -30.20 -32.47 33.58
C ALA F 114 -30.23 -33.53 34.68
N ILE F 115 -30.90 -34.66 34.41
CA ILE F 115 -30.99 -35.74 35.39
C ILE F 115 -29.61 -36.38 35.59
N LEU F 116 -28.84 -36.53 34.52
CA LEU F 116 -27.59 -37.31 34.51
C LEU F 116 -26.38 -36.51 34.95
N VAL F 117 -26.34 -35.22 34.59
CA VAL F 117 -25.15 -34.39 34.81
C VAL F 117 -24.69 -34.42 36.26
N GLU F 118 -25.63 -34.50 37.21
CA GLU F 118 -25.32 -34.56 38.63
C GLU F 118 -25.29 -35.97 39.17
N GLU F 119 -26.06 -36.90 38.57
CA GLU F 119 -26.11 -38.26 39.11
C GLU F 119 -24.88 -39.08 38.74
N VAL F 120 -24.39 -38.93 37.50
CA VAL F 120 -23.21 -39.70 37.06
C VAL F 120 -22.00 -39.46 37.95
N PRO F 121 -21.59 -38.23 38.25
CA PRO F 121 -20.51 -38.07 39.25
C PRO F 121 -20.91 -38.52 40.64
N LYS F 122 -22.21 -38.48 40.99
CA LYS F 122 -22.63 -38.83 42.34
C LYS F 122 -22.45 -40.33 42.63
N LEU F 123 -22.89 -41.18 41.69
CA LEU F 123 -22.72 -42.62 41.84
C LEU F 123 -21.25 -43.02 41.77
N GLY F 124 -20.50 -42.39 40.86
CA GLY F 124 -19.06 -42.59 40.85
C GLY F 124 -18.44 -42.31 42.20
N LYS F 125 -18.89 -41.25 42.86
CA LYS F 125 -18.42 -40.95 44.20
C LYS F 125 -18.68 -42.12 45.16
N GLU F 126 -19.87 -42.73 45.08
CA GLU F 126 -20.20 -43.83 45.99
C GLU F 126 -19.21 -44.99 45.83
N ALA F 127 -18.99 -45.42 44.57
CA ALA F 127 -18.03 -46.50 44.28
C ALA F 127 -16.60 -46.08 44.61
N ALA F 128 -16.23 -44.84 44.24
CA ALA F 128 -14.87 -44.36 44.47
C ALA F 128 -14.51 -44.39 45.94
N LEU F 129 -15.44 -43.94 46.79
CA LEU F 129 -15.20 -43.94 48.22
C LEU F 129 -14.90 -45.35 48.75
N LYS F 130 -15.66 -46.35 48.27
CA LYS F 130 -15.44 -47.73 48.68
C LYS F 130 -14.04 -48.20 48.29
N ALA F 131 -13.66 -47.95 47.03
CA ALA F 131 -12.34 -48.37 46.57
C ALA F 131 -11.24 -47.68 47.37
N ILE F 132 -11.40 -46.37 47.61
CA ILE F 132 -10.40 -45.67 48.39
C ILE F 132 -10.37 -46.21 49.82
N LYS F 133 -11.56 -46.54 50.36
CA LYS F 133 -11.67 -47.10 51.71
C LYS F 133 -10.83 -48.37 51.84
N GLU F 134 -11.08 -49.34 50.95
CA GLU F 134 -10.25 -50.54 50.91
C GLU F 134 -8.77 -50.21 50.75
N TRP F 135 -8.45 -49.33 49.79
CA TRP F 135 -7.06 -48.92 49.56
C TRP F 135 -6.43 -48.38 50.83
N GLY F 136 -7.14 -47.50 51.55
CA GLY F 136 -6.71 -47.07 52.86
C GLY F 136 -5.63 -46.01 52.92
N GLN F 137 -5.30 -45.39 51.81
CA GLN F 137 -4.28 -44.36 51.83
C GLN F 137 -4.93 -42.97 51.85
N PRO F 138 -4.17 -41.91 52.17
CA PRO F 138 -4.78 -40.56 52.16
C PRO F 138 -5.10 -40.13 50.75
N LEU F 139 -6.21 -39.40 50.62
CA LEU F 139 -6.64 -38.91 49.33
C LEU F 139 -5.54 -38.14 48.60
N SER F 140 -4.69 -37.45 49.35
CA SER F 140 -3.64 -36.67 48.71
C SER F 140 -2.66 -37.53 47.95
N LYS F 141 -2.68 -38.85 48.14
CA LYS F 141 -1.78 -39.71 47.41
C LYS F 141 -2.27 -40.01 45.99
N ILE F 142 -3.53 -39.69 45.69
CA ILE F 142 -4.07 -39.91 44.36
C ILE F 142 -3.52 -38.86 43.40
N THR F 143 -2.81 -39.32 42.38
CA THR F 143 -2.14 -38.43 41.43
C THR F 143 -2.90 -38.26 40.11
N HIS F 144 -3.77 -39.21 39.76
CA HIS F 144 -4.45 -39.27 38.48
C HIS F 144 -5.89 -39.75 38.67
N LEU F 145 -6.78 -39.23 37.81
CA LEU F 145 -8.16 -39.67 37.76
C LEU F 145 -8.56 -39.92 36.31
N ILE F 146 -9.09 -41.10 36.02
CA ILE F 146 -9.68 -41.39 34.71
C ILE F 146 -11.15 -41.71 34.91
N PHE F 147 -12.02 -40.89 34.33
CA PHE F 147 -13.45 -41.10 34.43
C PHE F 147 -14.01 -41.47 33.07
N SER F 148 -14.68 -42.61 33.00
CA SER F 148 -15.34 -43.09 31.79
C SER F 148 -16.84 -43.14 32.05
N ALA F 149 -17.62 -42.46 31.21
CA ALA F 149 -19.06 -42.37 31.36
C ALA F 149 -19.76 -42.37 30.00
N MET F 150 -20.71 -43.32 29.84
CA MET F 150 -21.45 -43.48 28.58
C MET F 150 -22.29 -42.24 28.26
N SER F 151 -22.96 -41.69 29.26
CA SER F 151 -23.87 -40.58 29.03
C SER F 151 -23.69 -39.55 30.14
N GLY F 152 -24.08 -38.31 29.84
CA GLY F 152 -23.96 -37.23 30.78
C GLY F 152 -22.98 -36.16 30.36
N VAL F 153 -22.78 -36.02 29.04
CA VAL F 153 -21.79 -35.10 28.48
C VAL F 153 -22.02 -33.69 29.03
N ASP F 154 -20.97 -33.12 29.63
CA ASP F 154 -21.04 -31.81 30.26
C ASP F 154 -19.63 -31.25 30.41
N ILE F 155 -19.57 -29.91 30.44
CA ILE F 155 -18.34 -29.15 30.65
C ILE F 155 -18.49 -28.18 31.83
N PRO F 156 -17.64 -28.31 32.86
CA PRO F 156 -16.67 -29.37 33.16
C PRO F 156 -17.33 -30.76 33.33
N GLY F 157 -16.52 -31.80 33.19
CA GLY F 157 -17.02 -33.15 33.16
C GLY F 157 -17.19 -33.78 34.53
N ALA F 158 -17.64 -35.03 34.51
CA ALA F 158 -17.81 -35.80 35.73
C ALA F 158 -16.49 -35.98 36.46
N ASP F 159 -15.36 -36.00 35.73
CA ASP F 159 -14.06 -36.02 36.40
C ASP F 159 -13.88 -34.80 37.29
N PHE F 160 -14.10 -33.60 36.74
CA PHE F 160 -13.92 -32.38 37.53
C PHE F 160 -14.85 -32.38 38.73
N ARG F 161 -16.12 -32.71 38.52
CA ARG F 161 -17.05 -32.81 39.63
C ARG F 161 -16.56 -33.81 40.66
N LEU F 162 -16.14 -34.99 40.19
CA LEU F 162 -15.73 -36.05 41.11
C LEU F 162 -14.51 -35.65 41.91
N MET F 163 -13.55 -34.97 41.27
CA MET F 163 -12.41 -34.42 42.00
C MET F 163 -12.86 -33.52 43.14
N ASN F 164 -13.88 -32.68 42.90
CA ASN F 164 -14.38 -31.77 43.94
C ASN F 164 -15.22 -32.50 44.98
N LEU F 165 -16.07 -33.44 44.55
CA LEU F 165 -16.85 -34.23 45.51
C LEU F 165 -15.94 -34.96 46.51
N LEU F 166 -14.82 -35.49 46.02
CA LEU F 166 -13.92 -36.29 46.86
C LEU F 166 -12.90 -35.45 47.64
N GLY F 167 -12.61 -34.24 47.18
CA GLY F 167 -11.53 -33.48 47.79
C GLY F 167 -10.15 -33.98 47.41
N LEU F 168 -9.97 -34.36 46.15
CA LEU F 168 -8.65 -34.70 45.65
C LEU F 168 -7.82 -33.43 45.55
N GLU F 169 -6.51 -33.60 45.40
CA GLU F 169 -5.66 -32.44 45.16
C GLU F 169 -6.12 -31.71 43.90
N PRO F 170 -6.06 -30.37 43.87
CA PRO F 170 -6.35 -29.64 42.62
C PRO F 170 -5.35 -29.94 41.50
N SER F 171 -4.16 -30.44 41.81
CA SER F 171 -3.17 -30.79 40.80
C SER F 171 -3.35 -32.19 40.24
N VAL F 172 -4.41 -32.90 40.61
CA VAL F 172 -4.63 -34.24 40.09
C VAL F 172 -4.78 -34.20 38.58
N ASN F 173 -4.11 -35.12 37.90
CA ASN F 173 -4.13 -35.18 36.45
C ASN F 173 -5.37 -35.97 36.05
N ARG F 174 -6.24 -35.34 35.28
CA ARG F 174 -7.56 -35.88 35.01
C ARG F 174 -7.69 -36.23 33.54
N LEU F 175 -8.44 -37.30 33.30
CA LEU F 175 -8.80 -37.73 31.95
C LEU F 175 -10.24 -38.19 31.99
N MET F 176 -11.08 -37.60 31.12
CA MET F 176 -12.52 -37.83 31.09
C MET F 176 -12.93 -38.28 29.68
N ILE F 177 -13.52 -39.46 29.57
CA ILE F 177 -13.89 -40.04 28.28
C ILE F 177 -15.40 -40.29 28.26
N TYR F 178 -16.13 -39.54 27.43
CA TYR F 178 -17.58 -39.66 27.31
C TYR F 178 -17.98 -40.49 26.09
N THR F 179 -19.05 -41.28 26.24
CA THR F 179 -19.87 -41.81 25.15
C THR F 179 -19.02 -42.57 24.11
N GLN F 180 -18.47 -43.70 24.54
CA GLN F 180 -17.69 -44.46 23.58
C GLN F 180 -18.13 -45.91 23.43
N GLY F 181 -18.62 -46.56 24.48
CA GLY F 181 -19.13 -47.90 24.31
C GLY F 181 -18.58 -48.86 25.34
N CYS F 182 -18.91 -50.14 25.16
CA CYS F 182 -18.61 -51.15 26.15
C CYS F 182 -17.16 -51.65 26.10
N TYR F 183 -16.37 -51.31 25.07
CA TYR F 183 -14.95 -51.68 25.11
C TYR F 183 -14.15 -50.84 26.09
N MET F 184 -14.76 -49.82 26.69
CA MET F 184 -14.02 -48.88 27.52
C MET F 184 -13.47 -49.49 28.80
N GLY F 185 -14.01 -50.61 29.26
CA GLY F 185 -13.43 -51.27 30.41
C GLY F 185 -11.96 -51.63 30.17
N GLY F 186 -11.70 -52.40 29.12
CA GLY F 186 -10.32 -52.74 28.81
C GLY F 186 -9.49 -51.57 28.33
N ALA F 187 -10.11 -50.60 27.65
CA ALA F 187 -9.34 -49.49 27.08
C ALA F 187 -8.82 -48.56 28.17
N ALA F 188 -9.68 -48.21 29.12
CA ALA F 188 -9.25 -47.32 30.20
C ALA F 188 -8.20 -47.98 31.08
N MET F 189 -8.23 -49.32 31.17
CA MET F 189 -7.20 -50.04 31.88
C MET F 189 -5.84 -49.90 31.20
N ARG F 190 -5.81 -49.93 29.87
CA ARG F 190 -4.56 -49.70 29.15
C ARG F 190 -4.00 -48.32 29.48
N HIS F 191 -4.87 -47.30 29.51
CA HIS F 191 -4.41 -45.95 29.81
C HIS F 191 -3.97 -45.84 31.27
N ALA F 192 -4.71 -46.47 32.19
CA ALA F 192 -4.29 -46.49 33.59
C ALA F 192 -2.96 -47.21 33.78
N LYS F 193 -2.74 -48.34 33.09
CA LYS F 193 -1.46 -49.03 33.18
C LYS F 193 -0.31 -48.13 32.72
N ASP F 194 -0.45 -47.49 31.55
CA ASP F 194 0.64 -46.66 31.03
C ASP F 194 1.00 -45.53 32.00
N ILE F 195 0.01 -44.86 32.58
CA ILE F 195 0.31 -43.81 33.55
C ILE F 195 1.08 -44.38 34.73
N ALA F 196 0.54 -45.42 35.34
CA ALA F 196 1.08 -45.96 36.59
C ALA F 196 2.53 -46.42 36.42
N GLU F 197 2.85 -47.03 35.28
CA GLU F 197 4.18 -47.59 35.07
C GLU F 197 5.20 -46.55 34.63
N ASN F 198 4.77 -45.51 33.90
CA ASN F 198 5.71 -44.48 33.47
C ASN F 198 5.97 -43.44 34.54
N ASN F 199 5.24 -43.47 35.65
CA ASN F 199 5.30 -42.41 36.65
C ASN F 199 5.46 -43.01 38.04
N ALA F 200 6.70 -43.05 38.53
CA ALA F 200 6.94 -43.52 39.89
C ALA F 200 6.13 -42.71 40.88
N GLY F 201 5.46 -43.41 41.81
CA GLY F 201 4.61 -42.77 42.78
C GLY F 201 3.18 -42.54 42.37
N ALA F 202 2.87 -42.60 41.07
CA ALA F 202 1.52 -42.37 40.59
C ALA F 202 0.55 -43.43 41.14
N ARG F 203 -0.62 -42.96 41.58
CA ARG F 203 -1.73 -43.82 42.00
C ARG F 203 -3.00 -43.32 41.31
N VAL F 204 -3.61 -44.19 40.51
CA VAL F 204 -4.67 -43.82 39.57
C VAL F 204 -6.03 -44.21 40.14
N LEU F 205 -6.92 -43.23 40.25
CA LEU F 205 -8.32 -43.52 40.53
C LEU F 205 -9.06 -43.60 39.19
N LEU F 206 -9.57 -44.77 38.88
CA LEU F 206 -10.18 -45.09 37.60
C LEU F 206 -11.67 -45.38 37.84
N VAL F 207 -12.55 -44.55 37.27
CA VAL F 207 -13.97 -44.61 37.59
C VAL F 207 -14.79 -44.82 36.32
N PHE F 208 -15.70 -45.77 36.36
CA PHE F 208 -16.68 -46.00 35.30
C PHE F 208 -18.08 -45.79 35.86
N CYS F 209 -18.90 -45.01 35.15
CA CYS F 209 -20.32 -44.90 35.48
C CYS F 209 -21.11 -44.84 34.17
N ASP F 210 -21.87 -45.88 33.86
CA ASP F 210 -22.68 -45.91 32.64
C ASP F 210 -24.16 -45.95 33.05
N LEU F 211 -24.85 -44.83 32.90
CA LEU F 211 -26.29 -44.75 33.13
C LEU F 211 -26.98 -44.78 31.78
N MET F 212 -27.89 -45.74 31.60
CA MET F 212 -28.47 -45.99 30.29
C MET F 212 -29.75 -45.20 30.04
N ASP F 213 -30.03 -44.19 30.89
CA ASP F 213 -31.25 -43.40 30.74
C ASP F 213 -31.45 -42.87 29.32
N MET F 214 -30.36 -42.54 28.62
CA MET F 214 -30.45 -42.05 27.25
C MET F 214 -30.87 -43.13 26.25
N TYR F 215 -30.85 -44.40 26.67
CA TYR F 215 -31.21 -45.53 25.83
C TYR F 215 -32.63 -46.06 26.11
N PHE F 216 -33.32 -45.46 27.09
CA PHE F 216 -34.73 -45.76 27.37
C PHE F 216 -35.61 -45.09 26.31
N HIS F 217 -36.39 -45.89 25.59
CA HIS F 217 -37.34 -45.39 24.59
C HIS F 217 -38.63 -46.19 24.67
N ALA F 218 -39.67 -45.65 24.06
CA ALA F 218 -40.90 -46.42 23.90
C ALA F 218 -40.60 -47.71 23.14
N PRO F 219 -41.23 -48.83 23.51
CA PRO F 219 -40.89 -50.11 22.87
C PRO F 219 -41.15 -50.06 21.37
N GLN F 220 -40.18 -50.54 20.61
CA GLN F 220 -40.26 -50.60 19.15
C GLN F 220 -40.19 -52.02 18.65
N ASN F 221 -40.68 -52.23 17.44
CA ASN F 221 -40.57 -53.53 16.79
C ASN F 221 -39.18 -53.65 16.15
N ARG F 222 -38.18 -53.62 17.03
CA ARG F 222 -36.77 -53.73 16.66
C ARG F 222 -36.12 -54.68 17.64
N VAL F 223 -35.51 -55.75 17.13
CA VAL F 223 -34.93 -56.78 18.00
C VAL F 223 -33.85 -56.17 18.88
N ASP F 224 -32.99 -55.34 18.28
CA ASP F 224 -31.85 -54.76 18.98
C ASP F 224 -32.27 -53.79 20.09
N LEU F 225 -33.21 -52.89 19.79
CA LEU F 225 -33.68 -51.96 20.81
C LEU F 225 -34.36 -52.67 21.97
N LEU F 226 -35.10 -53.73 21.69
CA LEU F 226 -35.79 -54.45 22.76
C LEU F 226 -34.80 -55.17 23.68
N VAL F 227 -33.81 -55.87 23.10
CA VAL F 227 -32.81 -56.56 23.91
C VAL F 227 -32.12 -55.58 24.86
N GLY F 228 -31.72 -54.42 24.35
CA GLY F 228 -31.11 -53.41 25.20
C GLY F 228 -32.05 -52.97 26.31
N GLN F 229 -33.32 -52.77 25.98
CA GLN F 229 -34.29 -52.44 27.01
C GLN F 229 -34.44 -53.58 28.02
N ALA F 230 -34.12 -54.81 27.60
CA ALA F 230 -34.18 -55.98 28.47
C ALA F 230 -32.90 -56.23 29.26
N VAL F 231 -31.74 -55.85 28.74
CA VAL F 231 -30.46 -56.32 29.24
C VAL F 231 -29.67 -55.22 29.95
N PHE F 232 -29.70 -53.99 29.43
CA PHE F 232 -28.90 -52.90 29.98
C PHE F 232 -29.25 -52.59 31.44
N GLY F 233 -28.22 -52.52 32.28
CA GLY F 233 -28.38 -52.10 33.66
C GLY F 233 -27.45 -50.95 33.96
N ASP F 234 -27.64 -50.34 35.14
CA ASP F 234 -26.85 -49.20 35.56
C ASP F 234 -25.99 -49.58 36.76
N GLY F 235 -24.78 -49.02 36.81
CA GLY F 235 -23.85 -49.30 37.91
C GLY F 235 -22.55 -48.53 37.72
N ALA F 236 -21.79 -48.45 38.81
CA ALA F 236 -20.50 -47.76 38.82
C ALA F 236 -19.43 -48.59 39.50
N ALA F 237 -18.22 -48.55 38.94
CA ALA F 237 -17.08 -49.30 39.44
C ALA F 237 -15.88 -48.37 39.54
N ALA F 238 -15.16 -48.46 40.65
CA ALA F 238 -14.00 -47.61 40.89
C ALA F 238 -12.81 -48.48 41.26
N LEU F 239 -11.63 -48.11 40.76
CA LEU F 239 -10.41 -48.86 41.03
C LEU F 239 -9.29 -47.90 41.36
N ILE F 240 -8.37 -48.36 42.20
CA ILE F 240 -7.07 -47.73 42.37
C ILE F 240 -6.06 -48.65 41.69
N VAL F 241 -5.26 -48.06 40.81
CA VAL F 241 -4.23 -48.77 40.05
C VAL F 241 -2.90 -48.09 40.36
N GLY F 242 -1.88 -48.88 40.66
CA GLY F 242 -0.57 -48.33 40.89
C GLY F 242 0.48 -49.39 40.64
N ALA F 243 1.69 -48.94 40.29
CA ALA F 243 2.82 -49.83 40.19
C ALA F 243 3.63 -49.75 41.48
N ASP F 244 4.37 -50.83 41.77
CA ASP F 244 5.28 -50.95 42.91
C ASP F 244 4.51 -50.68 44.20
N PRO F 245 3.70 -51.64 44.68
CA PRO F 245 3.01 -51.47 45.95
C PRO F 245 4.01 -51.27 47.09
N ASP F 246 3.64 -50.38 48.02
CA ASP F 246 4.48 -50.07 49.17
C ASP F 246 4.21 -51.06 50.29
N ASP F 247 5.27 -51.73 50.76
CA ASP F 247 5.14 -52.62 51.91
C ASP F 247 4.90 -51.86 53.20
N ASP F 248 5.51 -50.66 53.31
CA ASP F 248 5.45 -49.79 54.50
C ASP F 248 4.05 -49.26 54.80
N CYS F 249 3.06 -49.62 53.98
CA CYS F 249 1.66 -49.33 54.26
C CYS F 249 0.80 -50.52 53.83
N THR F 250 -0.52 -50.40 54.10
CA THR F 250 -1.53 -51.43 53.91
C THR F 250 -2.00 -51.55 52.45
N GLU F 251 -1.25 -51.02 51.49
CA GLU F 251 -1.52 -51.25 50.08
C GLU F 251 -1.34 -52.73 49.77
N ARG F 252 -2.35 -53.35 49.16
CA ARG F 252 -2.12 -54.75 48.80
C ARG F 252 -2.75 -55.07 47.45
N PRO F 253 -1.98 -55.62 46.50
CA PRO F 253 -2.49 -55.81 45.15
C PRO F 253 -3.49 -56.95 45.06
N LEU F 254 -4.42 -56.81 44.12
CA LEU F 254 -5.39 -57.85 43.80
C LEU F 254 -5.13 -58.52 42.46
N PHE F 255 -4.75 -57.77 41.42
CA PHE F 255 -4.42 -58.33 40.11
C PHE F 255 -3.33 -57.46 39.49
N GLN F 256 -2.53 -58.06 38.60
CA GLN F 256 -1.46 -57.37 37.91
C GLN F 256 -1.78 -57.31 36.41
N VAL F 257 -1.56 -56.15 35.80
CA VAL F 257 -1.90 -55.92 34.39
C VAL F 257 -0.62 -56.12 33.59
N VAL F 258 -0.59 -57.23 32.83
CA VAL F 258 0.63 -57.70 32.14
C VAL F 258 0.75 -57.12 30.72
N SER F 259 -0.32 -57.17 29.93
CA SER F 259 -0.30 -56.62 28.59
C SER F 259 -1.72 -56.26 28.17
N CYS F 260 -1.83 -55.21 27.36
CA CYS F 260 -3.11 -54.69 26.89
C CYS F 260 -3.10 -54.56 25.37
N ALA F 261 -4.16 -55.06 24.75
CA ALA F 261 -4.31 -55.03 23.31
C ALA F 261 -5.74 -54.67 22.91
N GLU F 262 -5.86 -54.08 21.73
CA GLU F 262 -7.13 -53.63 21.19
C GLU F 262 -7.13 -54.03 19.72
N ARG F 263 -8.29 -54.43 19.21
CA ARG F 263 -8.41 -54.76 17.80
C ARG F 263 -9.78 -54.36 17.27
N ALA F 264 -9.80 -53.71 16.10
CA ALA F 264 -11.03 -53.49 15.34
C ALA F 264 -11.19 -54.63 14.35
N VAL F 265 -12.25 -55.42 14.49
CA VAL F 265 -12.47 -56.56 13.58
C VAL F 265 -12.81 -56.04 12.19
N PRO F 266 -12.04 -56.38 11.15
CA PRO F 266 -12.32 -55.86 9.80
C PRO F 266 -13.69 -56.23 9.26
N GLY F 267 -14.34 -55.24 8.64
CA GLY F 267 -15.62 -55.41 7.99
C GLY F 267 -16.84 -55.32 8.88
N THR F 268 -16.70 -54.88 10.12
CA THR F 268 -17.81 -54.86 11.06
C THR F 268 -18.18 -53.44 11.50
N GLN F 269 -17.82 -52.43 10.71
CA GLN F 269 -18.04 -51.02 11.09
C GLN F 269 -19.46 -50.77 11.53
N ASP F 270 -20.41 -51.38 10.82
CA ASP F 270 -21.83 -51.07 10.98
C ASP F 270 -22.49 -51.93 12.04
N TYR F 271 -21.78 -52.88 12.66
CA TYR F 271 -22.42 -53.80 13.59
C TYR F 271 -22.97 -53.05 14.80
N ILE F 272 -22.22 -52.07 15.31
CA ILE F 272 -22.70 -51.27 16.43
C ILE F 272 -22.48 -49.79 16.11
N LYS F 273 -23.59 -49.05 16.05
CA LYS F 273 -23.63 -47.61 15.84
C LYS F 273 -24.57 -47.02 16.87
N ALA F 274 -24.24 -45.82 17.34
CA ALA F 274 -25.13 -45.11 18.25
C ALA F 274 -24.94 -43.63 18.00
N HIS F 275 -26.05 -42.90 17.85
CA HIS F 275 -26.00 -41.50 17.48
C HIS F 275 -26.59 -40.68 18.62
N LEU F 276 -25.90 -39.60 18.98
CA LEU F 276 -26.41 -38.68 19.99
C LEU F 276 -27.34 -37.69 19.29
N LYS F 277 -28.63 -37.71 19.65
CA LYS F 277 -29.66 -36.93 18.97
C LYS F 277 -30.53 -36.21 19.98
N GLU F 278 -31.47 -35.43 19.45
CA GLU F 278 -32.40 -34.64 20.27
C GLU F 278 -33.33 -35.53 21.07
N MET F 279 -33.69 -36.70 20.54
CA MET F 279 -34.51 -37.66 21.24
C MET F 279 -33.71 -38.53 22.22
N GLY F 280 -32.40 -38.32 22.29
CA GLY F 280 -31.53 -39.12 23.14
C GLY F 280 -30.57 -39.95 22.34
N MET F 281 -30.20 -41.12 22.84
CA MET F 281 -29.26 -42.01 22.16
C MET F 281 -30.04 -42.97 21.27
N GLU F 282 -29.73 -42.95 19.98
CA GLU F 282 -30.37 -43.76 18.96
C GLU F 282 -29.44 -44.91 18.58
N LEU F 283 -29.77 -46.11 19.06
CA LEU F 283 -28.89 -47.27 19.00
C LEU F 283 -29.20 -48.17 17.81
N HIS F 284 -28.14 -48.74 17.22
CA HIS F 284 -28.25 -49.73 16.14
C HIS F 284 -27.25 -50.84 16.40
N LEU F 285 -27.76 -52.05 16.64
CA LEU F 285 -26.95 -53.16 17.13
C LEU F 285 -27.32 -54.45 16.40
N SER F 286 -26.41 -54.95 15.56
CA SER F 286 -26.67 -56.14 14.76
C SER F 286 -26.76 -57.40 15.61
N THR F 287 -27.69 -58.28 15.26
CA THR F 287 -27.79 -59.57 15.94
C THR F 287 -26.65 -60.52 15.56
N ASP F 288 -25.86 -60.18 14.54
CA ASP F 288 -24.69 -60.98 14.16
C ASP F 288 -23.45 -60.70 15.01
N VAL F 289 -23.52 -59.80 15.98
CA VAL F 289 -22.40 -59.48 16.87
C VAL F 289 -21.90 -60.73 17.61
N PRO F 290 -22.74 -61.46 18.38
CA PRO F 290 -22.18 -62.59 19.17
C PRO F 290 -21.50 -63.63 18.31
N ARG F 291 -22.07 -63.96 17.15
CA ARG F 291 -21.41 -64.92 16.27
C ARG F 291 -20.05 -64.41 15.83
N MET F 292 -19.99 -63.13 15.44
CA MET F 292 -18.74 -62.52 14.96
C MET F 292 -17.65 -62.55 16.03
N ILE F 293 -17.99 -62.20 17.28
CA ILE F 293 -17.01 -62.27 18.35
C ILE F 293 -16.52 -63.70 18.51
N GLY F 294 -17.44 -64.66 18.62
CA GLY F 294 -17.05 -66.05 18.75
C GLY F 294 -16.16 -66.52 17.62
N LYS F 295 -16.38 -65.99 16.41
CA LYS F 295 -15.55 -66.38 15.27
C LYS F 295 -14.10 -65.89 15.43
N ASN F 296 -13.89 -64.78 16.15
CA ASN F 296 -12.56 -64.18 16.28
C ASN F 296 -11.87 -64.42 17.62
N ILE F 297 -12.60 -64.88 18.65
CA ILE F 297 -12.08 -64.82 20.03
C ILE F 297 -10.84 -65.68 20.22
N GLU F 298 -10.78 -66.86 19.59
CA GLU F 298 -9.62 -67.72 19.80
C GLU F 298 -8.36 -67.05 19.25
N LYS F 299 -8.45 -66.47 18.06
CA LYS F 299 -7.29 -65.81 17.48
C LYS F 299 -6.86 -64.62 18.33
N LEU F 300 -7.82 -63.85 18.85
CA LEU F 300 -7.47 -62.72 19.72
C LEU F 300 -6.80 -63.19 21.00
N LEU F 301 -7.35 -64.22 21.64
CA LEU F 301 -6.77 -64.73 22.87
C LEU F 301 -5.35 -65.24 22.66
N ALA F 302 -5.16 -66.04 21.60
CA ALA F 302 -3.85 -66.63 21.32
C ALA F 302 -2.80 -65.54 21.13
N ASP F 303 -3.12 -64.50 20.36
CA ASP F 303 -2.16 -63.43 20.13
C ASP F 303 -1.73 -62.75 21.43
N ALA F 304 -2.63 -62.73 22.42
CA ALA F 304 -2.33 -62.08 23.69
C ALA F 304 -1.42 -62.95 24.57
N VAL F 305 -1.72 -64.25 24.68
CA VAL F 305 -1.12 -65.10 25.70
C VAL F 305 -0.06 -66.04 25.17
N SER F 306 0.03 -66.23 23.86
CA SER F 306 1.14 -67.03 23.33
C SER F 306 2.52 -66.51 23.75
N PRO F 307 2.79 -65.19 23.79
CA PRO F 307 4.10 -64.73 24.28
C PRO F 307 4.46 -65.24 25.68
N PHE F 308 3.48 -65.72 26.47
CA PHE F 308 3.74 -66.27 27.79
C PHE F 308 3.60 -67.80 27.85
N GLY F 309 3.67 -68.48 26.70
CA GLY F 309 3.67 -69.93 26.66
C GLY F 309 2.35 -70.62 26.96
N ILE F 310 1.23 -69.90 26.89
CA ILE F 310 -0.08 -70.44 27.22
C ILE F 310 -0.77 -70.89 25.93
N SER F 311 -1.17 -72.16 25.87
CA SER F 311 -1.92 -72.72 24.73
C SER F 311 -3.17 -73.49 25.16
N ASP F 312 -3.34 -73.74 26.45
CA ASP F 312 -4.55 -74.36 27.00
C ASP F 312 -5.45 -73.24 27.52
N TRP F 313 -6.57 -72.99 26.84
CA TRP F 313 -7.42 -71.88 27.28
C TRP F 313 -8.04 -72.14 28.63
N ASN F 314 -8.20 -73.39 29.04
CA ASN F 314 -8.83 -73.63 30.33
C ASN F 314 -7.88 -73.43 31.50
N SER F 315 -6.60 -73.13 31.23
CA SER F 315 -5.65 -72.78 32.28
C SER F 315 -5.72 -71.30 32.72
N LEU F 316 -6.59 -70.50 32.09
CA LEU F 316 -6.79 -69.09 32.43
C LEU F 316 -8.04 -68.94 33.27
N PHE F 317 -8.08 -67.89 34.08
CA PHE F 317 -9.34 -67.40 34.61
C PHE F 317 -9.86 -66.31 33.68
N TYR F 318 -11.18 -66.15 33.66
CA TYR F 318 -11.84 -65.33 32.64
C TYR F 318 -12.69 -64.22 33.25
N ILE F 319 -12.48 -63.00 32.76
CA ILE F 319 -13.40 -61.88 32.96
C ILE F 319 -13.88 -61.43 31.58
N VAL F 320 -15.14 -61.75 31.27
CA VAL F 320 -15.72 -61.54 29.95
C VAL F 320 -16.83 -60.51 30.07
N HIS F 321 -16.73 -59.43 29.29
CA HIS F 321 -17.79 -58.44 29.26
C HIS F 321 -19.12 -59.14 28.92
N PRO F 322 -20.17 -59.04 29.81
CA PRO F 322 -21.45 -59.72 29.57
C PRO F 322 -22.41 -58.89 28.72
N GLY F 323 -22.00 -58.62 27.47
CA GLY F 323 -22.84 -57.81 26.59
C GLY F 323 -24.19 -58.44 26.35
N ALA F 324 -24.20 -59.74 26.13
CA ALA F 324 -25.42 -60.54 26.07
C ALA F 324 -25.03 -61.97 26.40
N VAL F 325 -26.00 -62.74 26.90
CA VAL F 325 -25.71 -64.14 27.24
C VAL F 325 -25.21 -64.90 26.01
N ALA F 326 -25.67 -64.53 24.81
CA ALA F 326 -25.14 -65.14 23.59
C ALA F 326 -23.63 -64.93 23.47
N ILE F 327 -23.14 -63.77 23.92
CA ILE F 327 -21.72 -63.47 23.83
C ILE F 327 -20.94 -64.42 24.73
N LEU F 328 -21.40 -64.57 25.97
CA LEU F 328 -20.76 -65.50 26.89
C LEU F 328 -20.79 -66.92 26.30
N ASP F 329 -21.92 -67.31 25.70
CA ASP F 329 -22.04 -68.63 25.10
C ASP F 329 -21.07 -68.81 23.93
N GLN F 330 -20.98 -67.81 23.06
CA GLN F 330 -20.09 -67.88 21.90
C GLN F 330 -18.63 -67.99 22.33
N VAL F 331 -18.25 -67.23 23.35
CA VAL F 331 -16.89 -67.29 23.87
C VAL F 331 -16.60 -68.66 24.48
N GLU F 332 -17.52 -69.14 25.35
CA GLU F 332 -17.37 -70.45 25.97
C GLU F 332 -17.16 -71.55 24.93
N GLU F 333 -17.94 -71.51 23.84
CA GLU F 333 -17.89 -72.57 22.84
C GLU F 333 -16.61 -72.48 22.01
N ASN F 334 -16.30 -71.29 21.49
CA ASN F 334 -15.16 -71.20 20.57
C ASN F 334 -13.80 -71.21 21.27
N LEU F 335 -13.78 -71.04 22.60
CA LEU F 335 -12.58 -71.26 23.39
C LEU F 335 -12.56 -72.65 24.04
N GLY F 336 -13.64 -73.41 23.90
CA GLY F 336 -13.69 -74.73 24.50
C GLY F 336 -13.61 -74.71 26.01
N LEU F 337 -14.36 -73.80 26.64
CA LEU F 337 -14.27 -73.65 28.08
C LEU F 337 -15.18 -74.63 28.79
N GLY F 338 -14.72 -75.11 29.94
CA GLY F 338 -15.57 -75.89 30.80
C GLY F 338 -16.77 -75.07 31.27
N GLU F 339 -17.83 -75.79 31.64
CA GLU F 339 -19.11 -75.13 31.88
C GLU F 339 -19.03 -74.07 32.97
N ASP F 340 -18.12 -74.22 33.94
CA ASP F 340 -18.04 -73.31 35.08
C ASP F 340 -17.00 -72.22 34.91
N LYS F 341 -16.35 -72.15 33.75
CA LYS F 341 -15.26 -71.20 33.55
C LYS F 341 -15.72 -69.74 33.63
N LEU F 342 -16.89 -69.42 33.09
CA LEU F 342 -17.38 -68.04 33.05
C LEU F 342 -18.37 -67.73 34.18
N ARG F 343 -18.32 -68.48 35.28
CA ARG F 343 -19.28 -68.35 36.37
C ARG F 343 -19.43 -66.90 36.83
N ALA F 344 -18.29 -66.25 37.15
CA ALA F 344 -18.34 -64.90 37.70
C ALA F 344 -18.98 -63.94 36.71
N SER F 345 -18.69 -64.11 35.42
CA SER F 345 -19.29 -63.23 34.43
C SER F 345 -20.79 -63.47 34.32
N ARG F 346 -21.21 -64.74 34.25
CA ARG F 346 -22.64 -65.03 34.19
C ARG F 346 -23.34 -64.57 35.47
N TYR F 347 -22.65 -64.60 36.60
CA TYR F 347 -23.24 -64.09 37.84
C TYR F 347 -23.57 -62.61 37.73
N VAL F 348 -22.61 -61.79 37.26
CA VAL F 348 -22.86 -60.35 37.20
C VAL F 348 -23.99 -60.05 36.22
N LEU F 349 -24.00 -60.72 35.06
CA LEU F 349 -25.12 -60.56 34.12
C LEU F 349 -26.45 -60.86 34.78
N SER F 350 -26.49 -61.92 35.61
CA SER F 350 -27.73 -62.30 36.28
C SER F 350 -28.19 -61.21 37.24
N GLU F 351 -27.30 -60.78 38.14
CA GLU F 351 -27.69 -59.89 39.22
C GLU F 351 -27.71 -58.42 38.83
N TYR F 352 -27.11 -58.05 37.71
CA TYR F 352 -26.93 -56.64 37.38
C TYR F 352 -27.21 -56.31 35.93
N GLY F 353 -27.25 -57.29 35.04
CA GLY F 353 -27.33 -57.00 33.63
C GLY F 353 -26.00 -56.51 33.07
N ASN F 354 -26.09 -55.95 31.87
CA ASN F 354 -24.96 -55.37 31.15
C ASN F 354 -24.85 -53.89 31.51
N MET F 355 -23.94 -53.57 32.45
CA MET F 355 -23.73 -52.21 32.93
C MET F 355 -22.63 -51.49 32.16
N GLY F 356 -22.50 -51.78 30.87
CA GLY F 356 -21.53 -51.11 30.03
C GLY F 356 -20.12 -51.47 30.45
N ALA F 357 -19.23 -50.46 30.38
CA ALA F 357 -17.82 -50.69 30.69
C ALA F 357 -17.62 -51.10 32.14
N ALA F 358 -18.53 -50.73 33.03
CA ALA F 358 -18.40 -51.07 34.44
C ALA F 358 -18.49 -52.57 34.71
N SER F 359 -19.10 -53.32 33.78
CA SER F 359 -19.44 -54.73 34.03
C SER F 359 -18.20 -55.55 34.38
N VAL F 360 -17.16 -55.51 33.54
CA VAL F 360 -16.00 -56.36 33.77
C VAL F 360 -15.40 -56.15 35.16
N PHE F 361 -15.54 -54.95 35.72
CA PHE F 361 -14.94 -54.70 37.02
C PHE F 361 -15.83 -55.15 38.16
N PHE F 362 -17.15 -55.19 37.94
CA PHE F 362 -18.03 -55.94 38.84
C PHE F 362 -17.65 -57.43 38.84
N ILE F 363 -17.33 -57.98 37.65
CA ILE F 363 -16.94 -59.39 37.57
C ILE F 363 -15.61 -59.62 38.28
N LEU F 364 -14.61 -58.78 37.99
CA LEU F 364 -13.32 -58.89 38.66
C LEU F 364 -13.48 -58.79 40.18
N ASP F 365 -14.37 -57.91 40.65
CA ASP F 365 -14.67 -57.82 42.07
C ASP F 365 -15.27 -59.13 42.58
N GLU F 366 -16.28 -59.65 41.89
CA GLU F 366 -16.93 -60.89 42.32
C GLU F 366 -15.95 -62.05 42.38
N MET F 367 -15.05 -62.16 41.40
CA MET F 367 -14.09 -63.26 41.36
C MET F 367 -13.14 -63.20 42.53
N ARG F 368 -12.61 -62.00 42.83
CA ARG F 368 -11.71 -61.87 43.96
C ARG F 368 -12.42 -62.28 45.25
N ASN F 369 -13.71 -61.95 45.37
CA ASN F 369 -14.47 -62.27 46.56
C ASN F 369 -14.86 -63.73 46.62
N LYS F 370 -15.29 -64.30 45.48
CA LYS F 370 -15.64 -65.72 45.47
C LYS F 370 -14.44 -66.60 45.80
N SER F 371 -13.25 -66.21 45.33
CA SER F 371 -12.04 -66.99 45.59
C SER F 371 -11.70 -67.04 47.09
N ALA F 372 -11.71 -65.89 47.76
CA ALA F 372 -11.47 -65.89 49.21
C ALA F 372 -12.52 -66.72 49.95
N GLU F 373 -13.79 -66.53 49.58
CA GLU F 373 -14.89 -67.25 50.22
C GLU F 373 -14.75 -68.75 50.05
N GLU F 374 -14.19 -69.19 48.93
CA GLU F 374 -13.89 -70.60 48.67
C GLU F 374 -12.48 -70.99 49.11
N GLY F 375 -11.71 -70.06 49.68
CA GLY F 375 -10.37 -70.39 50.12
C GLY F 375 -9.42 -70.77 49.03
N LYS F 376 -9.66 -70.32 47.80
CA LYS F 376 -8.74 -70.56 46.69
C LYS F 376 -7.39 -69.90 46.99
N LEU F 377 -6.35 -70.39 46.30
CA LEU F 377 -5.02 -69.94 46.60
C LEU F 377 -4.63 -68.66 45.87
N THR F 378 -5.44 -68.19 44.92
CA THR F 378 -5.19 -66.94 44.24
C THR F 378 -6.50 -66.19 44.01
N THR F 379 -6.35 -64.88 43.73
CA THR F 379 -7.50 -64.05 43.40
C THR F 379 -8.10 -64.40 42.05
N GLY F 380 -7.41 -65.21 41.25
CA GLY F 380 -7.92 -65.65 39.97
C GLY F 380 -8.40 -67.08 40.02
N GLU F 381 -9.31 -67.38 40.97
CA GLU F 381 -9.93 -68.71 41.09
C GLU F 381 -8.86 -69.80 41.26
N GLY F 382 -7.79 -69.47 41.99
CA GLY F 382 -6.72 -70.44 42.17
C GLY F 382 -5.73 -70.49 41.02
N LEU F 383 -6.04 -69.89 39.88
CA LEU F 383 -5.13 -69.86 38.74
C LEU F 383 -4.28 -68.60 38.75
N GLU F 384 -3.21 -68.64 37.96
CA GLU F 384 -2.14 -67.66 37.97
C GLU F 384 -2.30 -66.62 36.87
N TRP F 385 -2.57 -67.09 35.64
CA TRP F 385 -2.82 -66.23 34.50
C TRP F 385 -4.32 -66.14 34.21
N GLY F 386 -4.75 -64.97 33.75
CA GLY F 386 -6.13 -64.76 33.37
C GLY F 386 -6.22 -63.66 32.33
N VAL F 387 -7.40 -63.55 31.71
CA VAL F 387 -7.60 -62.60 30.63
C VAL F 387 -8.93 -61.91 30.83
N LEU F 388 -8.96 -60.61 30.57
CA LEU F 388 -10.16 -59.80 30.62
C LEU F 388 -10.45 -59.28 29.20
N PHE F 389 -11.70 -59.45 28.77
CA PHE F 389 -12.18 -59.08 27.44
C PHE F 389 -13.25 -58.01 27.58
N SER F 390 -13.11 -56.93 26.79
CA SER F 390 -14.22 -56.00 26.57
C SER F 390 -14.59 -56.01 25.10
N PHE F 391 -15.89 -55.79 24.85
CA PHE F 391 -16.44 -55.74 23.50
C PHE F 391 -17.25 -54.45 23.34
N GLY F 392 -17.04 -53.76 22.22
CA GLY F 392 -17.83 -52.61 21.89
C GLY F 392 -17.78 -52.30 20.40
N PRO F 393 -18.23 -51.09 20.02
CA PRO F 393 -18.16 -50.62 18.63
C PRO F 393 -16.70 -50.52 18.19
N GLY F 394 -16.36 -50.90 16.95
CA GLY F 394 -17.30 -51.46 16.01
C GLY F 394 -16.52 -52.15 14.91
N LEU F 395 -16.17 -53.41 15.12
CA LEU F 395 -16.24 -54.03 16.44
C LEU F 395 -14.84 -53.95 17.06
N THR F 396 -14.77 -53.40 18.28
CA THR F 396 -13.53 -53.26 19.02
C THR F 396 -13.48 -54.27 20.15
N VAL F 397 -12.35 -54.98 20.25
CA VAL F 397 -12.12 -55.98 21.28
C VAL F 397 -10.88 -55.60 22.08
N GLU F 398 -11.01 -55.58 23.41
CA GLU F 398 -9.88 -55.38 24.32
C GLU F 398 -9.49 -56.71 24.93
N THR F 399 -8.19 -57.01 24.88
CA THR F 399 -7.65 -58.22 25.47
C THR F 399 -6.54 -57.84 26.45
N VAL F 400 -6.82 -58.01 27.74
CA VAL F 400 -5.90 -57.62 28.81
C VAL F 400 -5.47 -58.86 29.60
N VAL F 401 -4.19 -59.17 29.55
CA VAL F 401 -3.66 -60.33 30.26
C VAL F 401 -3.33 -59.96 31.70
N LEU F 402 -3.86 -60.74 32.63
CA LEU F 402 -3.76 -60.48 34.06
C LEU F 402 -3.00 -61.58 34.76
N LEU F 403 -2.41 -61.22 35.88
CA LEU F 403 -1.82 -62.13 36.84
C LEU F 403 -2.57 -62.00 38.16
N SER F 404 -2.97 -63.13 38.74
CA SER F 404 -3.61 -63.10 40.04
C SER F 404 -2.55 -62.91 41.12
N VAL F 405 -3.02 -62.80 42.35
CA VAL F 405 -2.17 -62.66 43.53
C VAL F 405 -2.52 -63.81 44.46
N PRO F 406 -1.55 -64.38 45.17
CA PRO F 406 -1.86 -65.46 46.13
C PRO F 406 -2.75 -64.98 47.29
N LEU F 407 -3.47 -65.93 47.89
CA LEU F 407 -4.26 -65.66 49.11
C LEU F 407 -3.82 -66.50 50.32
#